data_7RJI
# 
_entry.id   7RJI 
# 
_audit_conform.dict_name       mmcif_pdbx.dic 
_audit_conform.dict_version    5.399 
_audit_conform.dict_location   http://mmcif.pdb.org/dictionaries/ascii/mmcif_pdbx.dic 
# 
loop_
_database_2.database_id 
_database_2.database_code 
_database_2.pdbx_database_accession 
_database_2.pdbx_DOI 
PDB   7RJI         pdb_00007rji 10.2210/pdb7rji/pdb 
WWPDB D_1000258323 ?            ?                   
# 
loop_
_pdbx_audit_revision_history.ordinal 
_pdbx_audit_revision_history.data_content_type 
_pdbx_audit_revision_history.major_revision 
_pdbx_audit_revision_history.minor_revision 
_pdbx_audit_revision_history.revision_date 
1 'Structure model' 1 0 2022-01-05 
2 'Structure model' 1 1 2023-10-18 
3 'Structure model' 1 2 2024-11-20 
# 
_pdbx_audit_revision_details.ordinal             1 
_pdbx_audit_revision_details.revision_ordinal    1 
_pdbx_audit_revision_details.data_content_type   'Structure model' 
_pdbx_audit_revision_details.provider            repository 
_pdbx_audit_revision_details.type                'Initial release' 
_pdbx_audit_revision_details.description         ? 
_pdbx_audit_revision_details.details             ? 
# 
loop_
_pdbx_audit_revision_group.ordinal 
_pdbx_audit_revision_group.revision_ordinal 
_pdbx_audit_revision_group.data_content_type 
_pdbx_audit_revision_group.group 
1 2 'Structure model' 'Data collection'        
2 2 'Structure model' 'Refinement description' 
3 3 'Structure model' 'Structure summary'      
# 
loop_
_pdbx_audit_revision_category.ordinal 
_pdbx_audit_revision_category.revision_ordinal 
_pdbx_audit_revision_category.data_content_type 
_pdbx_audit_revision_category.category 
1 2 'Structure model' chem_comp_atom                
2 2 'Structure model' chem_comp_bond                
3 2 'Structure model' pdbx_initial_refinement_model 
4 3 'Structure model' pdbx_entry_details            
5 3 'Structure model' pdbx_modification_feature     
# 
_pdbx_audit_revision_item.ordinal             1 
_pdbx_audit_revision_item.revision_ordinal    3 
_pdbx_audit_revision_item.data_content_type   'Structure model' 
_pdbx_audit_revision_item.item                '_pdbx_entry_details.has_protein_modification' 
# 
_pdbx_database_status.status_code                     REL 
_pdbx_database_status.status_code_sf                  REL 
_pdbx_database_status.status_code_mr                  ? 
_pdbx_database_status.entry_id                        7RJI 
_pdbx_database_status.recvd_initial_deposition_date   2021-07-21 
_pdbx_database_status.SG_entry                        N 
_pdbx_database_status.deposit_site                    RCSB 
_pdbx_database_status.process_site                    RCSB 
_pdbx_database_status.status_code_cs                  ? 
_pdbx_database_status.status_code_nmr_data            ? 
_pdbx_database_status.methods_development_category    ? 
_pdbx_database_status.pdb_format_compatible           Y 
# 
loop_
_audit_author.name 
_audit_author.pdbx_ordinal 
_audit_author.identifier_ORCID 
'Borges, R.J.'   1 0000-0001-6049-8806 
'Fontes, M.R.M.' 2 0000-0002-4634-6221 
# 
_citation.abstract                  ? 
_citation.abstract_id_CAS           ? 
_citation.book_id_ISBN              ? 
_citation.book_publisher            ? 
_citation.book_publisher_city       ? 
_citation.book_title                ? 
_citation.coordinate_linkage        ? 
_citation.country                   UK 
_citation.database_id_Medline       ? 
_citation.details                   ? 
_citation.id                        primary 
_citation.journal_abbrev            Int.J.Biol.Macromol. 
_citation.journal_id_ASTM           IJBMDR 
_citation.journal_id_CSD            0708 
_citation.journal_id_ISSN           0141-8130 
_citation.journal_full              ? 
_citation.journal_issue             ? 
_citation.journal_volume            191 
_citation.language                  ? 
_citation.page_first                255 
_citation.page_last                 266 
_citation.title                     
;BthTX-II from Bothrops jararacussu venom has variants with different oligomeric assemblies: An example of snake venom phospholipases A 2 versatility.
;
_citation.year                      2021 
_citation.database_id_CSD           ? 
_citation.pdbx_database_id_DOI      10.1016/j.ijbiomac.2021.09.083 
_citation.pdbx_database_id_PubMed   34547312 
_citation.pdbx_database_id_patent   ? 
_citation.unpublished_flag          ? 
# 
loop_
_citation_author.citation_id 
_citation_author.name 
_citation_author.ordinal 
_citation_author.identifier_ORCID 
primary 'Borges, R.J.'         1 ? 
primary 'Salvador, G.H.M.'     2 ? 
primary 'Campanelli, H.B.'     3 ? 
primary 'Pimenta, D.C.'        4 ? 
primary 'de Oliveira Neto, M.' 5 ? 
primary 'Uson, I.'             6 ? 
primary 'Fontes, M.R.M.'       7 ? 
# 
loop_
_entity.id 
_entity.type 
_entity.src_method 
_entity.pdbx_description 
_entity.formula_weight 
_entity.pdbx_number_of_molecules 
_entity.pdbx_ec 
_entity.pdbx_mutation 
_entity.pdbx_fragment 
_entity.details 
1 polymer     nat BthTX-IIb      13783.910 1  3.1.1.4 ? ? 
'Sequence determined using SEQUENCE SLIDER, a methodology that integrates mass spectrometry, crystallographic and genetic data.' 
2 non-polymer syn 'STEARIC ACID' 284.477   1  ?       ? ? ? 
3 non-polymer syn 'SODIUM ION'   22.990    1  ?       ? ? ? 
4 non-polymer syn 'SULFATE ION'  96.063    2  ?       ? ? ? 
5 water       nat water          18.015    43 ?       ? ? ? 
# 
_entity_poly.entity_id                      1 
_entity_poly.type                           'polypeptide(L)' 
_entity_poly.nstd_linkage                   no 
_entity_poly.nstd_monomer                   no 
_entity_poly.pdbx_seq_one_letter_code       
;DLWQFGQMILKETGKLPFPYYTTYGCYCGWGGQGQPKDATNRCCFVHDCCYGKLTGCKPKTDRYSYSRENGVIICGQGTP
CEKQICECDKAAAVCFRENLGTYKKRYMAYPDVLCKKPAEGC
;
_entity_poly.pdbx_seq_one_letter_code_can   
;DLWQFGQMILKETGKLPFPYYTTYGCYCGWGGQGQPKDATNRCCFVHDCCYGKLTGCKPKTDRYSYSRENGVIICGQGTP
CEKQICECDKAAAVCFRENLGTYKKRYMAYPDVLCKKPAEGC
;
_entity_poly.pdbx_strand_id                 A 
_entity_poly.pdbx_target_identifier         ? 
# 
loop_
_pdbx_entity_nonpoly.entity_id 
_pdbx_entity_nonpoly.name 
_pdbx_entity_nonpoly.comp_id 
2 'STEARIC ACID' STE 
3 'SODIUM ION'   NA  
4 'SULFATE ION'  SO4 
5 water          HOH 
# 
loop_
_entity_poly_seq.entity_id 
_entity_poly_seq.num 
_entity_poly_seq.mon_id 
_entity_poly_seq.hetero 
1 1   ASP n 
1 2   LEU n 
1 3   TRP n 
1 4   GLN n 
1 5   PHE n 
1 6   GLY n 
1 7   GLN n 
1 8   MET n 
1 9   ILE n 
1 10  LEU n 
1 11  LYS n 
1 12  GLU n 
1 13  THR n 
1 14  GLY n 
1 15  LYS n 
1 16  LEU n 
1 17  PRO n 
1 18  PHE n 
1 19  PRO n 
1 20  TYR n 
1 21  TYR n 
1 22  THR n 
1 23  THR n 
1 24  TYR n 
1 25  GLY n 
1 26  CYS n 
1 27  TYR n 
1 28  CYS n 
1 29  GLY n 
1 30  TRP n 
1 31  GLY n 
1 32  GLY n 
1 33  GLN n 
1 34  GLY n 
1 35  GLN n 
1 36  PRO n 
1 37  LYS n 
1 38  ASP n 
1 39  ALA n 
1 40  THR n 
1 41  ASN n 
1 42  ARG n 
1 43  CYS n 
1 44  CYS n 
1 45  PHE n 
1 46  VAL n 
1 47  HIS n 
1 48  ASP n 
1 49  CYS n 
1 50  CYS n 
1 51  TYR n 
1 52  GLY n 
1 53  LYS n 
1 54  LEU n 
1 55  THR n 
1 56  GLY n 
1 57  CYS n 
1 58  LYS n 
1 59  PRO n 
1 60  LYS n 
1 61  THR n 
1 62  ASP n 
1 63  ARG n 
1 64  TYR n 
1 65  SER n 
1 66  TYR n 
1 67  SER n 
1 68  ARG n 
1 69  GLU n 
1 70  ASN n 
1 71  GLY n 
1 72  VAL n 
1 73  ILE n 
1 74  ILE n 
1 75  CYS n 
1 76  GLY n 
1 77  GLN n 
1 78  GLY n 
1 79  THR n 
1 80  PRO n 
1 81  CYS n 
1 82  GLU n 
1 83  LYS n 
1 84  GLN n 
1 85  ILE n 
1 86  CYS n 
1 87  GLU n 
1 88  CYS n 
1 89  ASP n 
1 90  LYS n 
1 91  ALA n 
1 92  ALA n 
1 93  ALA n 
1 94  VAL n 
1 95  CYS n 
1 96  PHE n 
1 97  ARG n 
1 98  GLU n 
1 99  ASN n 
1 100 LEU n 
1 101 GLY n 
1 102 THR n 
1 103 TYR n 
1 104 LYS n 
1 105 LYS n 
1 106 ARG n 
1 107 TYR n 
1 108 MET n 
1 109 ALA n 
1 110 TYR n 
1 111 PRO n 
1 112 ASP n 
1 113 VAL n 
1 114 LEU n 
1 115 CYS n 
1 116 LYS n 
1 117 LYS n 
1 118 PRO n 
1 119 ALA n 
1 120 GLU n 
1 121 GLY n 
1 122 CYS n 
# 
_entity_src_nat.entity_id                  1 
_entity_src_nat.pdbx_src_id                1 
_entity_src_nat.pdbx_alt_source_flag       sample 
_entity_src_nat.pdbx_beg_seq_num           1 
_entity_src_nat.pdbx_end_seq_num           122 
_entity_src_nat.common_name                ? 
_entity_src_nat.pdbx_organism_scientific   'Bothrops jararacussu' 
_entity_src_nat.pdbx_ncbi_taxonomy_id      8726 
_entity_src_nat.genus                      ? 
_entity_src_nat.species                    ? 
_entity_src_nat.strain                     ? 
_entity_src_nat.tissue                     ? 
_entity_src_nat.tissue_fraction            ? 
_entity_src_nat.pdbx_secretion             ? 
_entity_src_nat.pdbx_fragment              ? 
_entity_src_nat.pdbx_variant               ? 
_entity_src_nat.pdbx_cell_line             ? 
_entity_src_nat.pdbx_atcc                  ? 
_entity_src_nat.pdbx_cellular_location     ? 
_entity_src_nat.pdbx_organ                 'Venom Gland' 
_entity_src_nat.pdbx_organelle             ? 
_entity_src_nat.pdbx_cell                  ? 
_entity_src_nat.pdbx_plasmid_name          ? 
_entity_src_nat.pdbx_plasmid_details       ? 
_entity_src_nat.details                    ? 
# 
loop_
_chem_comp.id 
_chem_comp.type 
_chem_comp.mon_nstd_flag 
_chem_comp.name 
_chem_comp.pdbx_synonyms 
_chem_comp.formula 
_chem_comp.formula_weight 
ALA 'L-peptide linking' y ALANINE         ? 'C3 H7 N O2'     89.093  
ARG 'L-peptide linking' y ARGININE        ? 'C6 H15 N4 O2 1' 175.209 
ASN 'L-peptide linking' y ASPARAGINE      ? 'C4 H8 N2 O3'    132.118 
ASP 'L-peptide linking' y 'ASPARTIC ACID' ? 'C4 H7 N O4'     133.103 
CYS 'L-peptide linking' y CYSTEINE        ? 'C3 H7 N O2 S'   121.158 
GLN 'L-peptide linking' y GLUTAMINE       ? 'C5 H10 N2 O3'   146.144 
GLU 'L-peptide linking' y 'GLUTAMIC ACID' ? 'C5 H9 N O4'     147.129 
GLY 'peptide linking'   y GLYCINE         ? 'C2 H5 N O2'     75.067  
HIS 'L-peptide linking' y HISTIDINE       ? 'C6 H10 N3 O2 1' 156.162 
HOH non-polymer         . WATER           ? 'H2 O'           18.015  
ILE 'L-peptide linking' y ISOLEUCINE      ? 'C6 H13 N O2'    131.173 
LEU 'L-peptide linking' y LEUCINE         ? 'C6 H13 N O2'    131.173 
LYS 'L-peptide linking' y LYSINE          ? 'C6 H15 N2 O2 1' 147.195 
MET 'L-peptide linking' y METHIONINE      ? 'C5 H11 N O2 S'  149.211 
NA  non-polymer         . 'SODIUM ION'    ? 'Na 1'           22.990  
PHE 'L-peptide linking' y PHENYLALANINE   ? 'C9 H11 N O2'    165.189 
PRO 'L-peptide linking' y PROLINE         ? 'C5 H9 N O2'     115.130 
SER 'L-peptide linking' y SERINE          ? 'C3 H7 N O3'     105.093 
SO4 non-polymer         . 'SULFATE ION'   ? 'O4 S -2'        96.063  
STE non-polymer         . 'STEARIC ACID'  ? 'C18 H36 O2'     284.477 
THR 'L-peptide linking' y THREONINE       ? 'C4 H9 N O3'     119.119 
TRP 'L-peptide linking' y TRYPTOPHAN      ? 'C11 H12 N2 O2'  204.225 
TYR 'L-peptide linking' y TYROSINE        ? 'C9 H11 N O3'    181.189 
VAL 'L-peptide linking' y VALINE          ? 'C5 H11 N O2'    117.146 
# 
loop_
_pdbx_poly_seq_scheme.asym_id 
_pdbx_poly_seq_scheme.entity_id 
_pdbx_poly_seq_scheme.seq_id 
_pdbx_poly_seq_scheme.mon_id 
_pdbx_poly_seq_scheme.ndb_seq_num 
_pdbx_poly_seq_scheme.pdb_seq_num 
_pdbx_poly_seq_scheme.auth_seq_num 
_pdbx_poly_seq_scheme.pdb_mon_id 
_pdbx_poly_seq_scheme.auth_mon_id 
_pdbx_poly_seq_scheme.pdb_strand_id 
_pdbx_poly_seq_scheme.pdb_ins_code 
_pdbx_poly_seq_scheme.hetero 
A 1 1   ASP 1   1   1   ASP ASP A . n 
A 1 2   LEU 2   2   2   LEU LEU A . n 
A 1 3   TRP 3   3   3   TRP TRP A . n 
A 1 4   GLN 4   4   4   GLN GLN A . n 
A 1 5   PHE 5   5   5   PHE PHE A . n 
A 1 6   GLY 6   6   6   GLY GLY A . n 
A 1 7   GLN 7   7   7   GLN GLN A . n 
A 1 8   MET 8   8   8   MET MET A . n 
A 1 9   ILE 9   9   9   ILE ILE A . n 
A 1 10  LEU 10  10  10  LEU LEU A . n 
A 1 11  LYS 11  11  11  LYS LYS A . n 
A 1 12  GLU 12  12  12  GLU GLU A . n 
A 1 13  THR 13  13  13  THR THR A . n 
A 1 14  GLY 14  14  14  GLY GLY A . n 
A 1 15  LYS 15  15  15  LYS LYS A . n 
A 1 16  LEU 16  16  16  LEU LEU A . n 
A 1 17  PRO 17  17  17  PRO PRO A . n 
A 1 18  PHE 18  18  18  PHE PHE A . n 
A 1 19  PRO 19  19  19  PRO PRO A . n 
A 1 20  TYR 20  20  20  TYR TYR A . n 
A 1 21  TYR 21  21  21  TYR TYR A . n 
A 1 22  THR 22  22  22  THR THR A . n 
A 1 23  THR 23  23  23  THR THR A . n 
A 1 24  TYR 24  24  24  TYR TYR A . n 
A 1 25  GLY 25  25  25  GLY GLY A . n 
A 1 26  CYS 26  26  26  CYS CYS A . n 
A 1 27  TYR 27  27  27  TYR TYR A . n 
A 1 28  CYS 28  28  28  CYS CYS A . n 
A 1 29  GLY 29  29  29  GLY GLY A . n 
A 1 30  TRP 30  30  30  TRP TRP A . n 
A 1 31  GLY 31  31  31  GLY GLY A . n 
A 1 32  GLY 32  32  32  GLY GLY A . n 
A 1 33  GLN 33  33  33  GLN GLN A . n 
A 1 34  GLY 34  34  34  GLY GLY A . n 
A 1 35  GLN 35  35  35  GLN GLN A . n 
A 1 36  PRO 36  36  36  PRO PRO A . n 
A 1 37  LYS 37  37  37  LYS LYS A . n 
A 1 38  ASP 38  38  38  ASP ASP A . n 
A 1 39  ALA 39  39  39  ALA ALA A . n 
A 1 40  THR 40  40  40  THR THR A . n 
A 1 41  ASN 41  41  41  ASN ASN A . n 
A 1 42  ARG 42  42  42  ARG ARG A . n 
A 1 43  CYS 43  43  43  CYS CYS A . n 
A 1 44  CYS 44  44  44  CYS CYS A . n 
A 1 45  PHE 45  45  45  PHE PHE A . n 
A 1 46  VAL 46  46  46  VAL VAL A . n 
A 1 47  HIS 47  47  47  HIS HIS A . n 
A 1 48  ASP 48  48  48  ASP ASP A . n 
A 1 49  CYS 49  49  49  CYS CYS A . n 
A 1 50  CYS 50  50  50  CYS CYS A . n 
A 1 51  TYR 51  51  51  TYR TYR A . n 
A 1 52  GLY 52  52  52  GLY GLY A . n 
A 1 53  LYS 53  53  53  LYS LYS A . n 
A 1 54  LEU 54  54  54  LEU LEU A . n 
A 1 55  THR 55  55  55  THR THR A . n 
A 1 56  GLY 56  56  56  GLY GLY A . n 
A 1 57  CYS 57  57  57  CYS CYS A . n 
A 1 58  LYS 58  58  58  LYS LYS A . n 
A 1 59  PRO 59  59  59  PRO PRO A . n 
A 1 60  LYS 60  60  60  LYS LYS A . n 
A 1 61  THR 61  61  61  THR THR A . n 
A 1 62  ASP 62  62  62  ASP ASP A . n 
A 1 63  ARG 63  63  63  ARG ARG A . n 
A 1 64  TYR 64  64  64  TYR TYR A . n 
A 1 65  SER 65  65  65  SER SER A . n 
A 1 66  TYR 66  66  66  TYR TYR A . n 
A 1 67  SER 67  67  67  SER SER A . n 
A 1 68  ARG 68  68  68  ARG ARG A . n 
A 1 69  GLU 69  69  69  GLU GLU A . n 
A 1 70  ASN 70  70  70  ASN ASN A . n 
A 1 71  GLY 71  71  71  GLY GLY A . n 
A 1 72  VAL 72  72  72  VAL VAL A . n 
A 1 73  ILE 73  73  73  ILE ILE A . n 
A 1 74  ILE 74  74  74  ILE ILE A . n 
A 1 75  CYS 75  75  75  CYS CYS A . n 
A 1 76  GLY 76  76  76  GLY GLY A . n 
A 1 77  GLN 77  77  77  GLN GLN A . n 
A 1 78  GLY 78  78  78  GLY GLY A . n 
A 1 79  THR 79  79  79  THR THR A . n 
A 1 80  PRO 80  80  80  PRO PRO A . n 
A 1 81  CYS 81  81  81  CYS CYS A . n 
A 1 82  GLU 82  82  82  GLU GLU A . n 
A 1 83  LYS 83  83  83  LYS LYS A . n 
A 1 84  GLN 84  84  84  GLN GLN A . n 
A 1 85  ILE 85  85  85  ILE ILE A . n 
A 1 86  CYS 86  86  86  CYS CYS A . n 
A 1 87  GLU 87  87  87  GLU GLU A . n 
A 1 88  CYS 88  88  88  CYS CYS A . n 
A 1 89  ASP 89  89  89  ASP ASP A . n 
A 1 90  LYS 90  90  90  LYS LYS A . n 
A 1 91  ALA 91  91  91  ALA ALA A . n 
A 1 92  ALA 92  92  92  ALA ALA A . n 
A 1 93  ALA 93  93  93  ALA ALA A . n 
A 1 94  VAL 94  94  94  VAL VAL A . n 
A 1 95  CYS 95  95  95  CYS CYS A . n 
A 1 96  PHE 96  96  96  PHE PHE A . n 
A 1 97  ARG 97  97  97  ARG ARG A . n 
A 1 98  GLU 98  98  98  GLU GLU A . n 
A 1 99  ASN 99  99  99  ASN ASN A . n 
A 1 100 LEU 100 100 100 LEU LEU A . n 
A 1 101 GLY 101 101 101 GLY GLY A . n 
A 1 102 THR 102 102 102 THR THR A . n 
A 1 103 TYR 103 103 103 TYR TYR A . n 
A 1 104 LYS 104 104 104 LYS LYS A . n 
A 1 105 LYS 105 105 105 LYS LYS A . n 
A 1 106 ARG 106 106 106 ARG ARG A . n 
A 1 107 TYR 107 107 107 TYR TYR A . n 
A 1 108 MET 108 108 108 MET MET A . n 
A 1 109 ALA 109 109 109 ALA ALA A . n 
A 1 110 TYR 110 110 110 TYR TYR A . n 
A 1 111 PRO 111 111 111 PRO PRO A . n 
A 1 112 ASP 112 112 112 ASP ASP A . n 
A 1 113 VAL 113 113 113 VAL VAL A . n 
A 1 114 LEU 114 114 114 LEU LEU A . n 
A 1 115 CYS 115 115 115 CYS CYS A . n 
A 1 116 LYS 116 116 116 LYS LYS A . n 
A 1 117 LYS 117 117 117 LYS LYS A . n 
A 1 118 PRO 118 118 118 PRO PRO A . n 
A 1 119 ALA 119 119 119 ALA ALA A . n 
A 1 120 GLU 120 120 120 GLU GLU A . n 
A 1 121 GLY 121 121 121 GLY GLY A . n 
A 1 122 CYS 122 122 122 CYS CYS A . n 
# 
loop_
_pdbx_entity_instance_feature.ordinal 
_pdbx_entity_instance_feature.comp_id 
_pdbx_entity_instance_feature.asym_id 
_pdbx_entity_instance_feature.seq_num 
_pdbx_entity_instance_feature.auth_comp_id 
_pdbx_entity_instance_feature.auth_asym_id 
_pdbx_entity_instance_feature.auth_seq_num 
_pdbx_entity_instance_feature.feature_type 
_pdbx_entity_instance_feature.details 
1 STE ? ? STE ? ? 'SUBJECT OF INVESTIGATION' ? 
2 NA  ? ? NA  ? ? 'SUBJECT OF INVESTIGATION' ? 
# 
loop_
_pdbx_nonpoly_scheme.asym_id 
_pdbx_nonpoly_scheme.entity_id 
_pdbx_nonpoly_scheme.mon_id 
_pdbx_nonpoly_scheme.ndb_seq_num 
_pdbx_nonpoly_scheme.pdb_seq_num 
_pdbx_nonpoly_scheme.auth_seq_num 
_pdbx_nonpoly_scheme.pdb_mon_id 
_pdbx_nonpoly_scheme.auth_mon_id 
_pdbx_nonpoly_scheme.pdb_strand_id 
_pdbx_nonpoly_scheme.pdb_ins_code 
B 2 STE 1  201 201 STE STE A . 
C 3 NA  1  202 1   NA  NA  A . 
D 4 SO4 1  203 1   SO4 SO4 A . 
E 4 SO4 1  204 2   SO4 SO4 A . 
F 5 HOH 1  301 50  HOH HOH A . 
F 5 HOH 2  302 4   HOH HOH A . 
F 5 HOH 3  303 24  HOH HOH A . 
F 5 HOH 4  304 51  HOH HOH A . 
F 5 HOH 5  305 36  HOH HOH A . 
F 5 HOH 6  306 5   HOH HOH A . 
F 5 HOH 7  307 32  HOH HOH A . 
F 5 HOH 8  308 15  HOH HOH A . 
F 5 HOH 9  309 37  HOH HOH A . 
F 5 HOH 10 310 52  HOH HOH A . 
F 5 HOH 11 311 12  HOH HOH A . 
F 5 HOH 12 312 46  HOH HOH A . 
F 5 HOH 13 313 9   HOH HOH A . 
F 5 HOH 14 314 48  HOH HOH A . 
F 5 HOH 15 315 1   HOH HOH A . 
F 5 HOH 16 316 47  HOH HOH A . 
F 5 HOH 17 317 33  HOH HOH A . 
F 5 HOH 18 318 3   HOH HOH A . 
F 5 HOH 19 319 14  HOH HOH A . 
F 5 HOH 20 320 21  HOH HOH A . 
F 5 HOH 21 321 20  HOH HOH A . 
F 5 HOH 22 322 13  HOH HOH A . 
F 5 HOH 23 323 31  HOH HOH A . 
F 5 HOH 24 324 2   HOH HOH A . 
F 5 HOH 25 325 28  HOH HOH A . 
F 5 HOH 26 326 17  HOH HOH A . 
F 5 HOH 27 327 53  HOH HOH A . 
F 5 HOH 28 328 25  HOH HOH A . 
F 5 HOH 29 329 6   HOH HOH A . 
F 5 HOH 30 330 11  HOH HOH A . 
F 5 HOH 31 331 10  HOH HOH A . 
F 5 HOH 32 332 22  HOH HOH A . 
F 5 HOH 33 333 8   HOH HOH A . 
F 5 HOH 34 334 27  HOH HOH A . 
F 5 HOH 35 335 35  HOH HOH A . 
F 5 HOH 36 336 44  HOH HOH A . 
F 5 HOH 37 337 19  HOH HOH A . 
F 5 HOH 38 338 45  HOH HOH A . 
F 5 HOH 39 339 23  HOH HOH A . 
F 5 HOH 40 340 49  HOH HOH A . 
F 5 HOH 41 341 34  HOH HOH A . 
F 5 HOH 42 342 40  HOH HOH A . 
F 5 HOH 43 343 30  HOH HOH A . 
# 
loop_
_pdbx_unobs_or_zero_occ_atoms.id 
_pdbx_unobs_or_zero_occ_atoms.PDB_model_num 
_pdbx_unobs_or_zero_occ_atoms.polymer_flag 
_pdbx_unobs_or_zero_occ_atoms.occupancy_flag 
_pdbx_unobs_or_zero_occ_atoms.auth_asym_id 
_pdbx_unobs_or_zero_occ_atoms.auth_comp_id 
_pdbx_unobs_or_zero_occ_atoms.auth_seq_id 
_pdbx_unobs_or_zero_occ_atoms.PDB_ins_code 
_pdbx_unobs_or_zero_occ_atoms.auth_atom_id 
_pdbx_unobs_or_zero_occ_atoms.label_alt_id 
_pdbx_unobs_or_zero_occ_atoms.label_asym_id 
_pdbx_unobs_or_zero_occ_atoms.label_comp_id 
_pdbx_unobs_or_zero_occ_atoms.label_seq_id 
_pdbx_unobs_or_zero_occ_atoms.label_atom_id 
1  1 Y 1 A GLN 7   ? CG  ? A GLN 7   CG  
2  1 Y 1 A GLN 7   ? CD  ? A GLN 7   CD  
3  1 Y 1 A GLN 7   ? OE1 ? A GLN 7   OE1 
4  1 Y 1 A GLN 7   ? NE2 ? A GLN 7   NE2 
5  1 Y 1 A GLU 69  ? CG  ? A GLU 69  CG  
6  1 Y 1 A GLU 69  ? CD  ? A GLU 69  CD  
7  1 Y 1 A GLU 69  ? OE1 ? A GLU 69  OE1 
8  1 Y 1 A GLU 69  ? OE2 ? A GLU 69  OE2 
9  1 Y 1 A ASP 112 ? CG  ? A ASP 112 CG  
10 1 Y 1 A ASP 112 ? OD1 ? A ASP 112 OD1 
11 1 Y 1 A ASP 112 ? OD2 ? A ASP 112 OD2 
# 
loop_
_software.citation_id 
_software.classification 
_software.compiler_name 
_software.compiler_version 
_software.contact_author 
_software.contact_author_email 
_software.date 
_software.description 
_software.dependencies 
_software.hardware 
_software.language 
_software.location 
_software.mods 
_software.name 
_software.os 
_software.os_version 
_software.type 
_software.version 
_software.pdbx_ordinal 
? refinement       ? ? ? ? ? ? ? ? ? ? ? PHENIX ? ? ? 1.18.2_3874 1 
? 'model building' ? ? ? ? ? ? ? ? ? ? ? Coot   ? ? ? 1.18.2_3874 2 
? 'data reduction' ? ? ? ? ? ? ? ? ? ? ? XDS    ? ? ? 20210323    3 
? 'data scaling'   ? ? ? ? ? ? ? ? ? ? ? XDS    ? ? ? 20210323    4 
? phasing          ? ? ? ? ? ? ? ? ? ? ? PHASER ? ? ? 2.8.3       5 
# 
_cell.angle_alpha                  90.000 
_cell.angle_alpha_esd              ? 
_cell.angle_beta                   90.000 
_cell.angle_beta_esd               ? 
_cell.angle_gamma                  120.000 
_cell.angle_gamma_esd              ? 
_cell.entry_id                     7RJI 
_cell.details                      ? 
_cell.formula_units_Z              ? 
_cell.length_a                     83.036 
_cell.length_a_esd                 ? 
_cell.length_b                     83.036 
_cell.length_b_esd                 ? 
_cell.length_c                     124.830 
_cell.length_c_esd                 ? 
_cell.volume                       745388.079 
_cell.volume_esd                   ? 
_cell.Z_PDB                        18 
_cell.reciprocal_angle_alpha       ? 
_cell.reciprocal_angle_beta        ? 
_cell.reciprocal_angle_gamma       ? 
_cell.reciprocal_angle_alpha_esd   ? 
_cell.reciprocal_angle_beta_esd    ? 
_cell.reciprocal_angle_gamma_esd   ? 
_cell.reciprocal_length_a          ? 
_cell.reciprocal_length_b          ? 
_cell.reciprocal_length_c          ? 
_cell.reciprocal_length_a_esd      ? 
_cell.reciprocal_length_b_esd      ? 
_cell.reciprocal_length_c_esd      ? 
_cell.pdbx_unique_axis             ? 
# 
_symmetry.entry_id                         7RJI 
_symmetry.cell_setting                     ? 
_symmetry.Int_Tables_number                155 
_symmetry.space_group_name_Hall            
;R 3 2"
;
_symmetry.space_group_name_H-M             'H 3 2' 
_symmetry.pdbx_full_space_group_name_H-M   ? 
# 
_exptl.absorpt_coefficient_mu     ? 
_exptl.absorpt_correction_T_max   ? 
_exptl.absorpt_correction_T_min   ? 
_exptl.absorpt_correction_type    ? 
_exptl.absorpt_process_details    ? 
_exptl.entry_id                   7RJI 
_exptl.crystals_number            1 
_exptl.details                    ? 
_exptl.method                     'X-RAY DIFFRACTION' 
_exptl.method_details             ? 
# 
_exptl_crystal.colour                      ? 
_exptl_crystal.density_diffrn              ? 
_exptl_crystal.density_Matthews            3.02 
_exptl_crystal.density_method              ? 
_exptl_crystal.density_percent_sol         59.27 
_exptl_crystal.description                 ? 
_exptl_crystal.F_000                       ? 
_exptl_crystal.id                          1 
_exptl_crystal.preparation                 ? 
_exptl_crystal.size_max                    ? 
_exptl_crystal.size_mid                    ? 
_exptl_crystal.size_min                    ? 
_exptl_crystal.size_rad                    ? 
_exptl_crystal.colour_lustre               ? 
_exptl_crystal.colour_modifier             ? 
_exptl_crystal.colour_primary              ? 
_exptl_crystal.density_meas                ? 
_exptl_crystal.density_meas_esd            ? 
_exptl_crystal.density_meas_gt             ? 
_exptl_crystal.density_meas_lt             ? 
_exptl_crystal.density_meas_temp           ? 
_exptl_crystal.density_meas_temp_esd       ? 
_exptl_crystal.density_meas_temp_gt        ? 
_exptl_crystal.density_meas_temp_lt        ? 
_exptl_crystal.pdbx_crystal_image_url      ? 
_exptl_crystal.pdbx_crystal_image_format   ? 
_exptl_crystal.pdbx_mosaicity              ? 
_exptl_crystal.pdbx_mosaicity_esd          ? 
# 
_exptl_crystal_grow.apparatus       ? 
_exptl_crystal_grow.atmosphere      ? 
_exptl_crystal_grow.crystal_id      1 
_exptl_crystal_grow.details         ? 
_exptl_crystal_grow.method          MICROBATCH 
_exptl_crystal_grow.method_ref      ? 
_exptl_crystal_grow.pH              7.5 
_exptl_crystal_grow.pressure        ? 
_exptl_crystal_grow.pressure_esd    ? 
_exptl_crystal_grow.seeding         ? 
_exptl_crystal_grow.seeding_ref     ? 
_exptl_crystal_grow.temp            291 
_exptl_crystal_grow.temp_details    ? 
_exptl_crystal_grow.temp_esd        ? 
_exptl_crystal_grow.time            ? 
_exptl_crystal_grow.pdbx_details    
'0.1 M HEPES pH 7.5, 22% polyacrylic acid 5100 (w/v), 20 mM MgCl2, 0.8 mg/mL a-Tocopherol phosphate disodium salt' 
_exptl_crystal_grow.pdbx_pH_range   ? 
# 
_diffrn.ambient_environment              ? 
_diffrn.ambient_temp                     80 
_diffrn.ambient_temp_details             ? 
_diffrn.ambient_temp_esd                 ? 
_diffrn.crystal_id                       1 
_diffrn.crystal_support                  ? 
_diffrn.crystal_treatment                ? 
_diffrn.details                          ? 
_diffrn.id                               1 
_diffrn.ambient_pressure                 ? 
_diffrn.ambient_pressure_esd             ? 
_diffrn.ambient_pressure_gt              ? 
_diffrn.ambient_pressure_lt              ? 
_diffrn.ambient_temp_gt                  ? 
_diffrn.ambient_temp_lt                  ? 
_diffrn.pdbx_serial_crystal_experiment   N 
# 
_diffrn_detector.details                      ? 
_diffrn_detector.detector                     PIXEL 
_diffrn_detector.diffrn_id                    1 
_diffrn_detector.type                         'DECTRIS PILATUS 2M' 
_diffrn_detector.area_resol_mean              ? 
_diffrn_detector.dtime                        ? 
_diffrn_detector.pdbx_frames_total            ? 
_diffrn_detector.pdbx_collection_time_total   ? 
_diffrn_detector.pdbx_collection_date         2016-11-25 
_diffrn_detector.pdbx_frequency               ? 
# 
_diffrn_radiation.collimation                      ? 
_diffrn_radiation.diffrn_id                        1 
_diffrn_radiation.filter_edge                      ? 
_diffrn_radiation.inhomogeneity                    ? 
_diffrn_radiation.monochromator                    ? 
_diffrn_radiation.polarisn_norm                    ? 
_diffrn_radiation.polarisn_ratio                   ? 
_diffrn_radiation.probe                            ? 
_diffrn_radiation.type                             ? 
_diffrn_radiation.xray_symbol                      ? 
_diffrn_radiation.wavelength_id                    1 
_diffrn_radiation.pdbx_monochromatic_or_laue_m_l   M 
_diffrn_radiation.pdbx_wavelength_list             ? 
_diffrn_radiation.pdbx_wavelength                  ? 
_diffrn_radiation.pdbx_diffrn_protocol             'SINGLE WAVELENGTH' 
_diffrn_radiation.pdbx_analyzer                    ? 
_diffrn_radiation.pdbx_scattering_type             x-ray 
# 
_diffrn_radiation_wavelength.id           1 
_diffrn_radiation_wavelength.wavelength   1.45859 
_diffrn_radiation_wavelength.wt           1.0 
# 
_diffrn_source.current                     ? 
_diffrn_source.details                     ? 
_diffrn_source.diffrn_id                   1 
_diffrn_source.power                       ? 
_diffrn_source.size                        ? 
_diffrn_source.source                      SYNCHROTRON 
_diffrn_source.target                      ? 
_diffrn_source.type                        'LNLS BEAMLINE W01B-MX2' 
_diffrn_source.voltage                     ? 
_diffrn_source.take-off_angle              ? 
_diffrn_source.pdbx_wavelength_list        1.45859 
_diffrn_source.pdbx_wavelength             ? 
_diffrn_source.pdbx_synchrotron_beamline   W01B-MX2 
_diffrn_source.pdbx_synchrotron_site       LNLS 
# 
_reflns.B_iso_Wilson_estimate                          31.11 
_reflns.entry_id                                       7RJI 
_reflns.data_reduction_details                         ? 
_reflns.data_reduction_method                          ? 
_reflns.d_resolution_high                              1.71 
_reflns.d_resolution_low                               40 
_reflns.details                                        ? 
_reflns.limit_h_max                                    ? 
_reflns.limit_h_min                                    ? 
_reflns.limit_k_max                                    ? 
_reflns.limit_k_min                                    ? 
_reflns.limit_l_max                                    ? 
_reflns.limit_l_min                                    ? 
_reflns.number_all                                     ? 
_reflns.number_obs                                     34802 
_reflns.observed_criterion                             ? 
_reflns.observed_criterion_F_max                       ? 
_reflns.observed_criterion_F_min                       ? 
_reflns.observed_criterion_I_max                       ? 
_reflns.observed_criterion_I_min                       ? 
_reflns.observed_criterion_sigma_F                     ? 
_reflns.observed_criterion_sigma_I                     ? 
_reflns.percent_possible_obs                           99.8 
_reflns.R_free_details                                 ? 
_reflns.Rmerge_F_all                                   ? 
_reflns.Rmerge_F_obs                                   ? 
_reflns.Friedel_coverage                               ? 
_reflns.number_gt                                      ? 
_reflns.threshold_expression                           ? 
_reflns.pdbx_redundancy                                17.7 
_reflns.pdbx_Rmerge_I_obs                              ? 
_reflns.pdbx_Rmerge_I_all                              ? 
_reflns.pdbx_Rsym_value                                ? 
_reflns.pdbx_netI_over_av_sigmaI                       ? 
_reflns.pdbx_netI_over_sigmaI                          17.26 
_reflns.pdbx_res_netI_over_av_sigmaI_2                 ? 
_reflns.pdbx_res_netI_over_sigmaI_2                    ? 
_reflns.pdbx_chi_squared                               ? 
_reflns.pdbx_scaling_rejects                           ? 
_reflns.pdbx_d_res_high_opt                            ? 
_reflns.pdbx_d_res_low_opt                             ? 
_reflns.pdbx_d_res_opt_method                          ? 
_reflns.phase_calculation_details                      ? 
_reflns.pdbx_Rrim_I_all                                0.1 
_reflns.pdbx_Rpim_I_all                                ? 
_reflns.pdbx_d_opt                                     ? 
_reflns.pdbx_number_measured_all                       ? 
_reflns.pdbx_diffrn_id                                 1 
_reflns.pdbx_ordinal                                   1 
_reflns.pdbx_CC_half                                   0.999 
_reflns.pdbx_CC_star                                   ? 
_reflns.pdbx_R_split                                   ? 
_reflns.pdbx_aniso_diffraction_limit_axis_1_ortho[1]   ? 
_reflns.pdbx_aniso_diffraction_limit_axis_1_ortho[2]   ? 
_reflns.pdbx_aniso_diffraction_limit_axis_1_ortho[3]   ? 
_reflns.pdbx_aniso_diffraction_limit_axis_2_ortho[1]   ? 
_reflns.pdbx_aniso_diffraction_limit_axis_2_ortho[2]   ? 
_reflns.pdbx_aniso_diffraction_limit_axis_2_ortho[3]   ? 
_reflns.pdbx_aniso_diffraction_limit_axis_3_ortho[1]   ? 
_reflns.pdbx_aniso_diffraction_limit_axis_3_ortho[2]   ? 
_reflns.pdbx_aniso_diffraction_limit_axis_3_ortho[3]   ? 
_reflns.pdbx_aniso_diffraction_limit_1                 ? 
_reflns.pdbx_aniso_diffraction_limit_2                 ? 
_reflns.pdbx_aniso_diffraction_limit_3                 ? 
_reflns.pdbx_aniso_B_tensor_eigenvector_1_ortho[1]     ? 
_reflns.pdbx_aniso_B_tensor_eigenvector_1_ortho[2]     ? 
_reflns.pdbx_aniso_B_tensor_eigenvector_1_ortho[3]     ? 
_reflns.pdbx_aniso_B_tensor_eigenvector_2_ortho[1]     ? 
_reflns.pdbx_aniso_B_tensor_eigenvector_2_ortho[2]     ? 
_reflns.pdbx_aniso_B_tensor_eigenvector_2_ortho[3]     ? 
_reflns.pdbx_aniso_B_tensor_eigenvector_3_ortho[1]     ? 
_reflns.pdbx_aniso_B_tensor_eigenvector_3_ortho[2]     ? 
_reflns.pdbx_aniso_B_tensor_eigenvector_3_ortho[3]     ? 
_reflns.pdbx_aniso_B_tensor_eigenvalue_1               ? 
_reflns.pdbx_aniso_B_tensor_eigenvalue_2               ? 
_reflns.pdbx_aniso_B_tensor_eigenvalue_3               ? 
_reflns.pdbx_orthogonalization_convention              ? 
_reflns.pdbx_percent_possible_ellipsoidal              ? 
_reflns.pdbx_percent_possible_spherical                ? 
_reflns.pdbx_percent_possible_ellipsoidal_anomalous    ? 
_reflns.pdbx_percent_possible_spherical_anomalous      ? 
_reflns.pdbx_redundancy_anomalous                      ? 
_reflns.pdbx_CC_half_anomalous                         ? 
_reflns.pdbx_absDiff_over_sigma_anomalous              ? 
_reflns.pdbx_percent_possible_anomalous                ? 
_reflns.pdbx_observed_signal_threshold                 ? 
_reflns.pdbx_signal_type                               ? 
_reflns.pdbx_signal_details                            ? 
_reflns.pdbx_signal_software_id                        ? 
# 
_reflns_shell.d_res_high                                    1.71 
_reflns_shell.d_res_low                                     1.81 
_reflns_shell.meanI_over_sigI_all                           ? 
_reflns_shell.meanI_over_sigI_obs                           1.16 
_reflns_shell.number_measured_all                           ? 
_reflns_shell.number_measured_obs                           ? 
_reflns_shell.number_possible                               ? 
_reflns_shell.number_unique_all                             ? 
_reflns_shell.number_unique_obs                             5598 
_reflns_shell.percent_possible_all                          99.1 
_reflns_shell.percent_possible_obs                          ? 
_reflns_shell.Rmerge_F_all                                  ? 
_reflns_shell.Rmerge_F_obs                                  ? 
_reflns_shell.Rmerge_I_all                                  ? 
_reflns_shell.Rmerge_I_obs                                  ? 
_reflns_shell.meanI_over_sigI_gt                            ? 
_reflns_shell.meanI_over_uI_all                             ? 
_reflns_shell.meanI_over_uI_gt                              ? 
_reflns_shell.number_measured_gt                            ? 
_reflns_shell.number_unique_gt                              ? 
_reflns_shell.percent_possible_gt                           ? 
_reflns_shell.Rmerge_F_gt                                   ? 
_reflns_shell.Rmerge_I_gt                                   ? 
_reflns_shell.pdbx_redundancy                               13.5 
_reflns_shell.pdbx_Rsym_value                               ? 
_reflns_shell.pdbx_chi_squared                              ? 
_reflns_shell.pdbx_netI_over_sigmaI_all                     ? 
_reflns_shell.pdbx_netI_over_sigmaI_obs                     ? 
_reflns_shell.pdbx_Rrim_I_all                               2.382 
_reflns_shell.pdbx_Rpim_I_all                               ? 
_reflns_shell.pdbx_rejects                                  ? 
_reflns_shell.pdbx_ordinal                                  1 
_reflns_shell.pdbx_diffrn_id                                1 
_reflns_shell.pdbx_CC_half                                  0.564 
_reflns_shell.pdbx_CC_star                                  ? 
_reflns_shell.pdbx_R_split                                  ? 
_reflns_shell.pdbx_percent_possible_ellipsoidal             ? 
_reflns_shell.pdbx_percent_possible_spherical               ? 
_reflns_shell.pdbx_percent_possible_ellipsoidal_anomalous   ? 
_reflns_shell.pdbx_percent_possible_spherical_anomalous     ? 
_reflns_shell.pdbx_redundancy_anomalous                     ? 
_reflns_shell.pdbx_CC_half_anomalous                        ? 
_reflns_shell.pdbx_absDiff_over_sigma_anomalous             ? 
_reflns_shell.pdbx_percent_possible_anomalous               ? 
# 
_refine.aniso_B[1][1]                            ? 
_refine.aniso_B[1][2]                            ? 
_refine.aniso_B[1][3]                            ? 
_refine.aniso_B[2][2]                            ? 
_refine.aniso_B[2][3]                            ? 
_refine.aniso_B[3][3]                            ? 
_refine.B_iso_max                                ? 
_refine.B_iso_mean                               35.75 
_refine.B_iso_min                                ? 
_refine.correlation_coeff_Fo_to_Fc               ? 
_refine.correlation_coeff_Fo_to_Fc_free          ? 
_refine.details                                  ? 
_refine.diff_density_max                         ? 
_refine.diff_density_max_esd                     ? 
_refine.diff_density_min                         ? 
_refine.diff_density_min_esd                     ? 
_refine.diff_density_rms                         ? 
_refine.diff_density_rms_esd                     ? 
_refine.entry_id                                 7RJI 
_refine.pdbx_refine_id                           'X-RAY DIFFRACTION' 
_refine.ls_abs_structure_details                 ? 
_refine.ls_abs_structure_Flack                   ? 
_refine.ls_abs_structure_Flack_esd               ? 
_refine.ls_abs_structure_Rogers                  ? 
_refine.ls_abs_structure_Rogers_esd              ? 
_refine.ls_d_res_high                            1.71 
_refine.ls_d_res_low                             28.63 
_refine.ls_extinction_coef                       ? 
_refine.ls_extinction_coef_esd                   ? 
_refine.ls_extinction_expression                 ? 
_refine.ls_extinction_method                     ? 
_refine.ls_goodness_of_fit_all                   ? 
_refine.ls_goodness_of_fit_all_esd               ? 
_refine.ls_goodness_of_fit_obs                   ? 
_refine.ls_goodness_of_fit_obs_esd               ? 
_refine.ls_hydrogen_treatment                    ? 
_refine.ls_matrix_type                           ? 
_refine.ls_number_constraints                    ? 
_refine.ls_number_parameters                     ? 
_refine.ls_number_reflns_all                     ? 
_refine.ls_number_reflns_obs                     18194 
_refine.ls_number_reflns_R_free                  909 
_refine.ls_number_reflns_R_work                  17285 
_refine.ls_number_restraints                     ? 
_refine.ls_percent_reflns_obs                    99.86 
_refine.ls_percent_reflns_R_free                 5.00 
_refine.ls_R_factor_all                          ? 
_refine.ls_R_factor_obs                          0.1990 
_refine.ls_R_factor_R_free                       0.2240 
_refine.ls_R_factor_R_free_error                 ? 
_refine.ls_R_factor_R_free_error_details         ? 
_refine.ls_R_factor_R_work                       0.1977 
_refine.ls_R_Fsqd_factor_obs                     ? 
_refine.ls_R_I_factor_obs                        ? 
_refine.ls_redundancy_reflns_all                 ? 
_refine.ls_redundancy_reflns_obs                 ? 
_refine.ls_restrained_S_all                      ? 
_refine.ls_restrained_S_obs                      ? 
_refine.ls_shift_over_esd_max                    ? 
_refine.ls_shift_over_esd_mean                   ? 
_refine.ls_structure_factor_coef                 ? 
_refine.ls_weighting_details                     ? 
_refine.ls_weighting_scheme                      ? 
_refine.ls_wR_factor_all                         ? 
_refine.ls_wR_factor_obs                         ? 
_refine.ls_wR_factor_R_free                      ? 
_refine.ls_wR_factor_R_work                      ? 
_refine.occupancy_max                            ? 
_refine.occupancy_min                            ? 
_refine.solvent_model_details                    'FLAT BULK SOLVENT MODEL' 
_refine.solvent_model_param_bsol                 ? 
_refine.solvent_model_param_ksol                 ? 
_refine.pdbx_R_complete                          ? 
_refine.ls_R_factor_gt                           ? 
_refine.ls_goodness_of_fit_gt                    ? 
_refine.ls_goodness_of_fit_ref                   ? 
_refine.ls_shift_over_su_max                     ? 
_refine.ls_shift_over_su_max_lt                  ? 
_refine.ls_shift_over_su_mean                    ? 
_refine.ls_shift_over_su_mean_lt                 ? 
_refine.pdbx_ls_sigma_I                          ? 
_refine.pdbx_ls_sigma_F                          1.35 
_refine.pdbx_ls_sigma_Fsqd                       ? 
_refine.pdbx_data_cutoff_high_absF               ? 
_refine.pdbx_data_cutoff_high_rms_absF           ? 
_refine.pdbx_data_cutoff_low_absF                ? 
_refine.pdbx_isotropic_thermal_model             ? 
_refine.pdbx_ls_cross_valid_method               'FREE R-VALUE' 
_refine.pdbx_method_to_determine_struct          'MOLECULAR REPLACEMENT' 
_refine.pdbx_starting_model                      2oqd 
_refine.pdbx_stereochemistry_target_values       'GeoStd + Monomer Library + CDL v1.2' 
_refine.pdbx_R_Free_selection_details            ? 
_refine.pdbx_stereochem_target_val_spec_case     ? 
_refine.pdbx_overall_ESU_R                       ? 
_refine.pdbx_overall_ESU_R_Free                  ? 
_refine.pdbx_solvent_vdw_probe_radii             1.1100 
_refine.pdbx_solvent_ion_probe_radii             ? 
_refine.pdbx_solvent_shrinkage_radii             0.9000 
_refine.pdbx_real_space_R                        ? 
_refine.pdbx_density_correlation                 ? 
_refine.pdbx_pd_number_of_powder_patterns        ? 
_refine.pdbx_pd_number_of_points                 ? 
_refine.pdbx_pd_meas_number_of_points            ? 
_refine.pdbx_pd_proc_ls_prof_R_factor            ? 
_refine.pdbx_pd_proc_ls_prof_wR_factor           ? 
_refine.pdbx_pd_Marquardt_correlation_coeff      ? 
_refine.pdbx_pd_Fsqrd_R_factor                   ? 
_refine.pdbx_pd_ls_matrix_band_width             ? 
_refine.pdbx_overall_phase_error                 24.1229 
_refine.pdbx_overall_SU_R_free_Cruickshank_DPI   ? 
_refine.pdbx_overall_SU_R_free_Blow_DPI          ? 
_refine.pdbx_overall_SU_R_Blow_DPI               ? 
_refine.pdbx_TLS_residual_ADP_flag               ? 
_refine.pdbx_diffrn_id                           1 
_refine.overall_SU_B                             ? 
_refine.overall_SU_ML                            0.2138 
_refine.overall_SU_R_Cruickshank_DPI             ? 
_refine.overall_SU_R_free                        ? 
_refine.overall_FOM_free_R_set                   ? 
_refine.overall_FOM_work_R_set                   ? 
_refine.pdbx_average_fsc_overall                 ? 
_refine.pdbx_average_fsc_work                    ? 
_refine.pdbx_average_fsc_free                    ? 
# 
_refine_hist.pdbx_refine_id                   'X-RAY DIFFRACTION' 
_refine_hist.cycle_id                         LAST 
_refine_hist.details                          ? 
_refine_hist.d_res_high                       1.71 
_refine_hist.d_res_low                        28.63 
_refine_hist.number_atoms_solvent             43 
_refine_hist.number_atoms_total               1020 
_refine_hist.number_reflns_all                ? 
_refine_hist.number_reflns_obs                ? 
_refine_hist.number_reflns_R_free             ? 
_refine_hist.number_reflns_R_work             ? 
_refine_hist.R_factor_all                     ? 
_refine_hist.R_factor_obs                     ? 
_refine_hist.R_factor_R_free                  ? 
_refine_hist.R_factor_R_work                  ? 
_refine_hist.pdbx_number_residues_total       ? 
_refine_hist.pdbx_B_iso_mean_ligand           ? 
_refine_hist.pdbx_B_iso_mean_solvent          ? 
_refine_hist.pdbx_number_atoms_protein        946 
_refine_hist.pdbx_number_atoms_nucleic_acid   0 
_refine_hist.pdbx_number_atoms_ligand         31 
_refine_hist.pdbx_number_atoms_lipid          ? 
_refine_hist.pdbx_number_atoms_carb           ? 
_refine_hist.pdbx_pseudo_atom_details         ? 
# 
loop_
_refine_ls_restr.pdbx_refine_id 
_refine_ls_restr.criterion 
_refine_ls_restr.dev_ideal 
_refine_ls_restr.dev_ideal_target 
_refine_ls_restr.number 
_refine_ls_restr.rejects 
_refine_ls_restr.type 
_refine_ls_restr.weight 
_refine_ls_restr.pdbx_restraint_function 
'X-RAY DIFFRACTION' ? 0.0075 ? 1008 ? f_bond_d           ? ? 
'X-RAY DIFFRACTION' ? 1.0996 ? 1355 ? f_angle_d          ? ? 
'X-RAY DIFFRACTION' ? 0.0573 ? 131  ? f_chiral_restr     ? ? 
'X-RAY DIFFRACTION' ? 0.0060 ? 173  ? f_plane_restr      ? ? 
'X-RAY DIFFRACTION' ? 7.2489 ? 155  ? f_dihedral_angle_d ? ? 
# 
loop_
_refine_ls_shell.pdbx_refine_id 
_refine_ls_shell.d_res_high 
_refine_ls_shell.d_res_low 
_refine_ls_shell.number_reflns_all 
_refine_ls_shell.number_reflns_obs 
_refine_ls_shell.number_reflns_R_free 
_refine_ls_shell.number_reflns_R_work 
_refine_ls_shell.percent_reflns_obs 
_refine_ls_shell.percent_reflns_R_free 
_refine_ls_shell.R_factor_all 
_refine_ls_shell.R_factor_obs 
_refine_ls_shell.R_factor_R_free 
_refine_ls_shell.R_factor_R_free_error 
_refine_ls_shell.R_factor_R_work 
_refine_ls_shell.redundancy_reflns_all 
_refine_ls_shell.redundancy_reflns_obs 
_refine_ls_shell.wR_factor_all 
_refine_ls_shell.wR_factor_obs 
_refine_ls_shell.wR_factor_R_free 
_refine_ls_shell.wR_factor_R_work 
_refine_ls_shell.pdbx_R_complete 
_refine_ls_shell.pdbx_total_number_of_bins_used 
_refine_ls_shell.pdbx_phase_error 
_refine_ls_shell.pdbx_fsc_work 
_refine_ls_shell.pdbx_fsc_free 
'X-RAY DIFFRACTION' 1.71 1.81  . . 165 2809 99.30  . . . 0.3032 . 0.2718 . . . . . . . . . . . 
'X-RAY DIFFRACTION' 1.82 1.96  . . 145 2843 99.93  . . . 0.2610 . 0.2357 . . . . . . . . . . . 
'X-RAY DIFFRACTION' 1.96 2.15  . . 153 2850 100.00 . . . 0.2512 . 0.1959 . . . . . . . . . . . 
'X-RAY DIFFRACTION' 2.15 2.46  . . 156 2868 100.00 . . . 0.2353 . 0.2016 . . . . . . . . . . . 
'X-RAY DIFFRACTION' 2.46 3.10  . . 141 2912 100.00 . . . 0.2417 . 0.2013 . . . . . . . . . . . 
'X-RAY DIFFRACTION' 3.10 28.63 . . 149 3003 99.90  . . . 0.1983 . 0.1867 . . . . . . . . . . . 
# 
_struct.entry_id                     7RJI 
_struct.title                        'BthTX-II variant b, from Bothrops jararacussu venom, complexed with stearic acid' 
_struct.pdbx_model_details           ? 
_struct.pdbx_formula_weight          ? 
_struct.pdbx_formula_weight_method   ? 
_struct.pdbx_model_type_details      ? 
_struct.pdbx_CASP_flag               N 
# 
_struct_keywords.entry_id        7RJI 
_struct_keywords.text            'Basic phospholipase A2, BthTX-II variant b, Bothrops jararacussu, TOXIN' 
_struct_keywords.pdbx_keywords   TOXIN 
# 
loop_
_struct_asym.id 
_struct_asym.pdbx_blank_PDB_chainid_flag 
_struct_asym.pdbx_modified 
_struct_asym.entity_id 
_struct_asym.details 
A N N 1 ? 
B N N 2 ? 
C N N 3 ? 
D N N 4 ? 
E N N 4 ? 
F N N 5 ? 
# 
_struct_ref.id                         1 
_struct_ref.db_name                    PDB 
_struct_ref.db_code                    7RJI 
_struct_ref.pdbx_db_accession          7RJI 
_struct_ref.pdbx_db_isoform            ? 
_struct_ref.entity_id                  1 
_struct_ref.pdbx_seq_one_letter_code   ? 
_struct_ref.pdbx_align_begin           1 
# 
_struct_ref_seq.align_id                      1 
_struct_ref_seq.ref_id                        1 
_struct_ref_seq.pdbx_PDB_id_code              7RJI 
_struct_ref_seq.pdbx_strand_id                A 
_struct_ref_seq.seq_align_beg                 1 
_struct_ref_seq.pdbx_seq_align_beg_ins_code   ? 
_struct_ref_seq.seq_align_end                 122 
_struct_ref_seq.pdbx_seq_align_end_ins_code   ? 
_struct_ref_seq.pdbx_db_accession             7RJI 
_struct_ref_seq.db_align_beg                  1 
_struct_ref_seq.pdbx_db_align_beg_ins_code    ? 
_struct_ref_seq.db_align_end                  122 
_struct_ref_seq.pdbx_db_align_end_ins_code    ? 
_struct_ref_seq.pdbx_auth_seq_align_beg       1 
_struct_ref_seq.pdbx_auth_seq_align_end       122 
# 
_pdbx_struct_assembly.id                   1 
_pdbx_struct_assembly.details              author_defined_assembly 
_pdbx_struct_assembly.method_details       ? 
_pdbx_struct_assembly.oligomeric_details   monomeric 
_pdbx_struct_assembly.oligomeric_count     1 
# 
_pdbx_struct_assembly_gen.assembly_id       1 
_pdbx_struct_assembly_gen.oper_expression   1 
_pdbx_struct_assembly_gen.asym_id_list      A,B,C,D,E,F 
# 
_pdbx_struct_assembly_auth_evidence.id                     1 
_pdbx_struct_assembly_auth_evidence.assembly_id            1 
_pdbx_struct_assembly_auth_evidence.experimental_support   SAXS 
_pdbx_struct_assembly_auth_evidence.details                ? 
# 
_pdbx_struct_oper_list.id                   1 
_pdbx_struct_oper_list.type                 'identity operation' 
_pdbx_struct_oper_list.name                 1_555 
_pdbx_struct_oper_list.symmetry_operation   x,y,z 
_pdbx_struct_oper_list.matrix[1][1]         1.0000000000 
_pdbx_struct_oper_list.matrix[1][2]         0.0000000000 
_pdbx_struct_oper_list.matrix[1][3]         0.0000000000 
_pdbx_struct_oper_list.vector[1]            0.0000000000 
_pdbx_struct_oper_list.matrix[2][1]         0.0000000000 
_pdbx_struct_oper_list.matrix[2][2]         1.0000000000 
_pdbx_struct_oper_list.matrix[2][3]         0.0000000000 
_pdbx_struct_oper_list.vector[2]            0.0000000000 
_pdbx_struct_oper_list.matrix[3][1]         0.0000000000 
_pdbx_struct_oper_list.matrix[3][2]         0.0000000000 
_pdbx_struct_oper_list.matrix[3][3]         1.0000000000 
_pdbx_struct_oper_list.vector[3]            0.0000000000 
# 
loop_
_struct_conf.conf_type_id 
_struct_conf.id 
_struct_conf.pdbx_PDB_helix_id 
_struct_conf.beg_label_comp_id 
_struct_conf.beg_label_asym_id 
_struct_conf.beg_label_seq_id 
_struct_conf.pdbx_beg_PDB_ins_code 
_struct_conf.end_label_comp_id 
_struct_conf.end_label_asym_id 
_struct_conf.end_label_seq_id 
_struct_conf.pdbx_end_PDB_ins_code 
_struct_conf.beg_auth_comp_id 
_struct_conf.beg_auth_asym_id 
_struct_conf.beg_auth_seq_id 
_struct_conf.end_auth_comp_id 
_struct_conf.end_auth_asym_id 
_struct_conf.end_auth_seq_id 
_struct_conf.pdbx_PDB_helix_class 
_struct_conf.details 
_struct_conf.pdbx_PDB_helix_length 
HELX_P HELX_P1 AA1 ASP A 1   ? GLY A 14  ? ASP A 1   GLY A 14  1 ? 14 
HELX_P HELX_P2 AA2 LEU A 16  ? TYR A 21  ? LEU A 16  TYR A 21  1 ? 6  
HELX_P HELX_P3 AA3 ASP A 38  ? LYS A 53  ? ASP A 38  LYS A 53  1 ? 16 
HELX_P HELX_P4 AA4 THR A 79  ? ASN A 99  ? THR A 79  ASN A 99  1 ? 21 
HELX_P HELX_P5 AA5 LEU A 100 ? TYR A 103 ? LEU A 100 TYR A 103 5 ? 4  
HELX_P HELX_P6 AA6 LYS A 104 ? MET A 108 ? LYS A 104 MET A 108 5 ? 5  
HELX_P HELX_P7 AA7 PRO A 111 ? CYS A 115 ? PRO A 111 CYS A 115 5 ? 5  
# 
_struct_conf_type.id          HELX_P 
_struct_conf_type.criteria    ? 
_struct_conf_type.reference   ? 
# 
loop_
_struct_conn.id 
_struct_conn.conn_type_id 
_struct_conn.pdbx_leaving_atom_flag 
_struct_conn.pdbx_PDB_id 
_struct_conn.ptnr1_label_asym_id 
_struct_conn.ptnr1_label_comp_id 
_struct_conn.ptnr1_label_seq_id 
_struct_conn.ptnr1_label_atom_id 
_struct_conn.pdbx_ptnr1_label_alt_id 
_struct_conn.pdbx_ptnr1_PDB_ins_code 
_struct_conn.pdbx_ptnr1_standard_comp_id 
_struct_conn.ptnr1_symmetry 
_struct_conn.ptnr2_label_asym_id 
_struct_conn.ptnr2_label_comp_id 
_struct_conn.ptnr2_label_seq_id 
_struct_conn.ptnr2_label_atom_id 
_struct_conn.pdbx_ptnr2_label_alt_id 
_struct_conn.pdbx_ptnr2_PDB_ins_code 
_struct_conn.ptnr1_auth_asym_id 
_struct_conn.ptnr1_auth_comp_id 
_struct_conn.ptnr1_auth_seq_id 
_struct_conn.ptnr2_auth_asym_id 
_struct_conn.ptnr2_auth_comp_id 
_struct_conn.ptnr2_auth_seq_id 
_struct_conn.ptnr2_symmetry 
_struct_conn.pdbx_ptnr3_label_atom_id 
_struct_conn.pdbx_ptnr3_label_seq_id 
_struct_conn.pdbx_ptnr3_label_comp_id 
_struct_conn.pdbx_ptnr3_label_asym_id 
_struct_conn.pdbx_ptnr3_label_alt_id 
_struct_conn.pdbx_ptnr3_PDB_ins_code 
_struct_conn.details 
_struct_conn.pdbx_dist_value 
_struct_conn.pdbx_value_order 
_struct_conn.pdbx_role 
disulf1 disulf ? ? A CYS 26 SG  ? ? ? 1_555 A CYS 115 SG ? ? A CYS 26  A CYS 115 1_555 ? ? ? ? ? ? ? 2.044 ? ? 
disulf2 disulf ? ? A CYS 28 SG  ? ? ? 1_555 A CYS 44  SG ? ? A CYS 28  A CYS 44  1_555 ? ? ? ? ? ? ? 2.050 ? ? 
disulf3 disulf ? ? A CYS 43 SG  ? ? ? 1_555 A CYS 95  SG ? ? A CYS 43  A CYS 95  1_555 ? ? ? ? ? ? ? 2.022 ? ? 
disulf4 disulf ? ? A CYS 49 SG  ? ? ? 1_555 A CYS 122 SG ? ? A CYS 49  A CYS 122 1_555 ? ? ? ? ? ? ? 2.041 ? ? 
disulf5 disulf ? ? A CYS 50 SG  ? ? ? 1_555 A CYS 88  SG ? ? A CYS 50  A CYS 88  1_555 ? ? ? ? ? ? ? 2.033 ? ? 
disulf6 disulf ? ? A CYS 57 SG  ? ? ? 1_555 A CYS 81  SG ? ? A CYS 57  A CYS 81  1_555 ? ? ? ? ? ? ? 2.044 ? ? 
disulf7 disulf ? ? A CYS 75 SG  ? ? ? 1_555 A CYS 86  SG ? ? A CYS 75  A CYS 86  1_555 ? ? ? ? ? ? ? 2.049 ? ? 
metalc1 metalc ? ? A TYR 27 O   ? ? ? 1_555 C NA  .   NA ? ? A TYR 27  A NA  202 1_555 ? ? ? ? ? ? ? 2.277 ? ? 
metalc2 metalc ? ? A GLY 29 O   ? ? ? 1_555 C NA  .   NA ? ? A GLY 29  A NA  202 1_555 ? ? ? ? ? ? ? 2.356 ? ? 
metalc3 metalc ? ? A GLY 31 O   ? ? ? 1_555 C NA  .   NA ? ? A GLY 31  A NA  202 1_555 ? ? ? ? ? ? ? 2.344 ? ? 
metalc4 metalc ? ? A ASP 48 OD1 ? ? ? 1_555 C NA  .   NA ? ? A ASP 48  A NA  202 1_555 ? ? ? ? ? ? ? 3.059 ? ? 
metalc5 metalc ? ? A ASP 48 OD2 ? ? ? 1_555 C NA  .   NA ? ? A ASP 48  A NA  202 1_555 ? ? ? ? ? ? ? 2.303 ? ? 
metalc6 metalc ? ? C NA  .  NA  ? ? ? 1_555 F HOH .   O  ? ? A NA  202 A HOH 310 1_555 ? ? ? ? ? ? ? 3.093 ? ? 
# 
loop_
_struct_conn_type.id 
_struct_conn_type.criteria 
_struct_conn_type.reference 
disulf ? ? 
metalc ? ? 
# 
loop_
_pdbx_struct_conn_angle.id 
_pdbx_struct_conn_angle.ptnr1_label_atom_id 
_pdbx_struct_conn_angle.ptnr1_label_alt_id 
_pdbx_struct_conn_angle.ptnr1_label_asym_id 
_pdbx_struct_conn_angle.ptnr1_label_comp_id 
_pdbx_struct_conn_angle.ptnr1_label_seq_id 
_pdbx_struct_conn_angle.ptnr1_auth_atom_id 
_pdbx_struct_conn_angle.ptnr1_auth_asym_id 
_pdbx_struct_conn_angle.ptnr1_auth_comp_id 
_pdbx_struct_conn_angle.ptnr1_auth_seq_id 
_pdbx_struct_conn_angle.ptnr1_PDB_ins_code 
_pdbx_struct_conn_angle.ptnr1_symmetry 
_pdbx_struct_conn_angle.ptnr2_label_atom_id 
_pdbx_struct_conn_angle.ptnr2_label_alt_id 
_pdbx_struct_conn_angle.ptnr2_label_asym_id 
_pdbx_struct_conn_angle.ptnr2_label_comp_id 
_pdbx_struct_conn_angle.ptnr2_label_seq_id 
_pdbx_struct_conn_angle.ptnr2_auth_atom_id 
_pdbx_struct_conn_angle.ptnr2_auth_asym_id 
_pdbx_struct_conn_angle.ptnr2_auth_comp_id 
_pdbx_struct_conn_angle.ptnr2_auth_seq_id 
_pdbx_struct_conn_angle.ptnr2_PDB_ins_code 
_pdbx_struct_conn_angle.ptnr2_symmetry 
_pdbx_struct_conn_angle.ptnr3_label_atom_id 
_pdbx_struct_conn_angle.ptnr3_label_alt_id 
_pdbx_struct_conn_angle.ptnr3_label_asym_id 
_pdbx_struct_conn_angle.ptnr3_label_comp_id 
_pdbx_struct_conn_angle.ptnr3_label_seq_id 
_pdbx_struct_conn_angle.ptnr3_auth_atom_id 
_pdbx_struct_conn_angle.ptnr3_auth_asym_id 
_pdbx_struct_conn_angle.ptnr3_auth_comp_id 
_pdbx_struct_conn_angle.ptnr3_auth_seq_id 
_pdbx_struct_conn_angle.ptnr3_PDB_ins_code 
_pdbx_struct_conn_angle.ptnr3_symmetry 
_pdbx_struct_conn_angle.value 
_pdbx_struct_conn_angle.value_esd 
1  O   ? A TYR 27 ? A TYR 27 ? 1_555 NA ? C NA . ? A NA 202 ? 1_555 O   ? A GLY 29 ? A GLY 29  ? 1_555 94.4  ? 
2  O   ? A TYR 27 ? A TYR 27 ? 1_555 NA ? C NA . ? A NA 202 ? 1_555 O   ? A GLY 31 ? A GLY 31  ? 1_555 90.5  ? 
3  O   ? A GLY 29 ? A GLY 29 ? 1_555 NA ? C NA . ? A NA 202 ? 1_555 O   ? A GLY 31 ? A GLY 31  ? 1_555 93.9  ? 
4  O   ? A TYR 27 ? A TYR 27 ? 1_555 NA ? C NA . ? A NA 202 ? 1_555 OD1 ? A ASP 48 ? A ASP 48  ? 1_555 120.6 ? 
5  O   ? A GLY 29 ? A GLY 29 ? 1_555 NA ? C NA . ? A NA 202 ? 1_555 OD1 ? A ASP 48 ? A ASP 48  ? 1_555 117.3 ? 
6  O   ? A GLY 31 ? A GLY 31 ? 1_555 NA ? C NA . ? A NA 202 ? 1_555 OD1 ? A ASP 48 ? A ASP 48  ? 1_555 131.3 ? 
7  O   ? A TYR 27 ? A TYR 27 ? 1_555 NA ? C NA . ? A NA 202 ? 1_555 OD2 ? A ASP 48 ? A ASP 48  ? 1_555 111.5 ? 
8  O   ? A GLY 29 ? A GLY 29 ? 1_555 NA ? C NA . ? A NA 202 ? 1_555 OD2 ? A ASP 48 ? A ASP 48  ? 1_555 153.8 ? 
9  O   ? A GLY 31 ? A GLY 31 ? 1_555 NA ? C NA . ? A NA 202 ? 1_555 OD2 ? A ASP 48 ? A ASP 48  ? 1_555 90.1  ? 
10 OD1 ? A ASP 48 ? A ASP 48 ? 1_555 NA ? C NA . ? A NA 202 ? 1_555 OD2 ? A ASP 48 ? A ASP 48  ? 1_555 45.7  ? 
11 O   ? A TYR 27 ? A TYR 27 ? 1_555 NA ? C NA . ? A NA 202 ? 1_555 O   ? F HOH .  ? A HOH 310 ? 1_555 95.2  ? 
12 O   ? A GLY 29 ? A GLY 29 ? 1_555 NA ? C NA . ? A NA 202 ? 1_555 O   ? F HOH .  ? A HOH 310 ? 1_555 80.8  ? 
13 O   ? A GLY 31 ? A GLY 31 ? 1_555 NA ? C NA . ? A NA 202 ? 1_555 O   ? F HOH .  ? A HOH 310 ? 1_555 172.5 ? 
14 OD1 ? A ASP 48 ? A ASP 48 ? 1_555 NA ? C NA . ? A NA 202 ? 1_555 O   ? F HOH .  ? A HOH 310 ? 1_555 48.7  ? 
15 OD2 ? A ASP 48 ? A ASP 48 ? 1_555 NA ? C NA . ? A NA 202 ? 1_555 O   ? F HOH .  ? A HOH 310 ? 1_555 92.3  ? 
# 
loop_
_pdbx_modification_feature.ordinal 
_pdbx_modification_feature.label_comp_id 
_pdbx_modification_feature.label_asym_id 
_pdbx_modification_feature.label_seq_id 
_pdbx_modification_feature.label_alt_id 
_pdbx_modification_feature.modified_residue_label_comp_id 
_pdbx_modification_feature.modified_residue_label_asym_id 
_pdbx_modification_feature.modified_residue_label_seq_id 
_pdbx_modification_feature.modified_residue_label_alt_id 
_pdbx_modification_feature.auth_comp_id 
_pdbx_modification_feature.auth_asym_id 
_pdbx_modification_feature.auth_seq_id 
_pdbx_modification_feature.PDB_ins_code 
_pdbx_modification_feature.symmetry 
_pdbx_modification_feature.modified_residue_auth_comp_id 
_pdbx_modification_feature.modified_residue_auth_asym_id 
_pdbx_modification_feature.modified_residue_auth_seq_id 
_pdbx_modification_feature.modified_residue_PDB_ins_code 
_pdbx_modification_feature.modified_residue_symmetry 
_pdbx_modification_feature.comp_id_linking_atom 
_pdbx_modification_feature.modified_residue_id_linking_atom 
_pdbx_modification_feature.modified_residue_id 
_pdbx_modification_feature.ref_pcm_id 
_pdbx_modification_feature.ref_comp_id 
_pdbx_modification_feature.type 
_pdbx_modification_feature.category 
1 CYS A 26 ? CYS A 115 ? CYS A 26 ? 1_555 CYS A 115 ? 1_555 SG SG . . . None 'Disulfide bridge' 
2 CYS A 28 ? CYS A 44  ? CYS A 28 ? 1_555 CYS A 44  ? 1_555 SG SG . . . None 'Disulfide bridge' 
3 CYS A 43 ? CYS A 95  ? CYS A 43 ? 1_555 CYS A 95  ? 1_555 SG SG . . . None 'Disulfide bridge' 
4 CYS A 49 ? CYS A 122 ? CYS A 49 ? 1_555 CYS A 122 ? 1_555 SG SG . . . None 'Disulfide bridge' 
5 CYS A 50 ? CYS A 88  ? CYS A 50 ? 1_555 CYS A 88  ? 1_555 SG SG . . . None 'Disulfide bridge' 
6 CYS A 57 ? CYS A 81  ? CYS A 57 ? 1_555 CYS A 81  ? 1_555 SG SG . . . None 'Disulfide bridge' 
7 CYS A 75 ? CYS A 86  ? CYS A 75 ? 1_555 CYS A 86  ? 1_555 SG SG . . . None 'Disulfide bridge' 
# 
loop_
_struct_mon_prot_cis.pdbx_id 
_struct_mon_prot_cis.label_comp_id 
_struct_mon_prot_cis.label_seq_id 
_struct_mon_prot_cis.label_asym_id 
_struct_mon_prot_cis.label_alt_id 
_struct_mon_prot_cis.pdbx_PDB_ins_code 
_struct_mon_prot_cis.auth_comp_id 
_struct_mon_prot_cis.auth_seq_id 
_struct_mon_prot_cis.auth_asym_id 
_struct_mon_prot_cis.pdbx_label_comp_id_2 
_struct_mon_prot_cis.pdbx_label_seq_id_2 
_struct_mon_prot_cis.pdbx_label_asym_id_2 
_struct_mon_prot_cis.pdbx_PDB_ins_code_2 
_struct_mon_prot_cis.pdbx_auth_comp_id_2 
_struct_mon_prot_cis.pdbx_auth_seq_id_2 
_struct_mon_prot_cis.pdbx_auth_asym_id_2 
_struct_mon_prot_cis.pdbx_PDB_model_num 
_struct_mon_prot_cis.pdbx_omega_angle 
1 PHE 18  A . ? PHE 18  A PRO 19  A ? PRO 19  A 1 5.15  
2 LYS 117 A . ? LYS 117 A PRO 118 A ? PRO 118 A 1 -1.46 
# 
_struct_sheet.id               AA1 
_struct_sheet.type             ? 
_struct_sheet.number_strands   2 
_struct_sheet.details          ? 
# 
_struct_sheet_order.sheet_id     AA1 
_struct_sheet_order.range_id_1   1 
_struct_sheet_order.range_id_2   2 
_struct_sheet_order.offset       ? 
_struct_sheet_order.sense        anti-parallel 
# 
loop_
_struct_sheet_range.sheet_id 
_struct_sheet_range.id 
_struct_sheet_range.beg_label_comp_id 
_struct_sheet_range.beg_label_asym_id 
_struct_sheet_range.beg_label_seq_id 
_struct_sheet_range.pdbx_beg_PDB_ins_code 
_struct_sheet_range.end_label_comp_id 
_struct_sheet_range.end_label_asym_id 
_struct_sheet_range.end_label_seq_id 
_struct_sheet_range.pdbx_end_PDB_ins_code 
_struct_sheet_range.beg_auth_comp_id 
_struct_sheet_range.beg_auth_asym_id 
_struct_sheet_range.beg_auth_seq_id 
_struct_sheet_range.end_auth_comp_id 
_struct_sheet_range.end_auth_asym_id 
_struct_sheet_range.end_auth_seq_id 
AA1 1 TYR A 66 ? GLU A 69 ? TYR A 66 GLU A 69 
AA1 2 VAL A 72 ? CYS A 75 ? VAL A 72 CYS A 75 
# 
_pdbx_struct_sheet_hbond.sheet_id                AA1 
_pdbx_struct_sheet_hbond.range_id_1              1 
_pdbx_struct_sheet_hbond.range_id_2              2 
_pdbx_struct_sheet_hbond.range_1_label_atom_id   N 
_pdbx_struct_sheet_hbond.range_1_label_comp_id   SER 
_pdbx_struct_sheet_hbond.range_1_label_asym_id   A 
_pdbx_struct_sheet_hbond.range_1_label_seq_id    67 
_pdbx_struct_sheet_hbond.range_1_PDB_ins_code    ? 
_pdbx_struct_sheet_hbond.range_1_auth_atom_id    N 
_pdbx_struct_sheet_hbond.range_1_auth_comp_id    SER 
_pdbx_struct_sheet_hbond.range_1_auth_asym_id    A 
_pdbx_struct_sheet_hbond.range_1_auth_seq_id     67 
_pdbx_struct_sheet_hbond.range_2_label_atom_id   O 
_pdbx_struct_sheet_hbond.range_2_label_comp_id   ILE 
_pdbx_struct_sheet_hbond.range_2_label_asym_id   A 
_pdbx_struct_sheet_hbond.range_2_label_seq_id    74 
_pdbx_struct_sheet_hbond.range_2_PDB_ins_code    ? 
_pdbx_struct_sheet_hbond.range_2_auth_atom_id    O 
_pdbx_struct_sheet_hbond.range_2_auth_comp_id    ILE 
_pdbx_struct_sheet_hbond.range_2_auth_asym_id    A 
_pdbx_struct_sheet_hbond.range_2_auth_seq_id     74 
# 
_pdbx_entry_details.entry_id                   7RJI 
_pdbx_entry_details.has_ligand_of_interest     Y 
_pdbx_entry_details.compound_details           ? 
_pdbx_entry_details.source_details             ? 
_pdbx_entry_details.nonpolymer_details         ? 
_pdbx_entry_details.sequence_details           ? 
_pdbx_entry_details.has_protein_modification   Y 
# 
_pdbx_validate_torsion.id              1 
_pdbx_validate_torsion.PDB_model_num   1 
_pdbx_validate_torsion.auth_comp_id    ASP 
_pdbx_validate_torsion.auth_asym_id    A 
_pdbx_validate_torsion.auth_seq_id     38 
_pdbx_validate_torsion.PDB_ins_code    ? 
_pdbx_validate_torsion.label_alt_id    ? 
_pdbx_validate_torsion.phi             -166.50 
_pdbx_validate_torsion.psi             -169.40 
# 
loop_
_space_group_symop.id 
_space_group_symop.operation_xyz 
1  x,y,z                  
2  -y,x-y,z               
3  -x+y,-x,z              
4  x-y,-y,-z              
5  -x,-x+y,-z             
6  y,x,-z                 
7  x+1/3,y+2/3,z+2/3      
8  -y+1/3,x-y+2/3,z+2/3   
9  -x+y+1/3,-x+2/3,z+2/3  
10 x-y+1/3,-y+2/3,-z+2/3  
11 -x+1/3,-x+y+2/3,-z+2/3 
12 y+1/3,x+2/3,-z+2/3     
13 x+2/3,y+1/3,z+1/3      
14 -y+2/3,x-y+1/3,z+1/3   
15 -x+y+2/3,-x+1/3,z+1/3  
16 x-y+2/3,-y+1/3,-z+1/3  
17 -x+2/3,-x+y+1/3,-z+1/3 
18 y+2/3,x+1/3,-z+1/3     
# 
loop_
_chem_comp_atom.comp_id 
_chem_comp_atom.atom_id 
_chem_comp_atom.type_symbol 
_chem_comp_atom.pdbx_aromatic_flag 
_chem_comp_atom.pdbx_stereo_config 
_chem_comp_atom.pdbx_ordinal 
ALA N    N  N N 1   
ALA CA   C  N S 2   
ALA C    C  N N 3   
ALA O    O  N N 4   
ALA CB   C  N N 5   
ALA OXT  O  N N 6   
ALA H    H  N N 7   
ALA H2   H  N N 8   
ALA HA   H  N N 9   
ALA HB1  H  N N 10  
ALA HB2  H  N N 11  
ALA HB3  H  N N 12  
ALA HXT  H  N N 13  
ARG N    N  N N 14  
ARG CA   C  N S 15  
ARG C    C  N N 16  
ARG O    O  N N 17  
ARG CB   C  N N 18  
ARG CG   C  N N 19  
ARG CD   C  N N 20  
ARG NE   N  N N 21  
ARG CZ   C  N N 22  
ARG NH1  N  N N 23  
ARG NH2  N  N N 24  
ARG OXT  O  N N 25  
ARG H    H  N N 26  
ARG H2   H  N N 27  
ARG HA   H  N N 28  
ARG HB2  H  N N 29  
ARG HB3  H  N N 30  
ARG HG2  H  N N 31  
ARG HG3  H  N N 32  
ARG HD2  H  N N 33  
ARG HD3  H  N N 34  
ARG HE   H  N N 35  
ARG HH11 H  N N 36  
ARG HH12 H  N N 37  
ARG HH21 H  N N 38  
ARG HH22 H  N N 39  
ARG HXT  H  N N 40  
ASN N    N  N N 41  
ASN CA   C  N S 42  
ASN C    C  N N 43  
ASN O    O  N N 44  
ASN CB   C  N N 45  
ASN CG   C  N N 46  
ASN OD1  O  N N 47  
ASN ND2  N  N N 48  
ASN OXT  O  N N 49  
ASN H    H  N N 50  
ASN H2   H  N N 51  
ASN HA   H  N N 52  
ASN HB2  H  N N 53  
ASN HB3  H  N N 54  
ASN HD21 H  N N 55  
ASN HD22 H  N N 56  
ASN HXT  H  N N 57  
ASP N    N  N N 58  
ASP CA   C  N S 59  
ASP C    C  N N 60  
ASP O    O  N N 61  
ASP CB   C  N N 62  
ASP CG   C  N N 63  
ASP OD1  O  N N 64  
ASP OD2  O  N N 65  
ASP OXT  O  N N 66  
ASP H    H  N N 67  
ASP H2   H  N N 68  
ASP HA   H  N N 69  
ASP HB2  H  N N 70  
ASP HB3  H  N N 71  
ASP HD2  H  N N 72  
ASP HXT  H  N N 73  
CYS N    N  N N 74  
CYS CA   C  N R 75  
CYS C    C  N N 76  
CYS O    O  N N 77  
CYS CB   C  N N 78  
CYS SG   S  N N 79  
CYS OXT  O  N N 80  
CYS H    H  N N 81  
CYS H2   H  N N 82  
CYS HA   H  N N 83  
CYS HB2  H  N N 84  
CYS HB3  H  N N 85  
CYS HG   H  N N 86  
CYS HXT  H  N N 87  
GLN N    N  N N 88  
GLN CA   C  N S 89  
GLN C    C  N N 90  
GLN O    O  N N 91  
GLN CB   C  N N 92  
GLN CG   C  N N 93  
GLN CD   C  N N 94  
GLN OE1  O  N N 95  
GLN NE2  N  N N 96  
GLN OXT  O  N N 97  
GLN H    H  N N 98  
GLN H2   H  N N 99  
GLN HA   H  N N 100 
GLN HB2  H  N N 101 
GLN HB3  H  N N 102 
GLN HG2  H  N N 103 
GLN HG3  H  N N 104 
GLN HE21 H  N N 105 
GLN HE22 H  N N 106 
GLN HXT  H  N N 107 
GLU N    N  N N 108 
GLU CA   C  N S 109 
GLU C    C  N N 110 
GLU O    O  N N 111 
GLU CB   C  N N 112 
GLU CG   C  N N 113 
GLU CD   C  N N 114 
GLU OE1  O  N N 115 
GLU OE2  O  N N 116 
GLU OXT  O  N N 117 
GLU H    H  N N 118 
GLU H2   H  N N 119 
GLU HA   H  N N 120 
GLU HB2  H  N N 121 
GLU HB3  H  N N 122 
GLU HG2  H  N N 123 
GLU HG3  H  N N 124 
GLU HE2  H  N N 125 
GLU HXT  H  N N 126 
GLY N    N  N N 127 
GLY CA   C  N N 128 
GLY C    C  N N 129 
GLY O    O  N N 130 
GLY OXT  O  N N 131 
GLY H    H  N N 132 
GLY H2   H  N N 133 
GLY HA2  H  N N 134 
GLY HA3  H  N N 135 
GLY HXT  H  N N 136 
HIS N    N  N N 137 
HIS CA   C  N S 138 
HIS C    C  N N 139 
HIS O    O  N N 140 
HIS CB   C  N N 141 
HIS CG   C  Y N 142 
HIS ND1  N  Y N 143 
HIS CD2  C  Y N 144 
HIS CE1  C  Y N 145 
HIS NE2  N  Y N 146 
HIS OXT  O  N N 147 
HIS H    H  N N 148 
HIS H2   H  N N 149 
HIS HA   H  N N 150 
HIS HB2  H  N N 151 
HIS HB3  H  N N 152 
HIS HD1  H  N N 153 
HIS HD2  H  N N 154 
HIS HE1  H  N N 155 
HIS HE2  H  N N 156 
HIS HXT  H  N N 157 
HOH O    O  N N 158 
HOH H1   H  N N 159 
HOH H2   H  N N 160 
ILE N    N  N N 161 
ILE CA   C  N S 162 
ILE C    C  N N 163 
ILE O    O  N N 164 
ILE CB   C  N S 165 
ILE CG1  C  N N 166 
ILE CG2  C  N N 167 
ILE CD1  C  N N 168 
ILE OXT  O  N N 169 
ILE H    H  N N 170 
ILE H2   H  N N 171 
ILE HA   H  N N 172 
ILE HB   H  N N 173 
ILE HG12 H  N N 174 
ILE HG13 H  N N 175 
ILE HG21 H  N N 176 
ILE HG22 H  N N 177 
ILE HG23 H  N N 178 
ILE HD11 H  N N 179 
ILE HD12 H  N N 180 
ILE HD13 H  N N 181 
ILE HXT  H  N N 182 
LEU N    N  N N 183 
LEU CA   C  N S 184 
LEU C    C  N N 185 
LEU O    O  N N 186 
LEU CB   C  N N 187 
LEU CG   C  N N 188 
LEU CD1  C  N N 189 
LEU CD2  C  N N 190 
LEU OXT  O  N N 191 
LEU H    H  N N 192 
LEU H2   H  N N 193 
LEU HA   H  N N 194 
LEU HB2  H  N N 195 
LEU HB3  H  N N 196 
LEU HG   H  N N 197 
LEU HD11 H  N N 198 
LEU HD12 H  N N 199 
LEU HD13 H  N N 200 
LEU HD21 H  N N 201 
LEU HD22 H  N N 202 
LEU HD23 H  N N 203 
LEU HXT  H  N N 204 
LYS N    N  N N 205 
LYS CA   C  N S 206 
LYS C    C  N N 207 
LYS O    O  N N 208 
LYS CB   C  N N 209 
LYS CG   C  N N 210 
LYS CD   C  N N 211 
LYS CE   C  N N 212 
LYS NZ   N  N N 213 
LYS OXT  O  N N 214 
LYS H    H  N N 215 
LYS H2   H  N N 216 
LYS HA   H  N N 217 
LYS HB2  H  N N 218 
LYS HB3  H  N N 219 
LYS HG2  H  N N 220 
LYS HG3  H  N N 221 
LYS HD2  H  N N 222 
LYS HD3  H  N N 223 
LYS HE2  H  N N 224 
LYS HE3  H  N N 225 
LYS HZ1  H  N N 226 
LYS HZ2  H  N N 227 
LYS HZ3  H  N N 228 
LYS HXT  H  N N 229 
MET N    N  N N 230 
MET CA   C  N S 231 
MET C    C  N N 232 
MET O    O  N N 233 
MET CB   C  N N 234 
MET CG   C  N N 235 
MET SD   S  N N 236 
MET CE   C  N N 237 
MET OXT  O  N N 238 
MET H    H  N N 239 
MET H2   H  N N 240 
MET HA   H  N N 241 
MET HB2  H  N N 242 
MET HB3  H  N N 243 
MET HG2  H  N N 244 
MET HG3  H  N N 245 
MET HE1  H  N N 246 
MET HE2  H  N N 247 
MET HE3  H  N N 248 
MET HXT  H  N N 249 
NA  NA   NA N N 250 
PHE N    N  N N 251 
PHE CA   C  N S 252 
PHE C    C  N N 253 
PHE O    O  N N 254 
PHE CB   C  N N 255 
PHE CG   C  Y N 256 
PHE CD1  C  Y N 257 
PHE CD2  C  Y N 258 
PHE CE1  C  Y N 259 
PHE CE2  C  Y N 260 
PHE CZ   C  Y N 261 
PHE OXT  O  N N 262 
PHE H    H  N N 263 
PHE H2   H  N N 264 
PHE HA   H  N N 265 
PHE HB2  H  N N 266 
PHE HB3  H  N N 267 
PHE HD1  H  N N 268 
PHE HD2  H  N N 269 
PHE HE1  H  N N 270 
PHE HE2  H  N N 271 
PHE HZ   H  N N 272 
PHE HXT  H  N N 273 
PRO N    N  N N 274 
PRO CA   C  N S 275 
PRO C    C  N N 276 
PRO O    O  N N 277 
PRO CB   C  N N 278 
PRO CG   C  N N 279 
PRO CD   C  N N 280 
PRO OXT  O  N N 281 
PRO H    H  N N 282 
PRO HA   H  N N 283 
PRO HB2  H  N N 284 
PRO HB3  H  N N 285 
PRO HG2  H  N N 286 
PRO HG3  H  N N 287 
PRO HD2  H  N N 288 
PRO HD3  H  N N 289 
PRO HXT  H  N N 290 
SER N    N  N N 291 
SER CA   C  N S 292 
SER C    C  N N 293 
SER O    O  N N 294 
SER CB   C  N N 295 
SER OG   O  N N 296 
SER OXT  O  N N 297 
SER H    H  N N 298 
SER H2   H  N N 299 
SER HA   H  N N 300 
SER HB2  H  N N 301 
SER HB3  H  N N 302 
SER HG   H  N N 303 
SER HXT  H  N N 304 
SO4 S    S  N N 305 
SO4 O1   O  N N 306 
SO4 O2   O  N N 307 
SO4 O3   O  N N 308 
SO4 O4   O  N N 309 
STE C1   C  N N 310 
STE O1   O  N N 311 
STE O2   O  N N 312 
STE C2   C  N N 313 
STE C3   C  N N 314 
STE C4   C  N N 315 
STE C5   C  N N 316 
STE C6   C  N N 317 
STE C7   C  N N 318 
STE C8   C  N N 319 
STE C9   C  N N 320 
STE C10  C  N N 321 
STE C11  C  N N 322 
STE C12  C  N N 323 
STE C13  C  N N 324 
STE C14  C  N N 325 
STE C15  C  N N 326 
STE C16  C  N N 327 
STE C17  C  N N 328 
STE C18  C  N N 329 
STE HO2  H  N N 330 
STE H21  H  N N 331 
STE H22  H  N N 332 
STE H31  H  N N 333 
STE H32  H  N N 334 
STE H41  H  N N 335 
STE H42  H  N N 336 
STE H51  H  N N 337 
STE H52  H  N N 338 
STE H61  H  N N 339 
STE H62  H  N N 340 
STE H71  H  N N 341 
STE H72  H  N N 342 
STE H81  H  N N 343 
STE H82  H  N N 344 
STE H91  H  N N 345 
STE H92  H  N N 346 
STE H101 H  N N 347 
STE H102 H  N N 348 
STE H111 H  N N 349 
STE H112 H  N N 350 
STE H121 H  N N 351 
STE H122 H  N N 352 
STE H131 H  N N 353 
STE H132 H  N N 354 
STE H141 H  N N 355 
STE H142 H  N N 356 
STE H151 H  N N 357 
STE H152 H  N N 358 
STE H161 H  N N 359 
STE H162 H  N N 360 
STE H171 H  N N 361 
STE H172 H  N N 362 
STE H181 H  N N 363 
STE H182 H  N N 364 
STE H183 H  N N 365 
THR N    N  N N 366 
THR CA   C  N S 367 
THR C    C  N N 368 
THR O    O  N N 369 
THR CB   C  N R 370 
THR OG1  O  N N 371 
THR CG2  C  N N 372 
THR OXT  O  N N 373 
THR H    H  N N 374 
THR H2   H  N N 375 
THR HA   H  N N 376 
THR HB   H  N N 377 
THR HG1  H  N N 378 
THR HG21 H  N N 379 
THR HG22 H  N N 380 
THR HG23 H  N N 381 
THR HXT  H  N N 382 
TRP N    N  N N 383 
TRP CA   C  N S 384 
TRP C    C  N N 385 
TRP O    O  N N 386 
TRP CB   C  N N 387 
TRP CG   C  Y N 388 
TRP CD1  C  Y N 389 
TRP CD2  C  Y N 390 
TRP NE1  N  Y N 391 
TRP CE2  C  Y N 392 
TRP CE3  C  Y N 393 
TRP CZ2  C  Y N 394 
TRP CZ3  C  Y N 395 
TRP CH2  C  Y N 396 
TRP OXT  O  N N 397 
TRP H    H  N N 398 
TRP H2   H  N N 399 
TRP HA   H  N N 400 
TRP HB2  H  N N 401 
TRP HB3  H  N N 402 
TRP HD1  H  N N 403 
TRP HE1  H  N N 404 
TRP HE3  H  N N 405 
TRP HZ2  H  N N 406 
TRP HZ3  H  N N 407 
TRP HH2  H  N N 408 
TRP HXT  H  N N 409 
TYR N    N  N N 410 
TYR CA   C  N S 411 
TYR C    C  N N 412 
TYR O    O  N N 413 
TYR CB   C  N N 414 
TYR CG   C  Y N 415 
TYR CD1  C  Y N 416 
TYR CD2  C  Y N 417 
TYR CE1  C  Y N 418 
TYR CE2  C  Y N 419 
TYR CZ   C  Y N 420 
TYR OH   O  N N 421 
TYR OXT  O  N N 422 
TYR H    H  N N 423 
TYR H2   H  N N 424 
TYR HA   H  N N 425 
TYR HB2  H  N N 426 
TYR HB3  H  N N 427 
TYR HD1  H  N N 428 
TYR HD2  H  N N 429 
TYR HE1  H  N N 430 
TYR HE2  H  N N 431 
TYR HH   H  N N 432 
TYR HXT  H  N N 433 
VAL N    N  N N 434 
VAL CA   C  N S 435 
VAL C    C  N N 436 
VAL O    O  N N 437 
VAL CB   C  N N 438 
VAL CG1  C  N N 439 
VAL CG2  C  N N 440 
VAL OXT  O  N N 441 
VAL H    H  N N 442 
VAL H2   H  N N 443 
VAL HA   H  N N 444 
VAL HB   H  N N 445 
VAL HG11 H  N N 446 
VAL HG12 H  N N 447 
VAL HG13 H  N N 448 
VAL HG21 H  N N 449 
VAL HG22 H  N N 450 
VAL HG23 H  N N 451 
VAL HXT  H  N N 452 
# 
loop_
_chem_comp_bond.comp_id 
_chem_comp_bond.atom_id_1 
_chem_comp_bond.atom_id_2 
_chem_comp_bond.value_order 
_chem_comp_bond.pdbx_aromatic_flag 
_chem_comp_bond.pdbx_stereo_config 
_chem_comp_bond.pdbx_ordinal 
ALA N   CA   sing N N 1   
ALA N   H    sing N N 2   
ALA N   H2   sing N N 3   
ALA CA  C    sing N N 4   
ALA CA  CB   sing N N 5   
ALA CA  HA   sing N N 6   
ALA C   O    doub N N 7   
ALA C   OXT  sing N N 8   
ALA CB  HB1  sing N N 9   
ALA CB  HB2  sing N N 10  
ALA CB  HB3  sing N N 11  
ALA OXT HXT  sing N N 12  
ARG N   CA   sing N N 13  
ARG N   H    sing N N 14  
ARG N   H2   sing N N 15  
ARG CA  C    sing N N 16  
ARG CA  CB   sing N N 17  
ARG CA  HA   sing N N 18  
ARG C   O    doub N N 19  
ARG C   OXT  sing N N 20  
ARG CB  CG   sing N N 21  
ARG CB  HB2  sing N N 22  
ARG CB  HB3  sing N N 23  
ARG CG  CD   sing N N 24  
ARG CG  HG2  sing N N 25  
ARG CG  HG3  sing N N 26  
ARG CD  NE   sing N N 27  
ARG CD  HD2  sing N N 28  
ARG CD  HD3  sing N N 29  
ARG NE  CZ   sing N N 30  
ARG NE  HE   sing N N 31  
ARG CZ  NH1  sing N N 32  
ARG CZ  NH2  doub N N 33  
ARG NH1 HH11 sing N N 34  
ARG NH1 HH12 sing N N 35  
ARG NH2 HH21 sing N N 36  
ARG NH2 HH22 sing N N 37  
ARG OXT HXT  sing N N 38  
ASN N   CA   sing N N 39  
ASN N   H    sing N N 40  
ASN N   H2   sing N N 41  
ASN CA  C    sing N N 42  
ASN CA  CB   sing N N 43  
ASN CA  HA   sing N N 44  
ASN C   O    doub N N 45  
ASN C   OXT  sing N N 46  
ASN CB  CG   sing N N 47  
ASN CB  HB2  sing N N 48  
ASN CB  HB3  sing N N 49  
ASN CG  OD1  doub N N 50  
ASN CG  ND2  sing N N 51  
ASN ND2 HD21 sing N N 52  
ASN ND2 HD22 sing N N 53  
ASN OXT HXT  sing N N 54  
ASP N   CA   sing N N 55  
ASP N   H    sing N N 56  
ASP N   H2   sing N N 57  
ASP CA  C    sing N N 58  
ASP CA  CB   sing N N 59  
ASP CA  HA   sing N N 60  
ASP C   O    doub N N 61  
ASP C   OXT  sing N N 62  
ASP CB  CG   sing N N 63  
ASP CB  HB2  sing N N 64  
ASP CB  HB3  sing N N 65  
ASP CG  OD1  doub N N 66  
ASP CG  OD2  sing N N 67  
ASP OD2 HD2  sing N N 68  
ASP OXT HXT  sing N N 69  
CYS N   CA   sing N N 70  
CYS N   H    sing N N 71  
CYS N   H2   sing N N 72  
CYS CA  C    sing N N 73  
CYS CA  CB   sing N N 74  
CYS CA  HA   sing N N 75  
CYS C   O    doub N N 76  
CYS C   OXT  sing N N 77  
CYS CB  SG   sing N N 78  
CYS CB  HB2  sing N N 79  
CYS CB  HB3  sing N N 80  
CYS SG  HG   sing N N 81  
CYS OXT HXT  sing N N 82  
GLN N   CA   sing N N 83  
GLN N   H    sing N N 84  
GLN N   H2   sing N N 85  
GLN CA  C    sing N N 86  
GLN CA  CB   sing N N 87  
GLN CA  HA   sing N N 88  
GLN C   O    doub N N 89  
GLN C   OXT  sing N N 90  
GLN CB  CG   sing N N 91  
GLN CB  HB2  sing N N 92  
GLN CB  HB3  sing N N 93  
GLN CG  CD   sing N N 94  
GLN CG  HG2  sing N N 95  
GLN CG  HG3  sing N N 96  
GLN CD  OE1  doub N N 97  
GLN CD  NE2  sing N N 98  
GLN NE2 HE21 sing N N 99  
GLN NE2 HE22 sing N N 100 
GLN OXT HXT  sing N N 101 
GLU N   CA   sing N N 102 
GLU N   H    sing N N 103 
GLU N   H2   sing N N 104 
GLU CA  C    sing N N 105 
GLU CA  CB   sing N N 106 
GLU CA  HA   sing N N 107 
GLU C   O    doub N N 108 
GLU C   OXT  sing N N 109 
GLU CB  CG   sing N N 110 
GLU CB  HB2  sing N N 111 
GLU CB  HB3  sing N N 112 
GLU CG  CD   sing N N 113 
GLU CG  HG2  sing N N 114 
GLU CG  HG3  sing N N 115 
GLU CD  OE1  doub N N 116 
GLU CD  OE2  sing N N 117 
GLU OE2 HE2  sing N N 118 
GLU OXT HXT  sing N N 119 
GLY N   CA   sing N N 120 
GLY N   H    sing N N 121 
GLY N   H2   sing N N 122 
GLY CA  C    sing N N 123 
GLY CA  HA2  sing N N 124 
GLY CA  HA3  sing N N 125 
GLY C   O    doub N N 126 
GLY C   OXT  sing N N 127 
GLY OXT HXT  sing N N 128 
HIS N   CA   sing N N 129 
HIS N   H    sing N N 130 
HIS N   H2   sing N N 131 
HIS CA  C    sing N N 132 
HIS CA  CB   sing N N 133 
HIS CA  HA   sing N N 134 
HIS C   O    doub N N 135 
HIS C   OXT  sing N N 136 
HIS CB  CG   sing N N 137 
HIS CB  HB2  sing N N 138 
HIS CB  HB3  sing N N 139 
HIS CG  ND1  sing Y N 140 
HIS CG  CD2  doub Y N 141 
HIS ND1 CE1  doub Y N 142 
HIS ND1 HD1  sing N N 143 
HIS CD2 NE2  sing Y N 144 
HIS CD2 HD2  sing N N 145 
HIS CE1 NE2  sing Y N 146 
HIS CE1 HE1  sing N N 147 
HIS NE2 HE2  sing N N 148 
HIS OXT HXT  sing N N 149 
HOH O   H1   sing N N 150 
HOH O   H2   sing N N 151 
ILE N   CA   sing N N 152 
ILE N   H    sing N N 153 
ILE N   H2   sing N N 154 
ILE CA  C    sing N N 155 
ILE CA  CB   sing N N 156 
ILE CA  HA   sing N N 157 
ILE C   O    doub N N 158 
ILE C   OXT  sing N N 159 
ILE CB  CG1  sing N N 160 
ILE CB  CG2  sing N N 161 
ILE CB  HB   sing N N 162 
ILE CG1 CD1  sing N N 163 
ILE CG1 HG12 sing N N 164 
ILE CG1 HG13 sing N N 165 
ILE CG2 HG21 sing N N 166 
ILE CG2 HG22 sing N N 167 
ILE CG2 HG23 sing N N 168 
ILE CD1 HD11 sing N N 169 
ILE CD1 HD12 sing N N 170 
ILE CD1 HD13 sing N N 171 
ILE OXT HXT  sing N N 172 
LEU N   CA   sing N N 173 
LEU N   H    sing N N 174 
LEU N   H2   sing N N 175 
LEU CA  C    sing N N 176 
LEU CA  CB   sing N N 177 
LEU CA  HA   sing N N 178 
LEU C   O    doub N N 179 
LEU C   OXT  sing N N 180 
LEU CB  CG   sing N N 181 
LEU CB  HB2  sing N N 182 
LEU CB  HB3  sing N N 183 
LEU CG  CD1  sing N N 184 
LEU CG  CD2  sing N N 185 
LEU CG  HG   sing N N 186 
LEU CD1 HD11 sing N N 187 
LEU CD1 HD12 sing N N 188 
LEU CD1 HD13 sing N N 189 
LEU CD2 HD21 sing N N 190 
LEU CD2 HD22 sing N N 191 
LEU CD2 HD23 sing N N 192 
LEU OXT HXT  sing N N 193 
LYS N   CA   sing N N 194 
LYS N   H    sing N N 195 
LYS N   H2   sing N N 196 
LYS CA  C    sing N N 197 
LYS CA  CB   sing N N 198 
LYS CA  HA   sing N N 199 
LYS C   O    doub N N 200 
LYS C   OXT  sing N N 201 
LYS CB  CG   sing N N 202 
LYS CB  HB2  sing N N 203 
LYS CB  HB3  sing N N 204 
LYS CG  CD   sing N N 205 
LYS CG  HG2  sing N N 206 
LYS CG  HG3  sing N N 207 
LYS CD  CE   sing N N 208 
LYS CD  HD2  sing N N 209 
LYS CD  HD3  sing N N 210 
LYS CE  NZ   sing N N 211 
LYS CE  HE2  sing N N 212 
LYS CE  HE3  sing N N 213 
LYS NZ  HZ1  sing N N 214 
LYS NZ  HZ2  sing N N 215 
LYS NZ  HZ3  sing N N 216 
LYS OXT HXT  sing N N 217 
MET N   CA   sing N N 218 
MET N   H    sing N N 219 
MET N   H2   sing N N 220 
MET CA  C    sing N N 221 
MET CA  CB   sing N N 222 
MET CA  HA   sing N N 223 
MET C   O    doub N N 224 
MET C   OXT  sing N N 225 
MET CB  CG   sing N N 226 
MET CB  HB2  sing N N 227 
MET CB  HB3  sing N N 228 
MET CG  SD   sing N N 229 
MET CG  HG2  sing N N 230 
MET CG  HG3  sing N N 231 
MET SD  CE   sing N N 232 
MET CE  HE1  sing N N 233 
MET CE  HE2  sing N N 234 
MET CE  HE3  sing N N 235 
MET OXT HXT  sing N N 236 
PHE N   CA   sing N N 237 
PHE N   H    sing N N 238 
PHE N   H2   sing N N 239 
PHE CA  C    sing N N 240 
PHE CA  CB   sing N N 241 
PHE CA  HA   sing N N 242 
PHE C   O    doub N N 243 
PHE C   OXT  sing N N 244 
PHE CB  CG   sing N N 245 
PHE CB  HB2  sing N N 246 
PHE CB  HB3  sing N N 247 
PHE CG  CD1  doub Y N 248 
PHE CG  CD2  sing Y N 249 
PHE CD1 CE1  sing Y N 250 
PHE CD1 HD1  sing N N 251 
PHE CD2 CE2  doub Y N 252 
PHE CD2 HD2  sing N N 253 
PHE CE1 CZ   doub Y N 254 
PHE CE1 HE1  sing N N 255 
PHE CE2 CZ   sing Y N 256 
PHE CE2 HE2  sing N N 257 
PHE CZ  HZ   sing N N 258 
PHE OXT HXT  sing N N 259 
PRO N   CA   sing N N 260 
PRO N   CD   sing N N 261 
PRO N   H    sing N N 262 
PRO CA  C    sing N N 263 
PRO CA  CB   sing N N 264 
PRO CA  HA   sing N N 265 
PRO C   O    doub N N 266 
PRO C   OXT  sing N N 267 
PRO CB  CG   sing N N 268 
PRO CB  HB2  sing N N 269 
PRO CB  HB3  sing N N 270 
PRO CG  CD   sing N N 271 
PRO CG  HG2  sing N N 272 
PRO CG  HG3  sing N N 273 
PRO CD  HD2  sing N N 274 
PRO CD  HD3  sing N N 275 
PRO OXT HXT  sing N N 276 
SER N   CA   sing N N 277 
SER N   H    sing N N 278 
SER N   H2   sing N N 279 
SER CA  C    sing N N 280 
SER CA  CB   sing N N 281 
SER CA  HA   sing N N 282 
SER C   O    doub N N 283 
SER C   OXT  sing N N 284 
SER CB  OG   sing N N 285 
SER CB  HB2  sing N N 286 
SER CB  HB3  sing N N 287 
SER OG  HG   sing N N 288 
SER OXT HXT  sing N N 289 
SO4 S   O1   doub N N 290 
SO4 S   O2   doub N N 291 
SO4 S   O3   sing N N 292 
SO4 S   O4   sing N N 293 
STE C1  O1   doub N N 294 
STE C1  O2   sing N N 295 
STE C1  C2   sing N N 296 
STE O2  HO2  sing N N 297 
STE C2  C3   sing N N 298 
STE C2  H21  sing N N 299 
STE C2  H22  sing N N 300 
STE C3  C4   sing N N 301 
STE C3  H31  sing N N 302 
STE C3  H32  sing N N 303 
STE C4  C5   sing N N 304 
STE C4  H41  sing N N 305 
STE C4  H42  sing N N 306 
STE C5  C6   sing N N 307 
STE C5  H51  sing N N 308 
STE C5  H52  sing N N 309 
STE C6  C7   sing N N 310 
STE C6  H61  sing N N 311 
STE C6  H62  sing N N 312 
STE C7  C8   sing N N 313 
STE C7  H71  sing N N 314 
STE C7  H72  sing N N 315 
STE C8  C9   sing N N 316 
STE C8  H81  sing N N 317 
STE C8  H82  sing N N 318 
STE C9  C10  sing N N 319 
STE C9  H91  sing N N 320 
STE C9  H92  sing N N 321 
STE C10 C11  sing N N 322 
STE C10 H101 sing N N 323 
STE C10 H102 sing N N 324 
STE C11 C12  sing N N 325 
STE C11 H111 sing N N 326 
STE C11 H112 sing N N 327 
STE C12 C13  sing N N 328 
STE C12 H121 sing N N 329 
STE C12 H122 sing N N 330 
STE C13 C14  sing N N 331 
STE C13 H131 sing N N 332 
STE C13 H132 sing N N 333 
STE C14 C15  sing N N 334 
STE C14 H141 sing N N 335 
STE C14 H142 sing N N 336 
STE C15 C16  sing N N 337 
STE C15 H151 sing N N 338 
STE C15 H152 sing N N 339 
STE C16 C17  sing N N 340 
STE C16 H161 sing N N 341 
STE C16 H162 sing N N 342 
STE C17 C18  sing N N 343 
STE C17 H171 sing N N 344 
STE C17 H172 sing N N 345 
STE C18 H181 sing N N 346 
STE C18 H182 sing N N 347 
STE C18 H183 sing N N 348 
THR N   CA   sing N N 349 
THR N   H    sing N N 350 
THR N   H2   sing N N 351 
THR CA  C    sing N N 352 
THR CA  CB   sing N N 353 
THR CA  HA   sing N N 354 
THR C   O    doub N N 355 
THR C   OXT  sing N N 356 
THR CB  OG1  sing N N 357 
THR CB  CG2  sing N N 358 
THR CB  HB   sing N N 359 
THR OG1 HG1  sing N N 360 
THR CG2 HG21 sing N N 361 
THR CG2 HG22 sing N N 362 
THR CG2 HG23 sing N N 363 
THR OXT HXT  sing N N 364 
TRP N   CA   sing N N 365 
TRP N   H    sing N N 366 
TRP N   H2   sing N N 367 
TRP CA  C    sing N N 368 
TRP CA  CB   sing N N 369 
TRP CA  HA   sing N N 370 
TRP C   O    doub N N 371 
TRP C   OXT  sing N N 372 
TRP CB  CG   sing N N 373 
TRP CB  HB2  sing N N 374 
TRP CB  HB3  sing N N 375 
TRP CG  CD1  doub Y N 376 
TRP CG  CD2  sing Y N 377 
TRP CD1 NE1  sing Y N 378 
TRP CD1 HD1  sing N N 379 
TRP CD2 CE2  doub Y N 380 
TRP CD2 CE3  sing Y N 381 
TRP NE1 CE2  sing Y N 382 
TRP NE1 HE1  sing N N 383 
TRP CE2 CZ2  sing Y N 384 
TRP CE3 CZ3  doub Y N 385 
TRP CE3 HE3  sing N N 386 
TRP CZ2 CH2  doub Y N 387 
TRP CZ2 HZ2  sing N N 388 
TRP CZ3 CH2  sing Y N 389 
TRP CZ3 HZ3  sing N N 390 
TRP CH2 HH2  sing N N 391 
TRP OXT HXT  sing N N 392 
TYR N   CA   sing N N 393 
TYR N   H    sing N N 394 
TYR N   H2   sing N N 395 
TYR CA  C    sing N N 396 
TYR CA  CB   sing N N 397 
TYR CA  HA   sing N N 398 
TYR C   O    doub N N 399 
TYR C   OXT  sing N N 400 
TYR CB  CG   sing N N 401 
TYR CB  HB2  sing N N 402 
TYR CB  HB3  sing N N 403 
TYR CG  CD1  doub Y N 404 
TYR CG  CD2  sing Y N 405 
TYR CD1 CE1  sing Y N 406 
TYR CD1 HD1  sing N N 407 
TYR CD2 CE2  doub Y N 408 
TYR CD2 HD2  sing N N 409 
TYR CE1 CZ   doub Y N 410 
TYR CE1 HE1  sing N N 411 
TYR CE2 CZ   sing Y N 412 
TYR CE2 HE2  sing N N 413 
TYR CZ  OH   sing N N 414 
TYR OH  HH   sing N N 415 
TYR OXT HXT  sing N N 416 
VAL N   CA   sing N N 417 
VAL N   H    sing N N 418 
VAL N   H2   sing N N 419 
VAL CA  C    sing N N 420 
VAL CA  CB   sing N N 421 
VAL CA  HA   sing N N 422 
VAL C   O    doub N N 423 
VAL C   OXT  sing N N 424 
VAL CB  CG1  sing N N 425 
VAL CB  CG2  sing N N 426 
VAL CB  HB   sing N N 427 
VAL CG1 HG11 sing N N 428 
VAL CG1 HG12 sing N N 429 
VAL CG1 HG13 sing N N 430 
VAL CG2 HG21 sing N N 431 
VAL CG2 HG22 sing N N 432 
VAL CG2 HG23 sing N N 433 
VAL OXT HXT  sing N N 434 
# 
loop_
_pdbx_audit_support.funding_organization 
_pdbx_audit_support.country 
_pdbx_audit_support.grant_number 
_pdbx_audit_support.ordinal 
'Sao Paulo Research Foundation (FAPESP)'                                         Brazil 16/24191-8    1 
'Brazilian National Council for Scientific and Technological Development (CNPq)' Brazil 302883/2017-7 2 
# 
_pdbx_initial_refinement_model.id               1 
_pdbx_initial_refinement_model.entity_id_list   ? 
_pdbx_initial_refinement_model.type             'experimental model' 
_pdbx_initial_refinement_model.source_name      PDB 
_pdbx_initial_refinement_model.accession_code   2OQD 
_pdbx_initial_refinement_model.details          ? 
# 
_space_group.name_H-M_alt     'R 3 2 :H' 
_space_group.name_Hall        
;R 3 2"
;
_space_group.IT_number        155 
_space_group.crystal_system   trigonal 
_space_group.id               1 
# 
_atom_sites.entry_id                    7RJI 
_atom_sites.Cartn_transf_matrix[1][1]   ? 
_atom_sites.Cartn_transf_matrix[1][2]   ? 
_atom_sites.Cartn_transf_matrix[1][3]   ? 
_atom_sites.Cartn_transf_matrix[2][1]   ? 
_atom_sites.Cartn_transf_matrix[2][2]   ? 
_atom_sites.Cartn_transf_matrix[2][3]   ? 
_atom_sites.Cartn_transf_matrix[3][1]   ? 
_atom_sites.Cartn_transf_matrix[3][2]   ? 
_atom_sites.Cartn_transf_matrix[3][3]   ? 
_atom_sites.Cartn_transf_vector[1]      ? 
_atom_sites.Cartn_transf_vector[2]      ? 
_atom_sites.Cartn_transf_vector[3]      ? 
_atom_sites.fract_transf_matrix[1][1]   0.00535432 
_atom_sites.fract_transf_matrix[1][2]   0.01283348 
_atom_sites.fract_transf_matrix[1][3]   0.00010530 
_atom_sites.fract_transf_matrix[2][1]   -0.00362492 
_atom_sites.fract_transf_matrix[2][2]   0.00912723 
_atom_sites.fract_transf_matrix[2][3]   -0.00984533 
_atom_sites.fract_transf_matrix[3][1]   -0.00608998 
_atom_sites.fract_transf_matrix[3][2]   0.00250339 
_atom_sites.fract_transf_matrix[3][3]   0.00456304 
_atom_sites.fract_transf_vector[1]      2.109381 
_atom_sites.fract_transf_vector[2]      0.786668 
_atom_sites.fract_transf_vector[3]      0.105447 
_atom_sites.solution_primary            ? 
_atom_sites.solution_secondary          ? 
_atom_sites.solution_hydrogens          ? 
_atom_sites.special_details             ? 
# 
loop_
_atom_type.symbol 
_atom_type.scat_dispersion_real 
_atom_type.scat_dispersion_imag 
_atom_type.scat_Cromer_Mann_a1 
_atom_type.scat_Cromer_Mann_a2 
_atom_type.scat_Cromer_Mann_a3 
_atom_type.scat_Cromer_Mann_a4 
_atom_type.scat_Cromer_Mann_b1 
_atom_type.scat_Cromer_Mann_b2 
_atom_type.scat_Cromer_Mann_b3 
_atom_type.scat_Cromer_Mann_b4 
_atom_type.scat_Cromer_Mann_c 
_atom_type.scat_source 
_atom_type.scat_dispersion_source 
C  ? ? 3.54356 2.42580 ? ? 25.62398 1.50364  ? ? 0.0 
;2-Gaussian fit: Grosse-Kunstleve RW, Sauter NK, Adams PD: Newsletter of the IUCr Commission on Crystallographic Computing 2004, 3, 22-31.
;
? 
N  ? ? 4.01032 2.96436 ? ? 19.97189 1.75589  ? ? 0.0 
;2-Gaussian fit: Grosse-Kunstleve RW, Sauter NK, Adams PD: Newsletter of the IUCr Commission on Crystallographic Computing 2004, 3, 22-31.
;
? 
NA ? ? 9.38062 1.54875 ? ? 3.38349  72.32734 ? ? 0.0 
;2-Gaussian fit: Grosse-Kunstleve RW, Sauter NK, Adams PD: Newsletter of the IUCr Commission on Crystallographic Computing 2004, 3, 22-31.
;
? 
O  ? ? 4.49882 3.47563 ? ? 15.80542 1.70748  ? ? 0.0 
;2-Gaussian fit: Grosse-Kunstleve RW, Sauter NK, Adams PD: Newsletter of the IUCr Commission on Crystallographic Computing 2004, 3, 22-31.
;
? 
S  ? ? 9.55732 6.39887 ? ? 1.23737  29.19336 ? ? 0.0 
;2-Gaussian fit: Grosse-Kunstleve RW, Sauter NK, Adams PD: Newsletter of the IUCr Commission on Crystallographic Computing 2004, 3, 22-31.
;
? 
# 
loop_
_atom_site.group_PDB 
_atom_site.id 
_atom_site.type_symbol 
_atom_site.label_atom_id 
_atom_site.label_alt_id 
_atom_site.label_comp_id 
_atom_site.label_asym_id 
_atom_site.label_entity_id 
_atom_site.label_seq_id 
_atom_site.pdbx_PDB_ins_code 
_atom_site.Cartn_x 
_atom_site.Cartn_y 
_atom_site.Cartn_z 
_atom_site.occupancy 
_atom_site.B_iso_or_equiv 
_atom_site.pdbx_formal_charge 
_atom_site.auth_seq_id 
_atom_site.auth_comp_id 
_atom_site.auth_asym_id 
_atom_site.auth_atom_id 
_atom_site.pdbx_PDB_model_num 
ATOM   1    N  N   . ASP A 1 1   ? -11.33197 -3.96537  -0.45303  1.000 28.39929 ? 1   ASP A N   1 
ATOM   2    C  CA  . ASP A 1 1   ? -11.40088 -3.44675  0.91905   1.000 29.74300 ? 1   ASP A CA  1 
ATOM   3    C  C   . ASP A 1 1   ? -10.10836 -3.77561  1.62241   1.000 29.26490 ? 1   ASP A C   1 
ATOM   4    O  O   . ASP A 1 1   ? -9.23355  -4.42379  1.03268   1.000 26.75806 ? 1   ASP A O   1 
ATOM   5    C  CB  . ASP A 1 1   ? -12.61765 -4.00360  1.67576   1.000 28.62509 ? 1   ASP A CB  1 
ATOM   6    C  CG  . ASP A 1 1   ? -12.59034 -5.52291  1.86055   1.000 38.48140 ? 1   ASP A CG  1 
ATOM   7    O  OD1 . ASP A 1 1   ? -11.52242 -6.16961  1.84500   1.000 32.44415 ? 1   ASP A OD1 1 
ATOM   8    O  OD2 . ASP A 1 1   ? -13.69122 -6.08437  2.03432   1.000 43.85827 ? 1   ASP A OD2 1 
ATOM   9    N  N   . LEU A 1 2   ? -9.96874  -3.35093  2.88495   1.000 29.85149 ? 2   LEU A N   1 
ATOM   10   C  CA  . LEU A 1 2   ? -8.66602  -3.51294  3.51764   1.000 32.04499 ? 2   LEU A CA  1 
ATOM   11   C  C   . LEU A 1 2   ? -8.35189  -4.97293  3.78704   1.000 27.69871 ? 2   LEU A C   1 
ATOM   12   O  O   . LEU A 1 2   ? -7.17449  -5.33942  3.79974   1.000 28.84695 ? 2   LEU A O   1 
ATOM   13   C  CB  . LEU A 1 2   ? -8.54473  -2.71322  4.81723   1.000 39.18341 ? 2   LEU A CB  1 
ATOM   14   C  CG  . LEU A 1 2   ? -9.29638  -3.18782  6.04634   1.000 40.68627 ? 2   LEU A CG  1 
ATOM   15   C  CD1 . LEU A 1 2   ? -8.80340  -2.54150  7.34154   1.000 42.88329 ? 2   LEU A CD1 1 
ATOM   16   C  CD2 . LEU A 1 2   ? -10.67470 -2.69151  5.81335   1.000 52.51488 ? 2   LEU A CD2 1 
ATOM   17   N  N   . TRP A 1 3   ? -9.36969  -5.81715  3.98701   1.000 27.68784 ? 3   TRP A N   1 
ATOM   18   C  CA  . TRP A 1 3   ? -9.08449  -7.24215  4.09574   1.000 30.15591 ? 3   TRP A CA  1 
ATOM   19   C  C   . TRP A 1 3   ? -8.44373  -7.75572  2.81328   1.000 30.87153 ? 3   TRP A C   1 
ATOM   20   O  O   . TRP A 1 3   ? -7.51287  -8.56370  2.85216   1.000 27.80033 ? 3   TRP A O   1 
ATOM   21   C  CB  . TRP A 1 3   ? -10.34953 -8.04707  4.43228   1.000 31.86212 ? 3   TRP A CB  1 
ATOM   22   C  CG  . TRP A 1 3   ? -10.68083 -7.97125  5.89958   1.000 42.74730 ? 3   TRP A CG  1 
ATOM   23   C  CD1 . TRP A 1 3   ? -10.44552 -8.94285  6.83146   1.000 43.51823 ? 3   TRP A CD1 1 
ATOM   24   C  CD2 . TRP A 1 3   ? -11.41265 -6.94423  6.58037   1.000 37.46881 ? 3   TRP A CD2 1 
ATOM   25   N  NE1 . TRP A 1 3   ? -10.89438 -8.54493  8.06190   1.000 44.56467 ? 3   TRP A NE1 1 
ATOM   26   C  CE2 . TRP A 1 3   ? -11.50921 -7.32968  7.93590   1.000 45.86418 ? 3   TRP A CE2 1 
ATOM   27   C  CE3 . TRP A 1 3   ? -11.97395 -5.73155  6.18666   1.000 43.41686 ? 3   TRP A CE3 1 
ATOM   28   C  CZ2 . TRP A 1 3   ? -12.13159 -6.54158  8.89689   1.000 40.44527 ? 3   TRP A CZ2 1 
ATOM   29   C  CZ3 . TRP A 1 3   ? -12.60313 -4.95203  7.14520   1.000 44.85156 ? 3   TRP A CZ3 1 
ATOM   30   C  CH2 . TRP A 1 3   ? -12.67118 -5.35974  8.48575   1.000 45.00618 ? 3   TRP A CH2 1 
ATOM   31   N  N   . GLN A 1 4   ? -8.93099  -7.29599  1.66252   1.000 27.85232 ? 4   GLN A N   1 
ATOM   32   C  CA  . GLN A 1 4   ? -8.38123  -7.75052  0.39337   1.000 26.70713 ? 4   GLN A CA  1 
ATOM   33   C  C   . GLN A 1 4   ? -6.97682  -7.21528  0.16131   1.000 26.86176 ? 4   GLN A C   1 
ATOM   34   O  O   . GLN A 1 4   ? -6.08969  -7.95478  -0.28960  1.000 27.78492 ? 4   GLN A O   1 
ATOM   35   C  CB  . GLN A 1 4   ? -9.32153  -7.32983  -0.74247  1.000 25.33914 ? 4   GLN A CB  1 
ATOM   36   C  CG  . GLN A 1 4   ? -10.65300 -8.03731  -0.66260  1.000 30.54245 ? 4   GLN A CG  1 
ATOM   37   C  CD  . GLN A 1 4   ? -11.58505 -7.56684  -1.75013  1.000 29.51333 ? 4   GLN A CD  1 
ATOM   38   O  OE1 . GLN A 1 4   ? -11.87720 -6.38484  -1.83621  1.000 30.22015 ? 4   GLN A OE1 1 
ATOM   39   N  NE2 . GLN A 1 4   ? -12.04234 -8.49376  -2.59824  1.000 33.41046 ? 4   GLN A NE2 1 
ATOM   40   N  N   . PHE A 1 5   ? -6.75554  -5.92379  0.44230   1.000 25.15946 ? 5   PHE A N   1 
ATOM   41   C  CA  . PHE A 1 5   ? -5.42033  -5.36468  0.30258   1.000 25.94622 ? 5   PHE A CA  1 
ATOM   42   C  C   . PHE A 1 5   ? -4.44631  -6.15210  1.16612   1.000 25.84026 ? 5   PHE A C   1 
ATOM   43   O  O   . PHE A 1 5   ? -3.34165  -6.49202  0.72528   1.000 25.31659 ? 5   PHE A O   1 
ATOM   44   C  CB  . PHE A 1 5   ? -5.44880  -3.89045  0.70217   1.000 26.74851 ? 5   PHE A CB  1 
ATOM   45   C  CG  . PHE A 1 5   ? -4.14807  -3.15514  0.51138   1.000 22.38207 ? 5   PHE A CG  1 
ATOM   46   C  CD1 . PHE A 1 5   ? -3.24049  -3.50133  -0.48651  1.000 23.14902 ? 5   PHE A CD1 1 
ATOM   47   C  CD2 . PHE A 1 5   ? -3.84094  -2.09342  1.34152   1.000 26.95747 ? 5   PHE A CD2 1 
ATOM   48   C  CE1 . PHE A 1 5   ? -2.05889  -2.81704  -0.66011  1.000 22.99093 ? 5   PHE A CE1 1 
ATOM   49   C  CE2 . PHE A 1 5   ? -2.64930  -1.40361  1.19043   1.000 28.76406 ? 5   PHE A CE2 1 
ATOM   50   C  CZ  . PHE A 1 5   ? -1.75101  -1.75810  0.18805   1.000 25.09469 ? 5   PHE A CZ  1 
ATOM   51   N  N   . GLY A 1 6   ? -4.87117  -6.49330  2.38647   1.000 26.96288 ? 6   GLY A N   1 
ATOM   52   C  CA  . GLY A 1 6   ? -4.01719  -7.29362  3.25377   1.000 28.47125 ? 6   GLY A CA  1 
ATOM   53   C  C   . GLY A 1 6   ? -3.65742  -8.63839  2.65357   1.000 27.17583 ? 6   GLY A C   1 
ATOM   54   O  O   . GLY A 1 6   ? -2.50682  -9.08000  2.73840   1.000 27.01027 ? 6   GLY A O   1 
ATOM   55   N  N   . GLN A 1 7   ? -4.63292  -9.30737  2.03075   1.000 26.56273 ? 7   GLN A N   1 
ATOM   56   C  CA  . GLN A 1 7   ? -4.35804  -10.61421 1.44633   1.000 30.59847 ? 7   GLN A CA  1 
ATOM   57   C  C   . GLN A 1 7   ? -3.39308  -10.48694 0.27294   1.000 30.58845 ? 7   GLN A C   1 
ATOM   58   O  O   . GLN A 1 7   ? -2.50057  -11.32088 0.10127   1.000 31.09024 ? 7   GLN A O   1 
ATOM   59   C  CB  . GLN A 1 7   ? -5.66911  -11.27835 1.01252   1.000 35.97263 ? 7   GLN A CB  1 
ATOM   60   N  N   . MET A 1 8   ? -3.54493  -9.42248  -0.52551  1.000 28.94497 ? 8   MET A N   1 
ATOM   61   C  CA  . MET A 1 8   ? -2.63111  -9.15060  -1.63001  1.000 29.15828 ? 8   MET A CA  1 
ATOM   62   C  C   . MET A 1 8   ? -1.21267  -8.97060  -1.13842  1.000 29.30619 ? 8   MET A C   1 
ATOM   63   O  O   . MET A 1 8   ? -0.25180  -9.46797  -1.73812  1.000 29.37774 ? 8   MET A O   1 
ATOM   64   C  CB  . MET A 1 8   ? -3.06743  -7.86715  -2.32220  1.000 32.39480 ? 8   MET A CB  1 
ATOM   65   C  CG  . MET A 1 8   ? -3.95233  -8.06269  -3.46218  1.000 30.69270 ? 8   MET A CG  1 
ATOM   66   S  SD  . MET A 1 8   ? -4.07223  -6.51587  -4.35614  1.000 28.45409 ? 8   MET A SD  1 
ATOM   67   C  CE  . MET A 1 8   ? -5.74184  -6.73401  -5.01140  1.000 30.17204 ? 8   MET A CE  1 
ATOM   68   N  N   . ILE A 1 9   ? -1.06060  -8.19336  -0.07343  1.000 26.04278 ? 9   ILE A N   1 
ATOM   69   C  CA  . ILE A 1 9   ? 0.25165   -7.97587  0.49909   1.000 27.48834 ? 9   ILE A CA  1 
ATOM   70   C  C   . ILE A 1 9   ? 0.85027   -9.29831  0.92620   1.000 27.64634 ? 9   ILE A C   1 
ATOM   71   O  O   . ILE A 1 9   ? 2.02852   -9.57009  0.66900   1.000 29.40581 ? 9   ILE A O   1 
ATOM   72   C  CB  . ILE A 1 9   ? 0.15328   -6.99915  1.67638   1.000 26.98107 ? 9   ILE A CB  1 
ATOM   73   C  CG1 . ILE A 1 9   ? -0.22724  -5.62497  1.14338   1.000 24.26469 ? 9   ILE A CG1 1 
ATOM   74   C  CG2 . ILE A 1 9   ? 1.47825   -6.92079  2.43077   1.000 25.42184 ? 9   ILE A CG2 1 
ATOM   75   C  CD1 . ILE A 1 9   ? -0.58976  -4.64856  2.24486   1.000 25.14228 ? 9   ILE A CD1 1 
ATOM   76   N  N   . LEU A 1 10  ? 0.05617   -10.12199 1.61560   1.000 27.27614 ? 10  LEU A N   1 
ATOM   77   C  CA  . LEU A 1 10  ? 0.57308   -11.40788 2.07540   1.000 28.61398 ? 10  LEU A CA  1 
ATOM   78   C  C   . LEU A 1 10  ? 0.97247   -12.28624 0.89624   1.000 31.13566 ? 10  LEU A C   1 
ATOM   79   O  O   . LEU A 1 10  ? 2.04746   -12.89987 0.90647   1.000 29.56120 ? 10  LEU A O   1 
ATOM   80   C  CB  . LEU A 1 10  ? -0.46113  -12.10587 2.95788   1.000 30.11902 ? 10  LEU A CB  1 
ATOM   81   C  CG  . LEU A 1 10  ? -0.03663  -13.47717 3.48699   1.000 31.75902 ? 10  LEU A CG  1 
ATOM   82   C  CD1 . LEU A 1 10  ? 1.23492   -13.33685 4.30036   1.000 33.57815 ? 10  LEU A CD1 1 
ATOM   83   C  CD2 . LEU A 1 10  ? -1.15475  -14.03061 4.34308   1.000 34.81667 ? 10  LEU A CD2 1 
ATOM   84   N  N   . LYS A 1 11  ? 0.11772   -12.34989 -0.13151  1.000 30.61413 ? 11  LYS A N   1 
ATOM   85   C  CA  . LYS A 1 11  ? 0.41034   -13.16230 -1.31008  1.000 32.88288 ? 11  LYS A CA  1 
ATOM   86   C  C   . LYS A 1 11  ? 1.66718   -12.67767 -2.02480  1.000 36.59438 ? 11  LYS A C   1 
ATOM   87   O  O   . LYS A 1 11  ? 2.48433   -13.48908 -2.47917  1.000 37.02725 ? 11  LYS A O   1 
ATOM   88   C  CB  . LYS A 1 11  ? -0.78083  -13.14714 -2.26974  1.000 33.84347 ? 11  LYS A CB  1 
ATOM   89   C  CG  . LYS A 1 11  ? -2.05328  -13.79584 -1.74252  1.000 42.18339 ? 11  LYS A CG  1 
ATOM   90   C  CD  . LYS A 1 11  ? -3.26519  -13.43887 -2.61216  1.000 53.53769 ? 11  LYS A CD  1 
ATOM   91   C  CE  . LYS A 1 11  ? -4.44524  -14.37311 -2.37610  1.000 55.36777 ? 11  LYS A CE  1 
ATOM   92   N  NZ  . LYS A 1 11  ? -4.37273  -15.58876 -3.24168  1.000 60.25624 ? 11  LYS A NZ  1 
ATOM   93   N  N   . GLU A 1 12  ? 1.84017   -11.35923 -2.14553  1.000 31.90047 ? 12  GLU A N   1 
ATOM   94   C  CA  . GLU A 1 12  ? 2.96139   -10.83458 -2.91804  1.000 28.93959 ? 12  GLU A CA  1 
ATOM   95   C  C   . GLU A 1 12  ? 4.26438   -10.81704 -2.14028  1.000 32.79259 ? 12  GLU A C   1 
ATOM   96   O  O   . GLU A 1 12  ? 5.33360   -10.97256 -2.73919  1.000 37.97983 ? 12  GLU A O   1 
ATOM   97   C  CB  . GLU A 1 12  ? 2.67951   -9.40934  -3.39820  1.000 31.30562 ? 12  GLU A CB  1 
ATOM   98   C  CG  . GLU A 1 12  ? 1.69592   -9.30915  -4.52217  1.000 28.68596 ? 12  GLU A CG  1 
ATOM   99   C  CD  . GLU A 1 12  ? 2.16845   -10.02180 -5.77443  1.000 40.10572 ? 12  GLU A CD  1 
ATOM   100  O  OE1 . GLU A 1 12  ? 3.39875   -10.15424 -5.97637  1.000 41.65110 ? 12  GLU A OE1 1 
ATOM   101  O  OE2 . GLU A 1 12  ? 1.29799   -10.44350 -6.55282  1.000 40.32643 ? 12  GLU A OE2 1 
ATOM   102  N  N   . THR A 1 13  ? 4.21455   -10.58503 -0.82871  1.000 29.88287 ? 13  THR A N   1 
ATOM   103  C  CA  . THR A 1 13  ? 5.43924   -10.40820 -0.06273  1.000 29.22542 ? 13  THR A CA  1 
ATOM   104  C  C   . THR A 1 13  ? 5.76748   -11.57822 0.83848   1.000 30.75330 ? 13  THR A C   1 
ATOM   105  O  O   . THR A 1 13  ? 6.90207   -11.65857 1.31575   1.000 34.28932 ? 13  THR A O   1 
ATOM   106  C  CB  . THR A 1 13  ? 5.36542   -9.16275  0.82603   1.000 28.98410 ? 13  THR A CB  1 
ATOM   107  O  OG1 . THR A 1 13  ? 4.41037   -9.38814  1.86945   1.000 31.04205 ? 13  THR A OG1 1 
ATOM   108  C  CG2 . THR A 1 13  ? 4.96742   -7.92641  0.00267   1.000 28.74601 ? 13  THR A CG2 1 
ATOM   109  N  N   . GLY A 1 14  ? 4.79992   -12.44138 1.12079   1.000 33.58396 ? 14  GLY A N   1 
ATOM   110  C  CA  . GLY A 1 14  ? 4.99003   -13.43903 2.15583   1.000 37.32991 ? 14  GLY A CA  1 
ATOM   111  C  C   . GLY A 1 14  ? 5.02342   -12.90030 3.56537   1.000 40.30277 ? 14  GLY A C   1 
ATOM   112  O  O   . GLY A 1 14  ? 5.33621   -13.64947 4.49611   1.000 38.35680 ? 14  GLY A O   1 
ATOM   113  N  N   . LYS A 1 15  ? 4.73418   -11.61988 3.75789   1.000 31.28724 ? 15  LYS A N   1 
ATOM   114  C  CA  . LYS A 1 15  ? 4.71676   -10.99930 5.07338   1.000 35.01971 ? 15  LYS A CA  1 
ATOM   115  C  C   . LYS A 1 15  ? 3.27634   -10.68359 5.45271   1.000 36.12249 ? 15  LYS A C   1 
ATOM   116  O  O   . LYS A 1 15  ? 2.48755   -10.24532 4.60916   1.000 31.06519 ? 15  LYS A O   1 
ATOM   117  C  CB  . LYS A 1 15  ? 5.51398   -9.69975  5.08360   1.000 32.81633 ? 15  LYS A CB  1 
ATOM   118  C  CG  . LYS A 1 15  ? 6.99027   -9.80768  4.74226   1.000 33.60000 ? 15  LYS A CG  1 
ATOM   119  C  CD  . LYS A 1 15  ? 7.69319   -8.51722  5.15324   1.000 37.29551 ? 15  LYS A CD  1 
ATOM   120  C  CE  . LYS A 1 15  ? 9.14900   -8.48552  4.73357   1.000 42.20273 ? 15  LYS A CE  1 
ATOM   121  N  NZ  . LYS A 1 15  ? 10.02894  -8.84206  5.88314   1.000 51.26462 ? 15  LYS A NZ  1 
ATOM   122  N  N   . LEU A 1 16  ? 2.93702   -10.86572 6.72257   1.000 30.08199 ? 16  LEU A N   1 
ATOM   123  C  CA  . LEU A 1 16  ? 1.63733   -10.40881 7.18803   1.000 28.67720 ? 16  LEU A CA  1 
ATOM   124  C  C   . LEU A 1 16  ? 1.58663   -8.88627  7.06867   1.000 30.75652 ? 16  LEU A C   1 
ATOM   125  O  O   . LEU A 1 16  ? 2.59627   -8.21009  7.30707   1.000 30.34627 ? 16  LEU A O   1 
ATOM   126  C  CB  . LEU A 1 16  ? 1.38184   -10.80704 8.64818   1.000 34.64844 ? 16  LEU A CB  1 
ATOM   127  C  CG  . LEU A 1 16  ? 0.87221   -12.22056 8.95533   1.000 43.00460 ? 16  LEU A CG  1 
ATOM   128  C  CD1 . LEU A 1 16  ? -0.49245  -12.45867 8.35156   1.000 39.16092 ? 16  LEU A CD1 1 
ATOM   129  C  CD2 . LEU A 1 16  ? 1.86598   -13.27265 8.52031   1.000 53.05171 ? 16  LEU A CD2 1 
ATOM   130  N  N   . PRO A 1 17  ? 0.45825   -8.31459  6.64303   1.000 30.58667 ? 17  PRO A N   1 
ATOM   131  C  CA  . PRO A 1 17  ? 0.41257   -6.85312  6.47395   1.000 32.64944 ? 17  PRO A CA  1 
ATOM   132  C  C   . PRO A 1 17  ? 0.57873   -6.10399  7.78044   1.000 29.68981 ? 17  PRO A C   1 
ATOM   133  O  O   . PRO A 1 17  ? 1.14046   -5.00518  7.78276   1.000 27.83681 ? 17  PRO A O   1 
ATOM   134  C  CB  . PRO A 1 17  ? -0.96832  -6.60414  5.84860   1.000 33.21959 ? 17  PRO A CB  1 
ATOM   135  C  CG  . PRO A 1 17  ? -1.76838  -7.79548  6.21554   1.000 32.40268 ? 17  PRO A CG  1 
ATOM   136  C  CD  . PRO A 1 17  ? -0.80167  -8.94909  6.23126   1.000 31.45285 ? 17  PRO A CD  1 
ATOM   137  N  N   . PHE A 1 18  ? 0.09087   -6.66265  8.88585   1.000 32.74734 ? 18  PHE A N   1 
ATOM   138  C  CA  . PHE A 1 18  ? 0.36858   -6.18437  10.22826  1.000 33.22894 ? 18  PHE A CA  1 
ATOM   139  C  C   . PHE A 1 18  ? 1.31523   -7.16165  10.89343  1.000 30.70055 ? 18  PHE A C   1 
ATOM   140  O  O   . PHE A 1 18  ? 1.01489   -8.36360  10.92571  1.000 30.31876 ? 18  PHE A O   1 
ATOM   141  C  CB  . PHE A 1 18  ? -0.92703  -6.07849  11.03561  1.000 30.65968 ? 18  PHE A CB  1 
ATOM   142  C  CG  . PHE A 1 18  ? -0.71068  -5.71849  12.48515  1.000 31.66519 ? 18  PHE A CG  1 
ATOM   143  C  CD1 . PHE A 1 18  ? -0.61428  -4.39526  12.86026  1.000 35.99066 ? 18  PHE A CD1 1 
ATOM   144  C  CD2 . PHE A 1 18  ? -0.60574  -6.69464  13.44934  1.000 34.36130 ? 18  PHE A CD2 1 
ATOM   145  C  CE1 . PHE A 1 18  ? -0.42259  -4.04378  14.18277  1.000 35.76334 ? 18  PHE A CE1 1 
ATOM   146  C  CE2 . PHE A 1 18  ? -0.41389  -6.35218  14.79065  1.000 38.10625 ? 18  PHE A CE2 1 
ATOM   147  C  CZ  . PHE A 1 18  ? -0.32973  -5.01404  15.14368  1.000 28.66508 ? 18  PHE A CZ  1 
ATOM   148  N  N   . PRO A 1 19  ? 2.45980   -6.71265  11.42134  1.000 28.31723 ? 19  PRO A N   1 
ATOM   149  C  CA  . PRO A 1 19  ? 2.89555   -5.31203  11.53425  1.000 28.59798 ? 19  PRO A CA  1 
ATOM   150  C  C   . PRO A 1 19  ? 3.78421   -4.78674  10.40176  1.000 28.05163 ? 19  PRO A C   1 
ATOM   151  O  O   . PRO A 1 19  ? 4.18205   -3.61718  10.43028  1.000 30.13803 ? 19  PRO A O   1 
ATOM   152  C  CB  . PRO A 1 19  ? 3.71547   -5.33216  12.82367  1.000 31.78483 ? 19  PRO A CB  1 
ATOM   153  C  CG  . PRO A 1 19  ? 4.39897   -6.67013  12.74747  1.000 32.73668 ? 19  PRO A CG  1 
ATOM   154  C  CD  . PRO A 1 19  ? 3.39273   -7.62173  12.11122  1.000 31.87158 ? 19  PRO A CD  1 
ATOM   155  N  N   . TYR A 1 20  ? 4.13914   -5.63884  9.44199   1.000 26.38351 ? 20  TYR A N   1 
ATOM   156  C  CA  . TYR A 1 20  ? 5.26098   -5.32475  8.55869   1.000 24.09443 ? 20  TYR A CA  1 
ATOM   157  C  C   . TYR A 1 20  ? 4.99639   -4.13515  7.65572   1.000 26.92803 ? 20  TYR A C   1 
ATOM   158  O  O   . TYR A 1 20  ? 5.94456   -3.42214  7.29859   1.000 26.36732 ? 20  TYR A O   1 
ATOM   159  C  CB  . TYR A 1 20  ? 5.61633   -6.53959  7.70228   1.000 25.50045 ? 20  TYR A CB  1 
ATOM   160  C  CG  . TYR A 1 20  ? 6.19086   -7.64758  8.52833   1.000 31.27812 ? 20  TYR A CG  1 
ATOM   161  C  CD1 . TYR A 1 20  ? 7.50654   -7.59692  8.93526   1.000 37.17268 ? 20  TYR A CD1 1 
ATOM   162  C  CD2 . TYR A 1 20  ? 5.42189   -8.73294  8.91263   1.000 34.83228 ? 20  TYR A CD2 1 
ATOM   163  C  CE1 . TYR A 1 20  ? 8.04557   -8.59263  9.70699   1.000 38.85669 ? 20  TYR A CE1 1 
ATOM   164  C  CE2 . TYR A 1 20  ? 5.96421   -9.75470  9.69348   1.000 35.77104 ? 20  TYR A CE2 1 
ATOM   165  C  CZ  . TYR A 1 20  ? 7.27997   -9.67157  10.07671  1.000 45.07910 ? 20  TYR A CZ  1 
ATOM   166  O  OH  . TYR A 1 20  ? 7.85036   -10.65481 10.85162  1.000 43.34143 ? 20  TYR A OH  1 
ATOM   167  N  N   . TYR A 1 21  ? 3.74714   -3.93712  7.23496   1.000 27.79080 ? 21  TYR A N   1 
ATOM   168  C  CA  . TYR A 1 21  ? 3.41008   -2.82382  6.35342   1.000 27.54067 ? 21  TYR A CA  1 
ATOM   169  C  C   . TYR A 1 21  ? 2.42971   -1.84839  6.99090   1.000 28.27318 ? 21  TYR A C   1 
ATOM   170  O  O   . TYR A 1 21  ? 1.91217   -0.95930  6.30447   1.000 33.86123 ? 21  TYR A O   1 
ATOM   171  C  CB  . TYR A 1 21  ? 2.88116   -3.35764  5.01721   1.000 25.85270 ? 21  TYR A CB  1 
ATOM   172  C  CG  . TYR A 1 21  ? 3.98368   -4.06150  4.25743   1.000 24.55367 ? 21  TYR A CG  1 
ATOM   173  C  CD1 . TYR A 1 21  ? 4.94038   -3.33602  3.57228   1.000 25.59283 ? 21  TYR A CD1 1 
ATOM   174  C  CD2 . TYR A 1 21  ? 4.08137   -5.45427  4.25086   1.000 24.19868 ? 21  TYR A CD2 1 
ATOM   175  C  CE1 . TYR A 1 21  ? 5.97546   -3.96786  2.89822   1.000 23.55863 ? 21  TYR A CE1 1 
ATOM   176  C  CE2 . TYR A 1 21  ? 5.09383   -6.09128  3.56785   1.000 27.33528 ? 21  TYR A CE2 1 
ATOM   177  C  CZ  . TYR A 1 21  ? 6.04634   -5.34721  2.90409   1.000 25.05963 ? 21  TYR A CZ  1 
ATOM   178  O  OH  . TYR A 1 21  ? 7.05670   -5.97578  2.22827   1.000 28.19878 ? 21  TYR A OH  1 
ATOM   179  N  N   . THR A 1 22  ? 2.17448   -1.97279  8.28636   1.000 28.62092 ? 22  THR A N   1 
ATOM   180  C  CA  . THR A 1 22  ? 1.36941   -1.00493  9.00458   1.000 28.08028 ? 22  THR A CA  1 
ATOM   181  C  C   . THR A 1 22  ? 2.18475   -0.11902  9.91647   1.000 31.61272 ? 22  THR A C   1 
ATOM   182  O  O   . THR A 1 22  ? 1.66441   0.89399   10.38928  1.000 32.27417 ? 22  THR A O   1 
ATOM   183  C  CB  . THR A 1 22  ? 0.27932   -1.70550  9.82282   1.000 36.58692 ? 22  THR A CB  1 
ATOM   184  O  OG1 . THR A 1 22  ? 0.90104   -2.51836  10.82894  1.000 36.54891 ? 22  THR A OG1 1 
ATOM   185  C  CG2 . THR A 1 22  ? -0.62332  -2.54436  8.92417   1.000 35.53320 ? 22  THR A CG2 1 
ATOM   186  N  N   . THR A 1 23  ? 3.44220   -0.45033  10.17201  1.000 25.75416 ? 23  THR A N   1 
ATOM   187  C  CA  . THR A 1 23  ? 4.20182   0.40520   11.06276  1.000 29.57399 ? 23  THR A CA  1 
ATOM   188  C  C   . THR A 1 23  ? 5.62220   0.62907   10.55942  1.000 34.27197 ? 23  THR A C   1 
ATOM   189  O  O   . THR A 1 23  ? 6.58016   0.68018   11.33915  1.000 47.08064 ? 23  THR A O   1 
ATOM   190  C  CB  . THR A 1 23  ? 4.18539   -0.15509  12.48066  1.000 41.75786 ? 23  THR A CB  1 
ATOM   191  O  OG1 . THR A 1 23  ? 4.75193   0.81510   13.36887  1.000 41.78463 ? 23  THR A OG1 1 
ATOM   192  C  CG2 . THR A 1 23  ? 4.93253   -1.46317  12.55561  1.000 38.51157 ? 23  THR A CG2 1 
ATOM   193  N  N   . TYR A 1 24  ? 5.76794   0.90433   9.26974   1.000 26.24251 ? 24  TYR A N   1 
ATOM   194  C  CA  . TYR A 1 24  ? 7.06665   0.94665   8.62611   1.000 25.41052 ? 24  TYR A CA  1 
ATOM   195  C  C   . TYR A 1 24  ? 7.33797   2.34298   8.10181   1.000 25.05815 ? 24  TYR A C   1 
ATOM   196  O  O   . TYR A 1 24  ? 6.50809   2.90553   7.38845   1.000 25.65426 ? 24  TYR A O   1 
ATOM   197  C  CB  . TYR A 1 24  ? 7.12222   -0.03400  7.46543   1.000 26.94739 ? 24  TYR A CB  1 
ATOM   198  C  CG  . TYR A 1 24  ? 8.47388   -0.15323  6.79767   1.000 26.85337 ? 24  TYR A CG  1 
ATOM   199  C  CD1 . TYR A 1 24  ? 8.85303   0.72279   5.78285   1.000 26.85848 ? 24  TYR A CD1 1 
ATOM   200  C  CD2 . TYR A 1 24  ? 9.32908   -1.18204  7.12012   1.000 27.47221 ? 24  TYR A CD2 1 
ATOM   201  C  CE1 . TYR A 1 24  ? 10.08098  0.59746   5.14353   1.000 26.89555 ? 24  TYR A CE1 1 
ATOM   202  C  CE2 . TYR A 1 24  ? 10.54438  -1.32214  6.48909   1.000 29.90619 ? 24  TYR A CE2 1 
ATOM   203  C  CZ  . TYR A 1 24  ? 10.91589  -0.43955  5.50005   1.000 30.95797 ? 24  TYR A CZ  1 
ATOM   204  O  OH  . TYR A 1 24  ? 12.13886  -0.58672  4.87050   1.000 31.60121 ? 24  TYR A OH  1 
ATOM   205  N  N   . GLY A 1 25  ? 8.49801   2.89084   8.44825   1.000 24.66275 ? 25  GLY A N   1 
ATOM   206  C  CA  . GLY A 1 25  ? 8.85503   4.16854   7.86105   1.000 24.34732 ? 25  GLY A CA  1 
ATOM   207  C  C   . GLY A 1 25  ? 7.87669   5.25791   8.24925   1.000 28.03138 ? 25  GLY A C   1 
ATOM   208  O  O   . GLY A 1 25  ? 7.24028   5.22128   9.29971   1.000 24.05172 ? 25  GLY A O   1 
ATOM   209  N  N   . CYS A 1 26  ? 7.72981   6.24382   7.36387   1.000 23.69770 ? 26  CYS A N   1 
ATOM   210  C  CA  . CYS A 1 26  ? 6.87235   7.38613   7.63690   1.000 27.48482 ? 26  CYS A CA  1 
ATOM   211  C  C   . CYS A 1 26  ? 5.48531   7.28023   7.03165   1.000 26.62839 ? 26  CYS A C   1 
ATOM   212  O  O   . CYS A 1 26  ? 4.58533   7.99744   7.48441   1.000 24.15414 ? 26  CYS A O   1 
ATOM   213  C  CB  . CYS A 1 26  ? 7.52260   8.67005   7.12117   1.000 26.72693 ? 26  CYS A CB  1 
ATOM   214  S  SG  . CYS A 1 26  ? 8.99959   9.06539   8.10267   1.000 30.82954 ? 26  CYS A SG  1 
ATOM   215  N  N   . TYR A 1 27  ? 5.29245   6.42731   6.01182   1.000 23.44408 ? 27  TYR A N   1 
ATOM   216  C  CA  . TYR A 1 27  ? 4.02567   6.37581   5.30093   1.000 22.39414 ? 27  TYR A CA  1 
ATOM   217  C  C   . TYR A 1 27  ? 3.34327   5.02238   5.32649   1.000 23.14496 ? 27  TYR A C   1 
ATOM   218  O  O   . TYR A 1 27  ? 2.16343   4.94938   4.95847   1.000 25.98798 ? 27  TYR A O   1 
ATOM   219  C  CB  . TYR A 1 27  ? 4.21399   6.81490   3.83621   1.000 22.10202 ? 27  TYR A CB  1 
ATOM   220  C  CG  . TYR A 1 27  ? 4.27412   8.31816   3.82006   1.000 23.71895 ? 27  TYR A CG  1 
ATOM   221  C  CD1 . TYR A 1 27  ? 5.48638   8.97190   3.95123   1.000 27.57346 ? 27  TYR A CD1 1 
ATOM   222  C  CD2 . TYR A 1 27  ? 3.11271   9.06128   3.81036   1.000 26.00163 ? 27  TYR A CD2 1 
ATOM   223  C  CE1 . TYR A 1 27  ? 5.53246   10.35707  4.01140   1.000 29.69217 ? 27  TYR A CE1 1 
ATOM   224  C  CE2 . TYR A 1 27  ? 3.14328   10.43786  3.85756   1.000 28.65592 ? 27  TYR A CE2 1 
ATOM   225  C  CZ  . TYR A 1 27  ? 4.34624   11.07828  3.95676   1.000 32.11777 ? 27  TYR A CZ  1 
ATOM   226  O  OH  . TYR A 1 27  ? 4.33136   12.45584  4.01140   1.000 30.90066 ? 27  TYR A OH  1 
ATOM   227  N  N   . CYS A 1 28  ? 4.02031   3.96643   5.76065   1.000 24.36402 ? 28  CYS A N   1 
ATOM   228  C  CA  . CYS A 1 28  ? 3.37449   2.65522   5.85885   1.000 25.79866 ? 28  CYS A CA  1 
ATOM   229  C  C   . CYS A 1 28  ? 2.64273   2.60535   7.18385   1.000 29.68112 ? 28  CYS A C   1 
ATOM   230  O  O   . CYS A 1 28  ? 3.21158   2.26957   8.22733   1.000 33.92544 ? 28  CYS A O   1 
ATOM   231  C  CB  . CYS A 1 28  ? 4.36923   1.51178   5.70962   1.000 27.81033 ? 28  CYS A CB  1 
ATOM   232  S  SG  . CYS A 1 28  ? 5.22162   1.46466   4.13032   1.000 26.94675 ? 28  CYS A SG  1 
ATOM   233  N  N   . GLY A 1 29  ? 1.37957   2.93003   7.12929   1.000 27.99141 ? 29  GLY A N   1 
ATOM   234  C  CA  . GLY A 1 29  ? 0.60154   3.20472   8.31139   1.000 30.28105 ? 29  GLY A CA  1 
ATOM   235  C  C   . GLY A 1 29  ? -0.47717  4.18640   7.92137   1.000 29.86659 ? 29  GLY A C   1 
ATOM   236  O  O   . GLY A 1 29  ? -0.68810  4.46031   6.74327   1.000 30.75435 ? 29  GLY A O   1 
ATOM   237  N  N   . TRP A 1 30  ? -1.16994  4.69011   8.93145   1.000 29.94415 ? 30  TRP A N   1 
ATOM   238  C  CA  . TRP A 1 30  ? -2.27547  5.60382   8.68855   1.000 28.84214 ? 30  TRP A CA  1 
ATOM   239  C  C   . TRP A 1 30  ? -1.73638  6.94324   8.23107   1.000 28.57621 ? 30  TRP A C   1 
ATOM   240  O  O   . TRP A 1 30  ? -1.06149  7.63351   8.99819   1.000 31.10089 ? 30  TRP A O   1 
ATOM   241  C  CB  . TRP A 1 30  ? -3.08452  5.76702   9.95887   1.000 30.10723 ? 30  TRP A CB  1 
ATOM   242  C  CG  . TRP A 1 30  ? -4.24553  6.65069   9.85841   1.000 32.80435 ? 30  TRP A CG  1 
ATOM   243  C  CD1 . TRP A 1 30  ? -5.18929  6.68034   8.87539   1.000 32.34706 ? 30  TRP A CD1 1 
ATOM   244  C  CD2 . TRP A 1 30  ? -4.61979  7.62958   10.81677  1.000 30.77318 ? 30  TRP A CD2 1 
ATOM   245  N  NE1 . TRP A 1 30  ? -6.12997  7.64180   9.16637   1.000 34.75840 ? 30  TRP A NE1 1 
ATOM   246  C  CE2 . TRP A 1 30  ? -5.80466  8.23159   10.35860  1.000 34.17276 ? 30  TRP A CE2 1 
ATOM   247  C  CE3 . TRP A 1 30  ? -4.06964  8.05212   12.02816  1.000 33.55407 ? 30  TRP A CE3 1 
ATOM   248  C  CZ2 . TRP A 1 30  ? -6.44157  9.24423   11.06700  1.000 37.02823 ? 30  TRP A CZ2 1 
ATOM   249  C  CZ3 . TRP A 1 30  ? -4.69635  9.05850   12.72610  1.000 37.99702 ? 30  TRP A CZ3 1 
ATOM   250  C  CH2 . TRP A 1 30  ? -5.87401  9.64013   12.24680  1.000 37.45266 ? 30  TRP A CH2 1 
ATOM   251  N  N   . GLY A 1 31  ? -2.04304  7.31183   6.99123   1.000 27.97367 ? 31  GLY A N   1 
ATOM   252  C  CA  . GLY A 1 31  ? -1.49954  8.55099   6.45008   1.000 30.97208 ? 31  GLY A CA  1 
ATOM   253  C  C   . GLY A 1 31  ? 0.01389   8.57066   6.52592   1.000 31.96600 ? 31  GLY A C   1 
ATOM   254  O  O   . GLY A 1 31  ? 0.68968   7.57108   6.27421   1.000 27.19174 ? 31  GLY A O   1 
ATOM   255  N  N   . GLY A 1 32  ? 0.56411   9.72399   6.87790   1.000 28.51119 ? 32  GLY A N   1 
ATOM   256  C  CA  . GLY A 1 32  ? 1.99515   9.79305   7.09908   1.000 25.10126 ? 32  GLY A CA  1 
ATOM   257  C  C   . GLY A 1 32  ? 2.43103   11.22900  7.18684   1.000 33.03674 ? 32  GLY A C   1 
ATOM   258  O  O   . GLY A 1 32  ? 1.64102   12.14328  6.98964   1.000 29.62886 ? 32  GLY A O   1 
ATOM   259  N  N   . GLN A 1 33  ? 3.70974   11.40227  7.53474   1.000 27.36301 ? 33  GLN A N   1 
ATOM   260  C  CA  . GLN A 1 33  ? 4.31579   12.71715  7.69232   1.000 30.88940 ? 33  GLN A CA  1 
ATOM   261  C  C   . GLN A 1 33  ? 5.69364   12.72425  7.05433   1.000 27.68222 ? 33  GLN A C   1 
ATOM   262  O  O   . GLN A 1 33  ? 6.34760   11.69157  6.93502   1.000 28.63659 ? 33  GLN A O   1 
ATOM   263  C  CB  . GLN A 1 33  ? 4.47793   13.09285  9.16787   1.000 28.99181 ? 33  GLN A CB  1 
ATOM   264  C  CG  . GLN A 1 33  ? 3.19282   13.13922  9.94860   1.000 36.38899 ? 33  GLN A CG  1 
ATOM   265  C  CD  . GLN A 1 33  ? 3.35804   13.86092  11.26303  1.000 37.68160 ? 33  GLN A CD  1 
ATOM   266  O  OE1 . GLN A 1 33  ? 2.49051   14.63426  11.67290  1.000 39.70030 ? 33  GLN A OE1 1 
ATOM   267  N  NE2 . GLN A 1 33  ? 4.48168   13.62294  11.92755  1.000 37.00783 ? 33  GLN A NE2 1 
ATOM   268  N  N   . GLY A 1 34  ? 6.14562   13.90946  6.65647   1.000 30.37531 ? 34  GLY A N   1 
ATOM   269  C  CA  . GLY A 1 34  ? 7.52985   13.96526  6.22727   1.000 27.42064 ? 34  GLY A CA  1 
ATOM   270  C  C   . GLY A 1 34  ? 7.75876   13.31387  4.87819   1.000 29.80037 ? 34  GLY A C   1 
ATOM   271  O  O   . GLY A 1 34  ? 6.88797   13.30227  4.00722   1.000 30.71835 ? 34  GLY A O   1 
ATOM   272  N  N   . GLN A 1 35  ? 8.95662   12.78018  4.70550   1.000 30.39704 ? 35  GLN A N   1 
ATOM   273  C  CA  . GLN A 1 35  ? 9.31762   12.16636  3.43634   1.000 36.61524 ? 35  GLN A CA  1 
ATOM   274  C  C   . GLN A 1 35  ? 9.46803   10.66159  3.56661   1.000 30.90529 ? 35  GLN A C   1 
ATOM   275  O  O   . GLN A 1 35  ? 9.89858   10.15505  4.60548   1.000 31.10656 ? 35  GLN A O   1 
ATOM   276  C  CB  . GLN A 1 35  ? 10.62685  12.73185  2.88208   1.000 44.62852 ? 35  GLN A CB  1 
ATOM   277  C  CG  . GLN A 1 35  ? 10.68277  14.22597  2.89582   1.000 46.36982 ? 35  GLN A CG  1 
ATOM   278  C  CD  . GLN A 1 35  ? 11.64533  14.75331  1.87147   1.000 55.71760 ? 35  GLN A CD  1 
ATOM   279  O  OE1 . GLN A 1 35  ? 12.86141  14.68633  2.05500   1.000 57.84275 ? 35  GLN A OE1 1 
ATOM   280  N  NE2 . GLN A 1 35  ? 11.11006  15.27821  0.77535   1.000 60.15839 ? 35  GLN A NE2 1 
ATOM   281  N  N   . PRO A 1 36  ? 9.13286   9.92393   2.51002   1.000 31.73858 ? 36  PRO A N   1 
ATOM   282  C  CA  . PRO A 1 36  ? 9.37251   8.47926   2.50557   1.000 29.84509 ? 36  PRO A CA  1 
ATOM   283  C  C   . PRO A 1 36  ? 10.83997  8.17239   2.76335   1.000 32.27744 ? 36  PRO A C   1 
ATOM   284  O  O   . PRO A 1 36  ? 11.73586  8.81563   2.21637   1.000 34.25099 ? 36  PRO A O   1 
ATOM   285  C  CB  . PRO A 1 36  ? 8.95392   8.05394   1.09015   1.000 30.05950 ? 36  PRO A CB  1 
ATOM   286  C  CG  . PRO A 1 36  ? 8.04253   9.12317   0.62237   1.000 34.70538 ? 36  PRO A CG  1 
ATOM   287  C  CD  . PRO A 1 36  ? 8.54005   10.39652  1.24900   1.000 36.52393 ? 36  PRO A CD  1 
ATOM   288  N  N   . LYS A 1 37  ? 11.08327  7.17188   3.59512   1.000 26.58881 ? 37  LYS A N   1 
ATOM   289  C  CA  . LYS A 1 37  ? 12.43638  6.88677   4.05248   1.000 28.67169 ? 37  LYS A CA  1 
ATOM   290  C  C   . LYS A 1 37  ? 13.19489  5.91401   3.15849   1.000 34.21367 ? 37  LYS A C   1 
ATOM   291  O  O   . LYS A 1 37  ? 14.42729  5.87140   3.22927   1.000 33.10039 ? 37  LYS A O   1 
ATOM   292  C  CB  . LYS A 1 37  ? 12.39395  6.34736   5.48353   1.000 32.00206 ? 37  LYS A CB  1 
ATOM   293  C  CG  . LYS A 1 37  ? 11.93155  7.37822   6.51223   1.000 32.47732 ? 37  LYS A CG  1 
ATOM   294  C  CD  . LYS A 1 37  ? 12.86604  8.57933   6.55070   1.000 35.18787 ? 37  LYS A CD  1 
ATOM   295  C  CE  . LYS A 1 37  ? 12.17977  9.82132   7.09597   1.000 40.19302 ? 37  LYS A CE  1 
ATOM   296  N  NZ  . LYS A 1 37  ? 13.07708  10.62300  7.98107   1.000 46.90277 ? 37  LYS A NZ  1 
ATOM   297  N  N   . ASP A 1 38  ? 12.50967  5.13654   2.32655   1.000 32.44032 ? 38  ASP A N   1 
ATOM   298  C  CA  . ASP A 1 38  ? 13.15753  4.18543   1.42047   1.000 33.66533 ? 38  ASP A CA  1 
ATOM   299  C  C   . ASP A 1 38  ? 12.11794  3.72764   0.40180   1.000 31.31696 ? 38  ASP A C   1 
ATOM   300  O  O   . ASP A 1 38  ? 11.01955  4.29059   0.31620   1.000 29.22921 ? 38  ASP A O   1 
ATOM   301  C  CB  . ASP A 1 38  ? 13.80306  3.02226   2.18157   1.000 32.84159 ? 38  ASP A CB  1 
ATOM   302  C  CG  . ASP A 1 38  ? 12.79247  2.03257   2.74259   1.000 27.73530 ? 38  ASP A CG  1 
ATOM   303  O  OD1 . ASP A 1 38  ? 11.57422  2.31070   2.70807   1.000 29.75596 ? 38  ASP A OD1 1 
ATOM   304  O  OD2 . ASP A 1 38  ? 13.21943  0.98885   3.26095   1.000 33.03407 ? 38  ASP A OD2 1 
ATOM   305  N  N   . ALA A 1 39  ? 12.46031  2.69875   -0.36988  1.000 30.61117 ? 39  ALA A N   1 
ATOM   306  C  CA  . ALA A 1 39  ? 11.58764  2.31750   -1.47525  1.000 32.16002 ? 39  ALA A CA  1 
ATOM   307  C  C   . ALA A 1 39  ? 10.24524  1.80605   -0.96827  1.000 26.98561 ? 39  ALA A C   1 
ATOM   308  O  O   . ALA A 1 39  ? 9.19117   2.18105   -1.49614  1.000 27.97241 ? 39  ALA A O   1 
ATOM   309  C  CB  . ALA A 1 39  ? 12.27163  1.26712   -2.34899  1.000 34.49198 ? 39  ALA A CB  1 
ATOM   310  N  N   . THR A 1 40  ? 10.26425  0.91800   0.02751   1.000 27.08079 ? 40  THR A N   1 
ATOM   311  C  CA  . THR A 1 40  ? 9.01612   0.39731   0.57368   1.000 25.39780 ? 40  THR A CA  1 
ATOM   312  C  C   . THR A 1 40  ? 8.13545   1.52689   1.09784   1.000 27.13983 ? 40  THR A C   1 
ATOM   313  O  O   . THR A 1 40  ? 6.91842   1.55260   0.88152   1.000 24.75150 ? 40  THR A O   1 
ATOM   314  C  CB  . THR A 1 40  ? 9.31828   -0.61314  1.68303   1.000 25.78992 ? 40  THR A CB  1 
ATOM   315  O  OG1 . THR A 1 40  ? 9.98778   -1.75809  1.12797   1.000 28.33386 ? 40  THR A OG1 1 
ATOM   316  C  CG2 . THR A 1 40  ? 8.02960   -1.05140  2.34422   1.000 25.32409 ? 40  THR A CG2 1 
ATOM   317  N  N   . ASN A 1 41  ? 8.73430   2.46856   1.81978   1.000 25.38976 ? 41  ASN A N   1 
ATOM   318  C  CA  . ASN A 1 41  ? 7.97449   3.61488   2.29961   1.000 25.91981 ? 41  ASN A CA  1 
ATOM   319  C  C   . ASN A 1 41  ? 7.37733   4.41809   1.14369   1.000 24.42985 ? 41  ASN A C   1 
ATOM   320  O  O   . ASN A 1 41  ? 6.24402   4.91056   1.22690   1.000 24.43862 ? 41  ASN A O   1 
ATOM   321  C  CB  . ASN A 1 41  ? 8.90237   4.48142   3.15349   1.000 26.02928 ? 41  ASN A CB  1 
ATOM   322  C  CG  . ASN A 1 41  ? 8.16696   5.24219   4.22140   1.000 27.01774 ? 41  ASN A CG  1 
ATOM   323  O  OD1 . ASN A 1 41  ? 7.01575   4.96210   4.53422   1.000 25.60577 ? 41  ASN A OD1 1 
ATOM   324  N  ND2 . ASN A 1 41  ? 8.85796   6.17119   4.83902   1.000 22.96757 ? 41  ASN A ND2 1 
ATOM   325  N  N   . ARG A 1 42  ? 8.11045   4.53947   0.04704   1.000 26.66504 ? 42  ARG A N   1 
ATOM   326  C  CA  . ARG A 1 42  ? 7.56249   5.27367   -1.08076  1.000 25.88252 ? 42  ARG A CA  1 
ATOM   327  C  C   . ARG A 1 42  ? 6.36925   4.53350   -1.68887  1.000 25.25432 ? 42  ARG A C   1 
ATOM   328  O  O   . ARG A 1 42  ? 5.40814   5.17038   -2.13250  1.000 27.99929 ? 42  ARG A O   1 
ATOM   329  C  CB  . ARG A 1 42  ? 8.65517   5.52817   -2.12087  1.000 31.27554 ? 42  ARG A CB  1 
ATOM   330  C  CG  . ARG A 1 42  ? 8.19281   6.41514   -3.25357  1.000 41.42107 ? 42  ARG A CG  1 
ATOM   331  C  CD  . ARG A 1 42  ? 9.37112   7.02861   -4.00061  1.000 51.97009 ? 42  ARG A CD  1 
ATOM   332  N  NE  . ARG A 1 42  ? 10.05772  8.03341   -3.18714  1.000 57.78358 ? 42  ARG A NE  1 
ATOM   333  C  CZ  . ARG A 1 42  ? 9.63095   9.28453   -3.01117  1.000 60.40423 ? 42  ARG A CZ  1 
ATOM   334  N  NH1 . ARG A 1 42  ? 8.49982   9.69501   -3.57571  1.000 53.87511 ? 42  ARG A NH1 1 
ATOM   335  N  NH2 . ARG A 1 42  ? 10.32999  10.12597  -2.25434  1.000 57.02783 ? 42  ARG A NH2 1 
ATOM   336  N  N   . CYS A 1 43  ? 6.40136   3.19306   -1.69647  1.000 27.52792 ? 43  CYS A N   1 
ATOM   337  C  CA  . CYS A 1 43  ? 5.23035   2.42736   -2.14307  1.000 23.90609 ? 43  CYS A CA  1 
ATOM   338  C  C   . CYS A 1 43  ? 4.00407   2.80189   -1.32936  1.000 26.61453 ? 43  CYS A C   1 
ATOM   339  O  O   . CYS A 1 43  ? 2.90614   2.98209   -1.86910  1.000 24.26113 ? 43  CYS A O   1 
ATOM   340  C  CB  . CYS A 1 43  ? 5.47285   0.91566   -2.00467  1.000 26.15496 ? 43  CYS A CB  1 
ATOM   341  S  SG  . CYS A 1 43  ? 6.89815   0.17461   -2.83739  1.000 30.92606 ? 43  CYS A SG  1 
ATOM   342  N  N   . CYS A 1 44  ? 4.17143   2.90360   -0.00826  1.000 22.87810 ? 44  CYS A N   1 
ATOM   343  C  CA  . CYS A 1 44  ? 3.05243   3.26906   0.84456   1.000 22.61912 ? 44  CYS A CA  1 
ATOM   344  C  C   . CYS A 1 44  ? 2.56293   4.67430   0.54525   1.000 24.51332 ? 44  CYS A C   1 
ATOM   345  O  O   . CYS A 1 44  ? 1.34607   4.94356   0.56409   1.000 25.84989 ? 44  CYS A O   1 
ATOM   346  C  CB  . CYS A 1 44  ? 3.48645   3.16382   2.30249   1.000 22.89556 ? 44  CYS A CB  1 
ATOM   347  S  SG  . CYS A 1 44  ? 3.68547   1.44081   2.77235   1.000 27.81034 ? 44  CYS A SG  1 
ATOM   348  N  N   . PHE A 1 45  ? 3.50872   5.59432   0.33387   1.000 23.22184 ? 45  PHE A N   1 
ATOM   349  C  CA  . PHE A 1 45  ? 3.16957   6.96558   -0.00992  1.000 29.80435 ? 45  PHE A CA  1 
ATOM   350  C  C   . PHE A 1 45  ? 2.35205   7.00770   -1.29355  1.000 29.52687 ? 45  PHE A C   1 
ATOM   351  O  O   . PHE A 1 45  ? 1.29988   7.65309   -1.36307  1.000 30.14570 ? 45  PHE A O   1 
ATOM   352  C  CB  . PHE A 1 45  ? 4.46022   7.76963   -0.17206  1.000 26.19634 ? 45  PHE A CB  1 
ATOM   353  C  CG  . PHE A 1 45  ? 4.23472   9.18569   -0.64697  1.000 32.81312 ? 45  PHE A CG  1 
ATOM   354  C  CD1 . PHE A 1 45  ? 3.90584   10.18550  0.25183   1.000 34.37476 ? 45  PHE A CD1 1 
ATOM   355  C  CD2 . PHE A 1 45  ? 4.33023   9.50276   -1.98746  1.000 35.56959 ? 45  PHE A CD2 1 
ATOM   356  C  CE1 . PHE A 1 45  ? 3.68670   11.49446  -0.19120  1.000 39.40156 ? 45  PHE A CE1 1 
ATOM   357  C  CE2 . PHE A 1 45  ? 4.10578   10.79664  -2.43121  1.000 39.94088 ? 45  PHE A CE2 1 
ATOM   358  C  CZ  . PHE A 1 45  ? 3.77627   11.78536  -1.53114  1.000 40.17270 ? 45  PHE A CZ  1 
ATOM   359  N  N   . VAL A 1 46  ? 2.82317   6.30428   -2.31799  1.000 27.58722 ? 46  VAL A N   1 
ATOM   360  C  CA  . VAL A 1 46  ? 2.10176   6.27356   -3.58484  1.000 26.24355 ? 46  VAL A CA  1 
ATOM   361  C  C   . VAL A 1 46  ? 0.70903   5.68622   -3.39622  1.000 26.25121 ? 46  VAL A C   1 
ATOM   362  O  O   . VAL A 1 46  ? -0.26989  6.17617   -3.97247  1.000 28.92188 ? 46  VAL A O   1 
ATOM   363  C  CB  . VAL A 1 46  ? 2.91890   5.49316   -4.62152  1.000 28.70626 ? 46  VAL A CB  1 
ATOM   364  C  CG1 . VAL A 1 46  ? 2.09228   5.25914   -5.87640  1.000 32.66306 ? 46  VAL A CG1 1 
ATOM   365  C  CG2 . VAL A 1 46  ? 4.17774   6.26585   -4.95684  1.000 32.69273 ? 46  VAL A CG2 1 
ATOM   366  N  N   . HIS A 1 47  ? 0.59348   4.62173   -2.59218  1.000 24.77957 ? 47  HIS A N   1 
ATOM   367  C  CA  . HIS A 1 47  ? -0.71976  4.03097   -2.35436  1.000 26.11061 ? 47  HIS A CA  1 
ATOM   368  C  C   . HIS A 1 47  ? -1.65836  5.03538   -1.69348  1.000 28.30811 ? 47  HIS A C   1 
ATOM   369  O  O   . HIS A 1 47  ? -2.84317  5.11152   -2.03733  1.000 29.81010 ? 47  HIS A O   1 
ATOM   370  C  CB  . HIS A 1 47  ? -0.58242  2.76669   -1.49981  1.000 23.85704 ? 47  HIS A CB  1 
ATOM   371  C  CG  . HIS A 1 47  ? -1.87238  2.03312   -1.28831  1.000 24.37558 ? 47  HIS A CG  1 
ATOM   372  N  ND1 . HIS A 1 47  ? -2.59373  2.11401   -0.11591  1.000 26.37128 ? 47  HIS A ND1 1 
ATOM   373  C  CD2 . HIS A 1 47  ? -2.56692  1.20020   -2.10376  1.000 23.05684 ? 47  HIS A CD2 1 
ATOM   374  C  CE1 . HIS A 1 47  ? -3.67530  1.35907   -0.21559  1.000 31.80666 ? 47  HIS A CE1 1 
ATOM   375  N  NE2 . HIS A 1 47  ? -3.67955  0.78852   -1.41157  1.000 25.15739 ? 47  HIS A NE2 1 
ATOM   376  N  N   . ASP A 1 48  ? -1.13788  5.83075   -0.74713  1.000 26.00367 ? 48  ASP A N   1 
ATOM   377  C  CA  . ASP A 1 48  ? -1.96528  6.84561   -0.11226  1.000 26.72856 ? 48  ASP A CA  1 
ATOM   378  C  C   . ASP A 1 48  ? -2.45878  7.84613   -1.14322  1.000 30.89071 ? 48  ASP A C   1 
ATOM   379  O  O   . ASP A 1 48  ? -3.63353  8.22692   -1.13614  1.000 33.54078 ? 48  ASP A O   1 
ATOM   380  C  CB  . ASP A 1 48  ? -1.16567  7.57125   0.97598   1.000 29.42178 ? 48  ASP A CB  1 
ATOM   381  C  CG  . ASP A 1 48  ? -1.01471  6.74843   2.25038   1.000 37.76369 ? 48  ASP A CG  1 
ATOM   382  O  OD1 . ASP A 1 48  ? -1.62989  5.66458   2.36291   1.000 46.49918 ? 48  ASP A OD1 1 
ATOM   383  O  OD2 . ASP A 1 48  ? -0.28217  7.20652   3.15354   1.000 34.23446 ? 48  ASP A OD2 1 
ATOM   384  N  N   . CYS A 1 49  ? -1.56431  8.28525   -2.03362  1.000 31.18622 ? 49  CYS A N   1 
ATOM   385  C  CA  . CYS A 1 49  ? -1.94294  9.22047   -3.09005  1.000 32.99889 ? 49  CYS A CA  1 
ATOM   386  C  C   . CYS A 1 49  ? -2.97459  8.60879   -4.01502  1.000 37.97467 ? 49  CYS A C   1 
ATOM   387  O  O   . CYS A 1 49  ? -3.91023  9.28609   -4.45763  1.000 37.41724 ? 49  CYS A O   1 
ATOM   388  C  CB  . CYS A 1 49  ? -0.72006  9.61655   -3.90508  1.000 35.45127 ? 49  CYS A CB  1 
ATOM   389  S  SG  . CYS A 1 49  ? 0.54738   10.47433  -2.97841  1.000 40.12533 ? 49  CYS A SG  1 
ATOM   390  N  N   . CYS A 1 50  ? -2.77112  7.34221   -4.36628  1.000 28.33720 ? 50  CYS A N   1 
ATOM   391  C  CA  . CYS A 1 50  ? -3.70780  6.62940   -5.22558  1.000 32.16113 ? 50  CYS A CA  1 
ATOM   392  C  C   . CYS A 1 50  ? -5.10521  6.63282   -4.61805  1.000 32.31693 ? 50  CYS A C   1 
ATOM   393  O  O   . CYS A 1 50  ? -6.09006  6.97278   -5.29121  1.000 34.48666 ? 50  CYS A O   1 
ATOM   394  C  CB  . CYS A 1 50  ? -3.19277  5.19977   -5.45213  1.000 33.46296 ? 50  CYS A CB  1 
ATOM   395  S  SG  . CYS A 1 50  ? -3.87942  4.32438   -6.89150  1.000 34.49143 ? 50  CYS A SG  1 
ATOM   396  N  N   . TYR A 1 51  ? -5.21404  6.26964   -3.33552  1.000 29.43867 ? 51  TYR A N   1 
ATOM   397  C  CA  . TYR A 1 51  ? -6.51111  6.31875   -2.67016  1.000 31.99315 ? 51  TYR A CA  1 
ATOM   398  C  C   . TYR A 1 51  ? -7.03824  7.74696   -2.64372  1.000 38.48900 ? 51  TYR A C   1 
ATOM   399  O  O   . TYR A 1 51  ? -8.24655  7.97440   -2.74608  1.000 39.79001 ? 51  TYR A O   1 
ATOM   400  C  CB  . TYR A 1 51  ? -6.39949  5.78794   -1.24303  1.000 31.87735 ? 51  TYR A CB  1 
ATOM   401  C  CG  . TYR A 1 51  ? -6.57336  4.29586   -1.05502  1.000 30.46354 ? 51  TYR A CG  1 
ATOM   402  C  CD1 . TYR A 1 51  ? -6.49152  3.40977   -2.11664  1.000 29.43421 ? 51  TYR A CD1 1 
ATOM   403  C  CD2 . TYR A 1 51  ? -6.79153  3.77784   0.21625   1.000 30.42891 ? 51  TYR A CD2 1 
ATOM   404  C  CE1 . TYR A 1 51  ? -6.64260  2.02413   -1.90245  1.000 27.57311 ? 51  TYR A CE1 1 
ATOM   405  C  CE2 . TYR A 1 51  ? -6.94054  2.43052   0.43627   1.000 37.52101 ? 51  TYR A CE2 1 
ATOM   406  C  CZ  . TYR A 1 51  ? -6.85873  1.54819   -0.61891  1.000 30.63384 ? 51  TYR A CZ  1 
ATOM   407  O  OH  . TYR A 1 51  ? -7.01838  0.19613   -0.35683  1.000 28.30284 ? 51  TYR A OH  1 
ATOM   408  N  N   . GLY A 1 52  ? -6.13657  8.71852   -2.49835  1.000 36.79664 ? 52  GLY A N   1 
ATOM   409  C  CA  . GLY A 1 52  ? -6.55928  10.10744  -2.43426  1.000 40.85928 ? 52  GLY A CA  1 
ATOM   410  C  C   . GLY A 1 52  ? -7.27494  10.54890  -3.69296  1.000 43.64872 ? 52  GLY A C   1 
ATOM   411  O  O   . GLY A 1 52  ? -8.20645  11.35745  -3.63742  1.000 50.53273 ? 52  GLY A O   1 
ATOM   412  N  N   . LYS A 1 53  ? -6.86239  10.01285  -4.84463  1.000 38.18454 ? 53  LYS A N   1 
ATOM   413  C  CA  . LYS A 1 53  ? -7.49706  10.38972  -6.10272  1.000 39.77225 ? 53  LYS A CA  1 
ATOM   414  C  C   . LYS A 1 53  ? -8.92622  9.86870   -6.20961  1.000 49.80712 ? 53  LYS A C   1 
ATOM   415  O  O   . LYS A 1 53  ? -9.67995  10.33797  -7.06737  1.000 52.71104 ? 53  LYS A O   1 
ATOM   416  C  CB  . LYS A 1 53  ? -6.67442  9.87827   -7.28961  1.000 40.51614 ? 53  LYS A CB  1 
ATOM   417  C  CG  . LYS A 1 53  ? -5.38939  10.66052  -7.57603  1.000 49.59094 ? 53  LYS A CG  1 
ATOM   418  C  CD  . LYS A 1 53  ? -4.39679  9.80954   -8.37843  1.000 55.20492 ? 53  LYS A CD  1 
ATOM   419  C  CE  . LYS A 1 53  ? -2.93917  10.12022  -8.02437  1.000 56.41792 ? 53  LYS A CE  1 
ATOM   420  N  NZ  . LYS A 1 53  ? -1.99102  9.06048   -8.50014  1.000 56.72317 ? 53  LYS A NZ  1 
ATOM   421  N  N   . LEU A 1 54  ? -9.32057  8.92729   -5.35587  1.000 44.59730 ? 54  LEU A N   1 
ATOM   422  C  CA  . LEU A 1 54  ? -10.60991 8.25149   -5.48694  1.000 43.40453 ? 54  LEU A CA  1 
ATOM   423  C  C   . LEU A 1 54  ? -11.62290 8.91899   -4.55492  1.000 49.78261 ? 54  LEU A C   1 
ATOM   424  O  O   . LEU A 1 54  ? -12.11866 8.33456   -3.58448  1.000 43.64517 ? 54  LEU A O   1 
ATOM   425  C  CB  . LEU A 1 54  ? -10.44571 6.76617   -5.18113  1.000 38.44608 ? 54  LEU A CB  1 
ATOM   426  C  CG  . LEU A 1 54  ? -9.46585  6.06638   -6.12679  1.000 35.22262 ? 54  LEU A CG  1 
ATOM   427  C  CD1 . LEU A 1 54  ? -9.30017  4.59364   -5.75339  1.000 38.14887 ? 54  LEU A CD1 1 
ATOM   428  C  CD2 . LEU A 1 54  ? -9.89330  6.21727   -7.58288  1.000 41.04621 ? 54  LEU A CD2 1 
ATOM   429  N  N   . THR A 1 55  ? -11.92887 10.18084  -4.88430  1.000 51.92311 ? 55  THR A N   1 
ATOM   430  C  CA  . THR A 1 55  ? -12.68730 11.03828  -3.97309  1.000 57.97165 ? 55  THR A CA  1 
ATOM   431  C  C   . THR A 1 55  ? -14.09134 10.49852  -3.71953  1.000 52.91336 ? 55  THR A C   1 
ATOM   432  O  O   . THR A 1 55  ? -14.58073 10.53875  -2.58354  1.000 62.18028 ? 55  THR A O   1 
ATOM   433  C  CB  . THR A 1 55  ? -12.75233 12.46224  -4.52838  1.000 54.49480 ? 55  THR A CB  1 
ATOM   434  O  OG1 . THR A 1 55  ? -11.42164 12.97478  -4.68325  1.000 64.32022 ? 55  THR A OG1 1 
ATOM   435  C  CG2 . THR A 1 55  ? -13.52784 13.37255  -3.57904  1.000 59.06982 ? 55  THR A CG2 1 
ATOM   436  N  N   . GLY A 1 56  ? -14.74982 9.98438   -4.75007  1.000 49.76339 ? 56  GLY A N   1 
ATOM   437  C  CA  . GLY A 1 56  ? -16.08445 9.44949   -4.59516  1.000 52.08889 ? 56  GLY A CA  1 
ATOM   438  C  C   . GLY A 1 56  ? -16.16539 7.99398   -4.18147  1.000 55.25073 ? 56  GLY A C   1 
ATOM   439  O  O   . GLY A 1 56  ? -17.27183 7.44870   -4.11033  1.000 52.68188 ? 56  GLY A O   1 
ATOM   440  N  N   . CYS A 1 57  ? -15.03744 7.34419   -3.90527  1.000 40.95567 ? 57  CYS A N   1 
ATOM   441  C  CA  . CYS A 1 57  ? -15.00592 5.93211   -3.55626  1.000 40.84846 ? 57  CYS A CA  1 
ATOM   442  C  C   . CYS A 1 57  ? -14.72633 5.77104   -2.06860  1.000 39.78786 ? 57  CYS A C   1 
ATOM   443  O  O   . CYS A 1 57  ? -14.30440 6.70765   -1.39073  1.000 42.81992 ? 57  CYS A O   1 
ATOM   444  C  CB  . CYS A 1 57  ? -13.93694 5.20216   -4.37324  1.000 40.14215 ? 57  CYS A CB  1 
ATOM   445  S  SG  . CYS A 1 57  ? -14.08809 5.42708   -6.16297  1.000 43.24325 ? 57  CYS A SG  1 
ATOM   446  N  N   . LYS A 1 58  ? -14.95977 4.55484   -1.56500  1.000 38.10379 ? 58  LYS A N   1 
ATOM   447  C  CA  . LYS A 1 58  ? -14.64634 4.18221   -0.18383  1.000 38.36610 ? 58  LYS A CA  1 
ATOM   448  C  C   . LYS A 1 58  ? -13.65073 3.02626   -0.23147  1.000 33.21257 ? 58  LYS A C   1 
ATOM   449  O  O   . LYS A 1 58  ? -14.03925 1.85800   -0.10751  1.000 30.96000 ? 58  LYS A O   1 
ATOM   450  C  CB  . LYS A 1 58  ? -15.90756 3.80952   0.58701   1.000 43.11225 ? 58  LYS A CB  1 
ATOM   451  C  CG  . LYS A 1 58  ? -17.04869 4.78765   0.35766   1.000 46.04889 ? 58  LYS A CG  1 
ATOM   452  C  CD  . LYS A 1 58  ? -18.03768 4.72323   1.48928   1.000 56.87788 ? 58  LYS A CD  1 
ATOM   453  C  CE  . LYS A 1 58  ? -17.51550 5.49088   2.69219   1.000 60.46406 ? 58  LYS A CE  1 
ATOM   454  N  NZ  . LYS A 1 58  ? -17.74734 6.95824   2.56230   1.000 67.13453 ? 58  LYS A NZ  1 
ATOM   455  N  N   . PRO A 1 59  ? -12.36213 3.32352   -0.42893  1.000 36.48895 ? 59  PRO A N   1 
ATOM   456  C  CA  . PRO A 1 59  ? -11.37473 2.25792   -0.66733  1.000 31.43883 ? 59  PRO A CA  1 
ATOM   457  C  C   . PRO A 1 59  ? -11.23312 1.25651   0.46170   1.000 34.20571 ? 59  PRO A C   1 
ATOM   458  O  O   . PRO A 1 59  ? -10.97730 0.07330   0.18440   1.000 30.04200 ? 59  PRO A O   1 
ATOM   459  C  CB  . PRO A 1 59  ? -10.07160 3.03728   -0.88420  1.000 34.24969 ? 59  PRO A CB  1 
ATOM   460  C  CG  . PRO A 1 59  ? -10.49468 4.37605   -1.33791  1.000 39.36923 ? 59  PRO A CG  1 
ATOM   461  C  CD  . PRO A 1 59  ? -11.79545 4.66163   -0.65720  1.000 34.28790 ? 59  PRO A CD  1 
ATOM   462  N  N   . LYS A 1 60  ? -11.38131 1.67171   1.73003   1.000 33.51035 ? 60  LYS A N   1 
ATOM   463  C  CA  . LYS A 1 60  ? -11.16079 0.67576   2.77558   1.000 31.40436 ? 60  LYS A CA  1 
ATOM   464  C  C   . LYS A 1 60  ? -12.34236 -0.27974  2.96295   1.000 31.98658 ? 60  LYS A C   1 
ATOM   465  O  O   . LYS A 1 60  ? -12.13159 -1.38235  3.49491   1.000 32.47677 ? 60  LYS A O   1 
ATOM   466  C  CB  . LYS A 1 60  ? -10.82252 1.34961   4.12777   1.000 34.38146 ? 60  LYS A CB  1 
ATOM   467  C  CG  . LYS A 1 60  ? -9.51445  2.14397   4.14759   1.000 42.12327 ? 60  LYS A CG  1 
ATOM   468  C  CD  . LYS A 1 60  ? -9.25344  2.70364   5.54949   1.000 50.26377 ? 60  LYS A CD  1 
ATOM   469  C  CE  . LYS A 1 60  ? -10.16496 3.82047   5.99599   1.000 49.09085 ? 60  LYS A CE  1 
ATOM   470  N  NZ  . LYS A 1 60  ? -10.00201 5.05468   5.22922   1.000 57.84015 ? 60  LYS A NZ  1 
ATOM   471  N  N   . THR A 1 61  ? -13.56723 0.06393   2.50089   1.000 30.15760 ? 61  THR A N   1 
ATOM   472  C  CA  . THR A 1 61  ? -14.72199 -0.79729  2.71684   1.000 32.88672 ? 61  THR A CA  1 
ATOM   473  C  C   . THR A 1 61  ? -15.30401 -1.41374  1.45095   1.000 32.16184 ? 61  THR A C   1 
ATOM   474  O  O   . THR A 1 61  ? -16.00576 -2.42229  1.55401   1.000 36.91891 ? 61  THR A O   1 
ATOM   475  C  CB  . THR A 1 61  ? -15.82385 -0.01919  3.43925   1.000 34.04441 ? 61  THR A CB  1 
ATOM   476  O  OG1 . THR A 1 61  ? -16.10050 1.18170   2.71218   1.000 39.04679 ? 61  THR A OG1 1 
ATOM   477  C  CG2 . THR A 1 61  ? -15.34684 0.35600   4.84659   1.000 37.05460 ? 61  THR A CG2 1 
ATOM   478  N  N   . ASP A 1 62  ? -15.00446 -0.86695  0.27330   1.000 34.11997 ? 62  ASP A N   1 
ATOM   479  C  CA  . ASP A 1 62  ? -15.53440 -1.40279  -0.98018  1.000 33.34428 ? 62  ASP A CA  1 
ATOM   480  C  C   . ASP A 1 62  ? -14.80558 -2.68450  -1.35298  1.000 32.33268 ? 62  ASP A C   1 
ATOM   481  O  O   . ASP A 1 62  ? -13.59713 -2.67171  -1.60654  1.000 31.57781 ? 62  ASP A O   1 
ATOM   482  C  CB  . ASP A 1 62  ? -15.39207 -0.38109  -2.10538  1.000 28.78910 ? 62  ASP A CB  1 
ATOM   483  C  CG  . ASP A 1 62  ? -16.39187 -0.62096  -3.23012  1.000 37.29806 ? 62  ASP A CG  1 
ATOM   484  O  OD1 . ASP A 1 62  ? -17.11819 -1.63583  -3.17380  1.000 37.76496 ? 62  ASP A OD1 1 
ATOM   485  O  OD2 . ASP A 1 62  ? -16.43416 0.19175   -4.17728  1.000 38.98713 ? 62  ASP A OD2 1 
ATOM   486  N  N   . ARG A 1 63  ? -15.53230 -3.79011  -1.39662  1.000 32.16702 ? 63  ARG A N   1 
ATOM   487  C  CA  . ARG A 1 63  ? -14.94977 -5.07312  -1.75253  1.000 33.23486 ? 63  ARG A CA  1 
ATOM   488  C  C   . ARG A 1 63  ? -14.98579 -5.25213  -3.26447  1.000 36.65567 ? 63  ARG A C   1 
ATOM   489  O  O   . ARG A 1 63  ? -16.01128 -4.98844  -3.89862  1.000 33.94617 ? 63  ARG A O   1 
ATOM   490  C  CB  . ARG A 1 63  ? -15.70322 -6.20684  -1.05764  1.000 36.57769 ? 63  ARG A CB  1 
ATOM   491  C  CG  . ARG A 1 63  ? -15.28526 -7.57755  -1.52000  1.000 43.70452 ? 63  ARG A CG  1 
ATOM   492  C  CD  . ARG A 1 63  ? -15.50927 -8.61568  -0.43562  1.000 47.72830 ? 63  ARG A CD  1 
ATOM   493  N  NE  . ARG A 1 63  ? -14.56067 -8.42723  0.64912   1.000 55.29833 ? 63  ARG A NE  1 
ATOM   494  C  CZ  . ARG A 1 63  ? -13.67179 -9.33251  1.03549   1.000 48.68137 ? 63  ARG A CZ  1 
ATOM   495  N  NH1 . ARG A 1 63  ? -13.60822 -10.51635 0.42744   1.000 49.96876 ? 63  ARG A NH1 1 
ATOM   496  N  NH2 . ARG A 1 63  ? -12.84809 -9.04736  2.03402   1.000 47.49285 ? 63  ARG A NH2 1 
ATOM   497  N  N   . TYR A 1 64  ? -13.87594 -5.70488  -3.84010  1.000 29.95746 ? 64  TYR A N   1 
ATOM   498  C  CA  . TYR A 1 64  ? -13.76834 -5.82009  -5.28712  1.000 29.32173 ? 64  TYR A CA  1 
ATOM   499  C  C   . TYR A 1 64  ? -13.46550 -7.26036  -5.68269  1.000 30.11401 ? 64  TYR A C   1 
ATOM   500  O  O   . TYR A 1 64  ? -13.22604 -8.13607  -4.84695  1.000 35.25190 ? 64  TYR A O   1 
ATOM   501  C  CB  . TYR A 1 64  ? -12.69658 -4.87272  -5.84833  1.000 29.40116 ? 64  TYR A CB  1 
ATOM   502  C  CG  . TYR A 1 64  ? -11.36093 -4.93160  -5.10783  1.000 27.14378 ? 64  TYR A CG  1 
ATOM   503  C  CD1 . TYR A 1 64  ? -10.52443 -6.02603  -5.23657  1.000 26.23018 ? 64  TYR A CD1 1 
ATOM   504  C  CD2 . TYR A 1 64  ? -10.95851 -3.89527  -4.27931  1.000 28.99691 ? 64  TYR A CD2 1 
ATOM   505  C  CE1 . TYR A 1 64  ? -9.29874  -6.08903  -4.54234  1.000 27.30537 ? 64  TYR A CE1 1 
ATOM   506  C  CE2 . TYR A 1 64  ? -9.75195  -3.95175  -3.59383  1.000 27.54855 ? 64  TYR A CE2 1 
ATOM   507  C  CZ  . TYR A 1 64  ? -8.93913  -5.04608  -3.73303  1.000 27.23604 ? 64  TYR A CZ  1 
ATOM   508  O  OH  . TYR A 1 64  ? -7.72940  -5.09285  -3.05406  1.000 25.54624 ? 64  TYR A OH  1 
ATOM   509  N  N   . SER A 1 65  ? -13.48848 -7.50449  -6.99037  1.000 33.30457 ? 65  SER A N   1 
ATOM   510  C  CA  . SER A 1 65  ? -13.17281 -8.80653  -7.55198  1.000 32.70717 ? 65  SER A CA  1 
ATOM   511  C  C   . SER A 1 65  ? -11.75997 -8.79287  -8.09586  1.000 30.60763 ? 65  SER A C   1 
ATOM   512  O  O   . SER A 1 65  ? -11.37575 -7.86394  -8.81262  1.000 31.52557 ? 65  SER A O   1 
ATOM   513  C  CB  . SER A 1 65  ? -14.13776 -9.16584  -8.68719  1.000 35.74731 ? 65  SER A CB  1 
ATOM   514  O  OG  . SER A 1 65  ? -15.43571 -9.40540  -8.18702  1.000 44.62847 ? 65  SER A OG  1 
ATOM   515  N  N   . TYR A 1 66  ? -10.99795 -9.82862  -7.77892  1.000 32.01602 ? 66  TYR A N   1 
ATOM   516  C  CA  . TYR A 1 66  ? -9.69635  -9.97496  -8.40825  1.000 31.58978 ? 66  TYR A CA  1 
ATOM   517  C  C   . TYR A 1 66  ? -9.29947  -11.43311 -8.34112  1.000 33.93173 ? 66  TYR A C   1 
ATOM   518  O  O   . TYR A 1 66  ? -9.85734  -12.21698 -7.56940  1.000 38.44816 ? 66  TYR A O   1 
ATOM   519  C  CB  . TYR A 1 66  ? -8.62357  -9.09543  -7.75257  1.000 34.49013 ? 66  TYR A CB  1 
ATOM   520  C  CG  . TYR A 1 66  ? -8.10956  -9.62233  -6.43903  1.000 32.37711 ? 66  TYR A CG  1 
ATOM   521  C  CD1 . TYR A 1 66  ? -8.85355  -9.49938  -5.27688  1.000 28.95730 ? 66  TYR A CD1 1 
ATOM   522  C  CD2 . TYR A 1 66  ? -6.85607  -10.22751 -6.36035  1.000 38.42635 ? 66  TYR A CD2 1 
ATOM   523  C  CE1 . TYR A 1 66  ? -8.35590  -9.97537  -4.05647  1.000 32.23769 ? 66  TYR A CE1 1 
ATOM   524  C  CE2 . TYR A 1 66  ? -6.36056  -10.70714 -5.16198  1.000 36.86652 ? 66  TYR A CE2 1 
ATOM   525  C  CZ  . TYR A 1 66  ? -7.10795  -10.57270 -4.01849  1.000 34.05542 ? 66  TYR A CZ  1 
ATOM   526  O  OH  . TYR A 1 66  ? -6.59248  -11.06311 -2.83059  1.000 43.55354 ? 66  TYR A OH  1 
ATOM   527  N  N   . SER A 1 67  ? -8.35147  -11.79146 -9.18900  1.000 34.28565 ? 67  SER A N   1 
ATOM   528  C  CA  . SER A 1 67  ? -7.77678  -13.11893 -9.16834  1.000 38.16777 ? 67  SER A CA  1 
ATOM   529  C  C   . SER A 1 67  ? -6.28177  -12.95916 -9.35018  1.000 43.50183 ? 67  SER A C   1 
ATOM   530  O  O   . SER A 1 67  ? -5.77466  -11.86705 -9.61341  1.000 37.68352 ? 67  SER A O   1 
ATOM   531  C  CB  . SER A 1 67  ? -8.38155  -14.01761 -10.25140 1.000 40.05858 ? 67  SER A CB  1 
ATOM   532  O  OG  . SER A 1 67  ? -8.26462  -13.41415 -11.52943 1.000 52.95524 ? 67  SER A OG  1 
ATOM   533  N  N   . ARG A 1 68  ? -5.55732  -14.05011 -9.20929  1.000 41.59083 ? 68  ARG A N   1 
ATOM   534  C  CA  . ARG A 1 68  ? -4.11210  -13.94001 -9.28569  1.000 40.76250 ? 68  ARG A CA  1 
ATOM   535  C  C   . ARG A 1 68  ? -3.65189  -15.14710 -10.08606 1.000 46.39974 ? 68  ARG A C   1 
ATOM   536  O  O   . ARG A 1 68  ? -3.78856  -16.28201 -9.62225  1.000 57.31610 ? 68  ARG A O   1 
ATOM   537  C  CB  . ARG A 1 68  ? -3.51819  -13.86258 -7.87758  1.000 45.14943 ? 68  ARG A CB  1 
ATOM   538  C  CG  . ARG A 1 68  ? -2.09782  -13.40766 -7.84842  1.000 44.26250 ? 68  ARG A CG  1 
ATOM   539  C  CD  . ARG A 1 68  ? -1.56560  -13.26181 -6.43358  1.000 40.18200 ? 68  ARG A CD  1 
ATOM   540  N  NE  . ARG A 1 68  ? -0.20095  -12.76675 -6.52601  1.000 37.51101 ? 68  ARG A NE  1 
ATOM   541  C  CZ  . ARG A 1 68  ? 0.84161   -13.57775 -6.63103  1.000 41.81050 ? 68  ARG A CZ  1 
ATOM   542  N  NH1 . ARG A 1 68  ? 0.63453   -14.88751 -6.67135  1.000 45.19922 ? 68  ARG A NH1 1 
ATOM   543  N  NH2 . ARG A 1 68  ? 2.06952   -13.09407 -6.72434  1.000 35.89299 ? 68  ARG A NH2 1 
ATOM   544  N  N   . GLU A 1 69  ? -3.18983  -14.90471 -11.31885 1.000 52.51480 ? 69  GLU A N   1 
ATOM   545  C  CA  . GLU A 1 69  ? -2.95413  -15.95303 -12.30978 1.000 52.77343 ? 69  GLU A CA  1 
ATOM   546  C  C   . GLU A 1 69  ? -1.58234  -15.79261 -12.95536 1.000 50.56486 ? 69  GLU A C   1 
ATOM   547  O  O   . GLU A 1 69  ? -1.23569  -14.70376 -13.42832 1.000 46.02038 ? 69  GLU A O   1 
ATOM   548  C  CB  . GLU A 1 69  ? -4.04398  -15.92961 -13.38915 1.000 52.79019 ? 69  GLU A CB  1 
ATOM   549  N  N   . ASN A 1 70  ? -0.83128  -16.89769 -13.02989 1.000 50.99329 ? 70  ASN A N   1 
ATOM   550  C  CA  . ASN A 1 70  ? 0.56434   -16.87372 -13.47157 1.000 48.88478 ? 70  ASN A CA  1 
ATOM   551  C  C   . ASN A 1 70  ? 1.34460   -15.79756 -12.72619 1.000 36.90485 ? 70  ASN A C   1 
ATOM   552  O  O   . ASN A 1 70  ? 2.10458   -15.02665 -13.31825 1.000 44.79470 ? 70  ASN A O   1 
ATOM   553  C  CB  . ASN A 1 70  ? 0.68986   -16.67291 -14.98277 1.000 52.09500 ? 70  ASN A CB  1 
ATOM   554  C  CG  . ASN A 1 70  ? -0.19932  -17.61020 -15.77927 1.000 65.76440 ? 70  ASN A CG  1 
ATOM   555  O  OD1 . ASN A 1 70  ? -0.33890  -18.79042 -15.44642 1.000 66.14510 ? 70  ASN A OD1 1 
ATOM   556  N  ND2 . ASN A 1 70  ? -0.78529  -17.09369 -16.85751 1.000 65.28467 ? 70  ASN A ND2 1 
ATOM   557  N  N   . GLY A 1 71  ? 1.14655   -15.74646 -11.41114 1.000 42.43972 ? 71  GLY A N   1 
ATOM   558  C  CA  . GLY A 1 71  ? 1.86004   -14.80625 -10.57287 1.000 39.10538 ? 71  GLY A CA  1 
ATOM   559  C  C   . GLY A 1 71  ? 1.55671   -13.35195 -10.83535 1.000 40.32145 ? 71  GLY A C   1 
ATOM   560  O  O   . GLY A 1 71  ? 2.35477   -12.48561 -10.46362 1.000 34.56157 ? 71  GLY A O   1 
ATOM   561  N  N   . VAL A 1 72  ? 0.42530   -13.05239 -11.46680 1.000 36.75792 ? 72  VAL A N   1 
ATOM   562  C  CA  . VAL A 1 72  ? 0.04138   -11.68184 -11.77280 1.000 33.73510 ? 72  VAL A CA  1 
ATOM   563  C  C   . VAL A 1 72  ? -1.32795  -11.44360 -11.14902 1.000 35.95585 ? 72  VAL A C   1 
ATOM   564  O  O   . VAL A 1 72  ? -2.22542  -12.28644 -11.26338 1.000 34.06278 ? 72  VAL A O   1 
ATOM   565  C  CB  . VAL A 1 72  ? 0.00834   -11.41560 -13.29060 1.000 37.69828 ? 72  VAL A CB  1 
ATOM   566  C  CG1 . VAL A 1 72  ? -0.78531  -10.15153 -13.59085 1.000 36.05080 ? 72  VAL A CG1 1 
ATOM   567  C  CG2 . VAL A 1 72  ? 1.41526   -11.30094 -13.86027 1.000 41.88269 ? 72  VAL A CG2 1 
ATOM   568  N  N   . ILE A 1 73  ? -1.48484  -10.31220 -10.47616 1.000 31.88255 ? 73  ILE A N   1 
ATOM   569  C  CA  . ILE A 1 73  ? -2.78548  -9.94238  -9.93405  1.000 31.50145 ? 73  ILE A CA  1 
ATOM   570  C  C   . ILE A 1 73  ? -3.62787  -9.37888  -11.06901 1.000 31.18085 ? 73  ILE A C   1 
ATOM   571  O  O   . ILE A 1 73  ? -3.18024  -8.49219  -11.80550 1.000 31.29987 ? 73  ILE A O   1 
ATOM   572  C  CB  . ILE A 1 73  ? -2.62717  -8.92223  -8.79289  1.000 25.51262 ? 73  ILE A CB  1 
ATOM   573  C  CG1 . ILE A 1 73  ? -1.96054  -9.58506  -7.58474  1.000 28.13787 ? 73  ILE A CG1 1 
ATOM   574  C  CG2 . ILE A 1 73  ? -3.99344  -8.34280  -8.40620  1.000 28.63411 ? 73  ILE A CG2 1 
ATOM   575  C  CD1 . ILE A 1 73  ? -1.49779  -8.56955  -6.53969  1.000 30.84936 ? 73  ILE A CD1 1 
ATOM   576  N  N   . ILE A 1 74  ? -4.84550  -9.89182  -11.22174 1.000 33.79648 ? 74  ILE A N   1 
ATOM   577  C  CA  . ILE A 1 74  ? -5.75772  -9.43094  -12.26932 1.000 33.46527 ? 74  ILE A CA  1 
ATOM   578  C  C   . ILE A 1 74  ? -7.00224  -8.87289  -11.59872 1.000 29.26074 ? 74  ILE A C   1 
ATOM   579  O  O   . ILE A 1 74  ? -7.76051  -9.61941  -10.96402 1.000 32.18352 ? 74  ILE A O   1 
ATOM   580  C  CB  . ILE A 1 74  ? -6.12753  -10.54949 -13.25346 1.000 36.16494 ? 74  ILE A CB  1 
ATOM   581  C  CG1 . ILE A 1 74  ? -4.87312  -11.10662 -13.92817 1.000 43.95934 ? 74  ILE A CG1 1 
ATOM   582  C  CG2 . ILE A 1 74  ? -7.12083  -10.02977 -14.28353 1.000 43.29437 ? 74  ILE A CG2 1 
ATOM   583  C  CD1 . ILE A 1 74  ? -4.19259  -10.11345 -14.83955 1.000 45.58185 ? 74  ILE A CD1 1 
ATOM   584  N  N   . CYS A 1 75  ? -7.20313  -7.56324  -11.72203 1.000 28.08285 ? 75  CYS A N   1 
ATOM   585  C  CA  . CYS A 1 75  ? -8.40511  -6.94840  -11.19555 1.000 27.56660 ? 75  CYS A CA  1 
ATOM   586  C  C   . CYS A 1 75  ? -9.56733  -7.31586  -12.09666 1.000 32.61141 ? 75  CYS A C   1 
ATOM   587  O  O   . CYS A 1 75  ? -9.48059  -7.15075  -13.31323 1.000 32.20136 ? 75  CYS A O   1 
ATOM   588  C  CB  . CYS A 1 75  ? -8.24598  -5.44087  -11.11460 1.000 30.21667 ? 75  CYS A CB  1 
ATOM   589  S  SG  . CYS A 1 75  ? -7.07756  -4.99760  -9.77766  1.000 33.88108 ? 75  CYS A SG  1 
ATOM   590  N  N   . GLY A 1 76  ? -10.63204 -7.83453  -11.49546 1.000 32.29224 ? 76  GLY A N   1 
ATOM   591  C  CA  . GLY A 1 76  ? -11.76151 -8.35629  -12.23444 1.000 37.63012 ? 76  GLY A CA  1 
ATOM   592  C  C   . GLY A 1 76  ? -12.78585 -7.29087  -12.56361 1.000 40.69641 ? 76  GLY A C   1 
ATOM   593  O  O   . GLY A 1 76  ? -12.56981 -6.08993  -12.38951 1.000 34.14519 ? 76  GLY A O   1 
ATOM   594  N  N   . GLN A 1 77  ? -13.93117 -7.75399  -13.05792 1.000 37.05469 ? 77  GLN A N   1 
ATOM   595  C  CA  . GLN A 1 77  ? -14.99813 -6.83798  -13.42723 1.000 40.39215 ? 77  GLN A CA  1 
ATOM   596  C  C   . GLN A 1 77  ? -15.59071 -6.19052  -12.18462 1.000 41.20823 ? 77  GLN A C   1 
ATOM   597  O  O   . GLN A 1 77  ? -15.59967 -6.77281  -11.09416 1.000 41.89228 ? 77  GLN A O   1 
ATOM   598  C  CB  . GLN A 1 77  ? -16.10289 -7.57115  -14.20522 1.000 44.67539 ? 77  GLN A CB  1 
ATOM   599  C  CG  . GLN A 1 77  ? -15.96823 -7.48253  -15.71561 1.000 54.18966 ? 77  GLN A CG  1 
ATOM   600  C  CD  . GLN A 1 77  ? -15.84379 -6.05119  -16.20138 1.000 52.40889 ? 77  GLN A CD  1 
ATOM   601  O  OE1 . GLN A 1 77  ? -16.45008 -5.13545  -15.64076 1.000 55.82690 ? 77  GLN A OE1 1 
ATOM   602  N  NE2 . GLN A 1 77  ? -15.05517 -5.85051  -17.24797 1.000 64.42792 ? 77  GLN A NE2 1 
ATOM   603  N  N   . GLY A 1 78  ? -16.07261 -4.96675  -12.34770 1.000 39.30008 ? 78  GLY A N   1 
ATOM   604  C  CA  . GLY A 1 78  ? -16.71779 -4.30026  -11.23598 1.000 38.42255 ? 78  GLY A CA  1 
ATOM   605  C  C   . GLY A 1 78  ? -17.09596 -2.88302  -11.58276 1.000 41.16100 ? 78  GLY A C   1 
ATOM   606  O  O   . GLY A 1 78  ? -16.96781 -2.44203  -12.72749 1.000 44.51342 ? 78  GLY A O   1 
ATOM   607  N  N   . THR A 1 79  ? -17.59892 -2.18825  -10.56649 1.000 30.78218 ? 79  THR A N   1 
ATOM   608  C  CA  . THR A 1 79  ? -17.84900 -0.76611  -10.64632 1.000 30.55260 ? 79  THR A CA  1 
ATOM   609  C  C   . THR A 1 79  ? -16.53466 -0.03153  -10.90028 1.000 35.12487 ? 79  THR A C   1 
ATOM   610  O  O   . THR A 1 79  ? -15.45789 -0.57207  -10.63086 1.000 32.19808 ? 79  THR A O   1 
ATOM   611  C  CB  . THR A 1 79  ? -18.48702 -0.28755  -9.35048  1.000 37.81543 ? 79  THR A CB  1 
ATOM   612  O  OG1 . THR A 1 79  ? -17.52890 -0.40443  -8.28725  1.000 34.64771 ? 79  THR A OG1 1 
ATOM   613  C  CG2 . THR A 1 79  ? -19.69621 -1.14345  -9.01189  1.000 41.21534 ? 79  THR A CG2 1 
ATOM   614  N  N   . PRO A 1 80  ? -16.58356 1.19477   -11.43801 1.000 35.34212 ? 80  PRO A N   1 
ATOM   615  C  CA  . PRO A 1 80  ? -15.32804 1.94894   -11.59171 1.000 32.66554 ? 80  PRO A CA  1 
ATOM   616  C  C   . PRO A 1 80  ? -14.57675 2.11290   -10.29188 1.000 35.61221 ? 80  PRO A C   1 
ATOM   617  O  O   . PRO A 1 80  ? -13.34230 2.02125   -10.28692 1.000 32.52710 ? 80  PRO A O   1 
ATOM   618  C  CB  . PRO A 1 80  ? -15.78112 3.31158   -12.14160 1.000 35.50227 ? 80  PRO A CB  1 
ATOM   619  C  CG  . PRO A 1 80  ? -17.27885 3.33511   -11.96087 1.000 45.39863 ? 80  PRO A CG  1 
ATOM   620  C  CD  . PRO A 1 80  ? -17.71670 1.91240   -12.05304 1.000 41.40350 ? 80  PRO A CD  1 
ATOM   621  N  N   . CYS A 1 81  ? -15.28607 2.35700   -9.18563  1.000 34.02461 ? 81  CYS A N   1 
ATOM   622  C  CA  . CYS A 1 81  ? -14.60379 2.43558   -7.89759  1.000 34.66182 ? 81  CYS A CA  1 
ATOM   623  C  C   . CYS A 1 81  ? -13.90928 1.12115   -7.57106  1.000 31.15005 ? 81  CYS A C   1 
ATOM   624  O  O   . CYS A 1 81  ? -12.71872 1.10991   -7.23191  1.000 32.89425 ? 81  CYS A O   1 
ATOM   625  C  CB  . CYS A 1 81  ? -15.58667 2.81736   -6.79307  1.000 35.21055 ? 81  CYS A CB  1 
ATOM   626  S  SG  . CYS A 1 81  ? -15.88116 4.58697   -6.66881  1.000 47.45708 ? 81  CYS A SG  1 
ATOM   627  N  N   . GLU A 1 82  ? -14.63382 -0.00158  -7.66104  1.000 28.09830 ? 82  GLU A N   1 
ATOM   628  C  CA  . GLU A 1 82  ? -14.01784 -1.28626  -7.34128  1.000 28.89869 ? 82  GLU A CA  1 
ATOM   629  C  C   . GLU A 1 82  ? -12.77632 -1.51866  -8.18279  1.000 31.50812 ? 82  GLU A C   1 
ATOM   630  O  O   . GLU A 1 82  ? -11.73884 -1.96564  -7.67672  1.000 27.46906 ? 82  GLU A O   1 
ATOM   631  C  CB  . GLU A 1 82  ? -15.02251 -2.43003  -7.53007  1.000 32.33267 ? 82  GLU A CB  1 
ATOM   632  C  CG  . GLU A 1 82  ? -16.11101 -2.45606  -6.47277  1.000 35.96799 ? 82  GLU A CG  1 
ATOM   633  C  CD  . GLU A 1 82  ? -17.31112 -3.29949  -6.88404  1.000 39.88134 ? 82  GLU A CD  1 
ATOM   634  O  OE1 . GLU A 1 82  ? -17.32980 -3.77691  -8.03878  1.000 38.95410 ? 82  GLU A OE1 1 
ATOM   635  O  OE2 . GLU A 1 82  ? -18.21102 -3.50788  -6.04140  1.000 37.95297 ? 82  GLU A OE2 1 
ATOM   636  N  N   . LYS A 1 83  ? -12.84746 -1.19028  -9.47291  1.000 29.62600 ? 83  LYS A N   1 
ATOM   637  C  CA  . LYS A 1 83  ? -11.70993 -1.46479  -10.33455 1.000 29.28483 ? 83  LYS A CA  1 
ATOM   638  C  C   . LYS A 1 83  ? -10.52710 -0.57735  -9.97269  1.000 28.16653 ? 83  LYS A C   1 
ATOM   639  O  O   . LYS A 1 83  ? -9.38777  -1.05577  -9.89457  1.000 30.16318 ? 83  LYS A O   1 
ATOM   640  C  CB  . LYS A 1 83  ? -12.11959 -1.29240  -11.79397 1.000 32.73151 ? 83  LYS A CB  1 
ATOM   641  C  CG  . LYS A 1 83  ? -12.74324 -2.57608  -12.32358 1.000 34.95964 ? 83  LYS A CG  1 
ATOM   642  C  CD  . LYS A 1 83  ? -12.93602 -2.58559  -13.83250 1.000 48.76214 ? 83  LYS A CD  1 
ATOM   643  C  CE  . LYS A 1 83  ? -14.27717 -2.02540  -14.21773 1.000 51.59689 ? 83  LYS A CE  1 
ATOM   644  N  NZ  . LYS A 1 83  ? -14.59430 -2.33232  -15.64737 1.000 58.35134 ? 83  LYS A NZ  1 
ATOM   645  N  N   A GLN A 1 84  ? -10.78188 0.71130   -9.73210  0.517 26.95606 ? 84  GLN A N   1 
ATOM   646  N  N   B GLN A 1 84  ? -10.76989 0.71185   -9.73270  0.483 26.98896 ? 84  GLN A N   1 
ATOM   647  C  CA  A GLN A 1 84  ? -9.69201  1.63494   -9.43347  0.517 28.91648 ? 84  GLN A CA  1 
ATOM   648  C  CA  B GLN A 1 84  ? -9.65655  1.61146   -9.44192  0.483 28.94666 ? 84  GLN A CA  1 
ATOM   649  C  C   A GLN A 1 84  ? -9.06368  1.33819   -8.07845  0.517 28.69697 ? 84  GLN A C   1 
ATOM   650  C  C   B GLN A 1 84  ? -9.05327  1.33963   -8.07026  0.483 28.69819 ? 84  GLN A C   1 
ATOM   651  O  O   A GLN A 1 84  ? -7.83654  1.41933   -7.92907  0.517 27.05460 ? 84  GLN A O   1 
ATOM   652  O  O   B GLN A 1 84  ? -7.83092  1.44249   -7.89935  0.483 27.17269 ? 84  GLN A O   1 
ATOM   653  C  CB  A GLN A 1 84  ? -10.19501 3.07542   -9.49847  0.517 34.17398 ? 84  GLN A CB  1 
ATOM   654  C  CB  B GLN A 1 84  ? -10.10832 3.06217   -9.56506  0.483 34.16906 ? 84  GLN A CB  1 
ATOM   655  C  CG  A GLN A 1 84  ? -10.52096 3.52939   -10.91781 0.517 36.51416 ? 84  GLN A CG  1 
ATOM   656  C  CG  B GLN A 1 84  ? -10.31284 3.48667   -11.00979 0.483 36.35030 ? 84  GLN A CG  1 
ATOM   657  C  CD  A GLN A 1 84  ? -11.30778 4.83378   -10.96973 0.517 40.23257 ? 84  GLN A CD  1 
ATOM   658  C  CD  B GLN A 1 84  ? -9.08604  3.22275   -11.86788 0.483 37.33745 ? 84  GLN A CD  1 
ATOM   659  O  OE1 A GLN A 1 84  ? -12.33230 4.99120   -10.30161 0.517 43.85248 ? 84  GLN A OE1 1 
ATOM   660  O  OE1 B GLN A 1 84  ? -8.00130  3.74396   -11.59350 0.483 39.85198 ? 84  GLN A OE1 1 
ATOM   661  N  NE2 A GLN A 1 84  ? -10.81269 5.78339   -11.75099 0.517 44.49870 ? 84  GLN A NE2 1 
ATOM   662  N  NE2 B GLN A 1 84  ? -9.24551  2.40073   -12.90036 0.483 44.49870 ? 84  GLN A NE2 1 
ATOM   663  N  N   . ILE A 1 85  ? -9.88348  0.99519   -7.08322  1.000 27.45238 ? 85  ILE A N   1 
ATOM   664  C  CA  . ILE A 1 85  ? -9.34085  0.58908   -5.77801  1.000 26.46000 ? 85  ILE A CA  1 
ATOM   665  C  C   . ILE A 1 85  ? -8.46192  -0.65067  -5.93034  1.000 26.59175 ? 85  ILE A C   1 
ATOM   666  O  O   . ILE A 1 85  ? -7.32480  -0.69788  -5.44046  1.000 23.45851 ? 85  ILE A O   1 
ATOM   667  C  CB  . ILE A 1 85  ? -10.46928 0.35023   -4.76114  1.000 25.45911 ? 85  ILE A CB  1 
ATOM   668  C  CG1 . ILE A 1 85  ? -11.28863 1.61531   -4.49986  1.000 27.22657 ? 85  ILE A CG1 1 
ATOM   669  C  CG2 . ILE A 1 85  ? -9.90047  -0.24758  -3.43977  1.000 26.56518 ? 85  ILE A CG2 1 
ATOM   670  C  CD1 . ILE A 1 85  ? -12.64793 1.30013   -3.93566  1.000 31.28349 ? 85  ILE A CD1 1 
ATOM   671  N  N   . CYS A 1 86  ? -8.97123  -1.67763  -6.62450  1.000 27.08691 ? 86  CYS A N   1 
ATOM   672  C  CA  . CYS A 1 86  ? -8.16586  -2.86395  -6.87238  1.000 25.46614 ? 86  CYS A CA  1 
ATOM   673  C  C   . CYS A 1 86  ? -6.82757  -2.51180  -7.52504  1.000 26.72591 ? 86  CYS A C   1 
ATOM   674  O  O   . CYS A 1 86  ? -5.77645  -3.02660  -7.12740  1.000 25.10430 ? 86  CYS A O   1 
ATOM   675  C  CB  . CYS A 1 86  ? -8.97201  -3.85020  -7.73279  1.000 23.70375 ? 86  CYS A CB  1 
ATOM   676  S  SG  . CYS A 1 86  ? -8.11495  -5.38059  -8.05321  1.000 28.56168 ? 86  CYS A SG  1 
ATOM   677  N  N   . GLU A 1 87  ? -6.83023  -1.58796  -8.49548  1.000 23.31150 ? 87  GLU A N   1 
ATOM   678  C  CA  . GLU A 1 87  ? -5.57915  -1.27807  -9.17270  1.000 25.09932 ? 87  GLU A CA  1 
ATOM   679  C  C   . GLU A 1 87  ? -4.60898  -0.55432  -8.25322  1.000 23.37248 ? 87  GLU A C   1 
ATOM   680  O  O   . GLU A 1 87  ? -3.39671  -0.79547  -8.32262  1.000 26.83307 ? 87  GLU A O   1 
ATOM   681  C  CB  . GLU A 1 87  ? -5.83183  -0.45842  -10.43627 1.000 31.83129 ? 87  GLU A CB  1 
ATOM   682  C  CG  . GLU A 1 87  ? -6.55046  -1.26655  -11.50490 1.000 32.48368 ? 87  GLU A CG  1 
ATOM   683  C  CD  . GLU A 1 87  ? -5.65664  -2.31047  -12.18723 1.000 42.58151 ? 87  GLU A CD  1 
ATOM   684  O  OE1 . GLU A 1 87  ? -4.40896  -2.27013  -12.03329 1.000 39.20824 ? 87  GLU A OE1 1 
ATOM   685  O  OE2 . GLU A 1 87  ? -6.21070  -3.19405  -12.87807 1.000 42.09461 ? 87  GLU A OE2 1 
ATOM   686  N  N   . CYS A 1 88  ? -5.12034  0.32358   -7.38227  1.000 24.76457 ? 88  CYS A N   1 
ATOM   687  C  CA  . CYS A 1 88  ? -4.25825  0.93572   -6.37303  1.000 23.35961 ? 88  CYS A CA  1 
ATOM   688  C  C   . CYS A 1 88  ? -3.63466  -0.12594  -5.49688  1.000 23.28182 ? 88  CYS A C   1 
ATOM   689  O  O   . CYS A 1 88  ? -2.43498  -0.07941  -5.19372  1.000 24.72192 ? 88  CYS A O   1 
ATOM   690  C  CB  . CYS A 1 88  ? -5.04466  1.88294   -5.46945  1.000 25.05091 ? 88  CYS A CB  1 
ATOM   691  S  SG  . CYS A 1 88  ? -5.56905  3.41751   -6.21753  1.000 32.46963 ? 88  CYS A SG  1 
ATOM   692  N  N   . ASP A 1 89  ? -4.46051  -1.06987  -5.03762  1.000 23.00004 ? 89  ASP A N   1 
ATOM   693  C  CA  . ASP A 1 89  ? -3.96161  -2.09337  -4.12095  1.000 23.99890 ? 89  ASP A CA  1 
ATOM   694  C  C   . ASP A 1 89  ? -2.94215  -2.99321  -4.80338  1.000 25.90845 ? 89  ASP A C   1 
ATOM   695  O  O   . ASP A 1 89  ? -1.91107  -3.32540  -4.22050  1.000 23.49111 ? 89  ASP A O   1 
ATOM   696  C  CB  . ASP A 1 89  ? -5.12144  -2.91930  -3.58478  1.000 21.91501 ? 89  ASP A CB  1 
ATOM   697  C  CG  . ASP A 1 89  ? -5.98477  -2.15608  -2.59610  1.000 22.40477 ? 89  ASP A CG  1 
ATOM   698  O  OD1 . ASP A 1 89  ? -5.62330  -1.00731  -2.19755  1.000 23.46538 ? 89  ASP A OD1 1 
ATOM   699  O  OD2 . ASP A 1 89  ? -7.00055  -2.74584  -2.17921  1.000 24.53001 ? 89  ASP A OD2 1 
ATOM   700  N  N   . LYS A 1 90  ? -3.24309  -3.43790  -6.02146  1.000 23.07188 ? 90  LYS A N   1 
ATOM   701  C  CA  . LYS A 1 90  ? -2.31481  -4.26724  -6.77505  1.000 23.42214 ? 90  LYS A CA  1 
ATOM   702  C  C   . LYS A 1 90  ? -0.97259  -3.56650  -6.93662  1.000 24.36511 ? 90  LYS A C   1 
ATOM   703  O  O   . LYS A 1 90  ? 0.08845   -4.16254  -6.72642  1.000 25.42039 ? 90  LYS A O   1 
ATOM   704  C  CB  . LYS A 1 90  ? -2.92938  -4.59336  -8.15174  1.000 21.93872 ? 90  LYS A CB  1 
ATOM   705  C  CG  . LYS A 1 90  ? -1.92256  -5.17496  -9.13639  1.000 27.18842 ? 90  LYS A CG  1 
ATOM   706  C  CD  . LYS A 1 90  ? -2.54098  -5.34814  -10.53022 1.000 27.40450 ? 90  LYS A CD  1 
ATOM   707  C  CE  . LYS A 1 90  ? -1.51812  -5.90877  -11.51006 1.000 38.28386 ? 90  LYS A CE  1 
ATOM   708  N  NZ  . LYS A 1 90  ? -2.17074  -6.10883  -12.85138 1.000 34.48554 ? 90  LYS A NZ  1 
ATOM   709  N  N   . ALA A 1 91  ? -0.99988  -2.28448  -7.29063  1.000 22.47791 ? 91  ALA A N   1 
ATOM   710  C  CA  . ALA A 1 91  ? 0.24858   -1.58403  -7.54333  1.000 23.49835 ? 91  ALA A CA  1 
ATOM   711  C  C   . ALA A 1 91  ? 1.10951   -1.54945  -6.29492  1.000 24.04987 ? 91  ALA A C   1 
ATOM   712  O  O   . ALA A 1 91  ? 2.32811   -1.74888  -6.36740  1.000 23.11713 ? 91  ALA A O   1 
ATOM   713  C  CB  . ALA A 1 91  ? -0.03479  -0.16809  -8.02336  1.000 26.52330 ? 91  ALA A CB  1 
ATOM   714  N  N   . ALA A 1 92  ? 0.48887   -1.29881  -5.13977  1.000 25.25635 ? 92  ALA A N   1 
ATOM   715  C  CA  . ALA A 1 92  ? 1.26420   -1.22171  -3.90784  1.000 22.52005 ? 92  ALA A CA  1 
ATOM   716  C  C   . ALA A 1 92  ? 1.79353   -2.58785  -3.51541  1.000 23.15475 ? 92  ALA A C   1 
ATOM   717  O  O   . ALA A 1 92  ? 2.96644   -2.71846  -3.14042  1.000 23.52850 ? 92  ALA A O   1 
ATOM   718  C  CB  . ALA A 1 92  ? 0.42091   -0.62395  -2.77433  1.000 24.64030 ? 92  ALA A CB  1 
ATOM   719  N  N   . ALA A 1 93  ? 0.96137   -3.62286  -3.63944  1.000 23.13654 ? 93  ALA A N   1 
ATOM   720  C  CA  . ALA A 1 93  ? 1.41752   -4.96074  -3.28154  1.000 25.05588 ? 93  ALA A CA  1 
ATOM   721  C  C   . ALA A 1 93  ? 2.59696   -5.37888  -4.15154  1.000 25.71267 ? 93  ALA A C   1 
ATOM   722  O  O   . ALA A 1 93  ? 3.58605   -5.92803  -3.65240  1.000 25.79901 ? 93  ALA A O   1 
ATOM   723  C  CB  . ALA A 1 93  ? 0.26652   -5.95062  -3.41915  1.000 26.57836 ? 93  ALA A CB  1 
ATOM   724  N  N   . VAL A 1 94  ? 2.51376   -5.11862  -5.46210  1.000 23.62314 ? 94  VAL A N   1 
ATOM   725  C  CA  . VAL A 1 94  ? 3.62809   -5.45322  -6.34855  1.000 24.71913 ? 94  VAL A CA  1 
ATOM   726  C  C   . VAL A 1 94  ? 4.84999   -4.62258  -5.99514  1.000 27.32098 ? 94  VAL A C   1 
ATOM   727  O  O   . VAL A 1 94  ? 5.97828   -5.13129  -5.96080  1.000 26.55493 ? 94  VAL A O   1 
ATOM   728  C  CB  . VAL A 1 94  ? 3.21781   -5.26293  -7.81845  1.000 27.35518 ? 94  VAL A CB  1 
ATOM   729  C  CG1 . VAL A 1 94  ? 4.43105   -5.38939  -8.75762  1.000 30.20201 ? 94  VAL A CG1 1 
ATOM   730  C  CG2 . VAL A 1 94  ? 2.15445   -6.29287  -8.15271  1.000 27.18627 ? 94  VAL A CG2 1 
ATOM   731  N  N   . CYS A 1 95  ? 4.63973   -3.33260  -5.72091  1.000 24.97595 ? 95  CYS A N   1 
ATOM   732  C  CA  . CYS A 1 95  ? 5.73463   -2.45983  -5.30065  1.000 25.16500 ? 95  CYS A CA  1 
ATOM   733  C  C   . CYS A 1 95  ? 6.44582   -3.00903  -4.07222  1.000 27.52620 ? 95  CYS A C   1 
ATOM   734  O  O   . CYS A 1 95  ? 7.68457   -2.99750  -4.00212  1.000 26.57641 ? 95  CYS A O   1 
ATOM   735  C  CB  . CYS A 1 95  ? 5.18018   -1.06192  -5.01781  1.000 29.08954 ? 95  CYS A CB  1 
ATOM   736  S  SG  . CYS A 1 95  ? 6.39732   0.25299   -4.79505  1.000 31.47927 ? 95  CYS A SG  1 
ATOM   737  N  N   . PHE A 1 96  ? 5.68172   -3.46953  -3.07801  1.000 23.85754 ? 96  PHE A N   1 
ATOM   738  C  CA  . PHE A 1 96  ? 6.30034   -4.05799  -1.88594  1.000 24.30342 ? 96  PHE A CA  1 
ATOM   739  C  C   . PHE A 1 96  ? 7.16519   -5.25243  -2.27394  1.000 28.45486 ? 96  PHE A C   1 
ATOM   740  O  O   . PHE A 1 96  ? 8.30240   -5.39242  -1.80604  1.000 28.53434 ? 96  PHE A O   1 
ATOM   741  C  CB  . PHE A 1 96  ? 5.23986   -4.52934  -0.88902  1.000 24.13606 ? 96  PHE A CB  1 
ATOM   742  C  CG  . PHE A 1 96  ? 4.42449   -3.42867  -0.26304  1.000 22.79890 ? 96  PHE A CG  1 
ATOM   743  C  CD1 . PHE A 1 96  ? 4.94718   -2.15421  -0.07946  1.000 26.94205 ? 96  PHE A CD1 1 
ATOM   744  C  CD2 . PHE A 1 96  ? 3.13124   -3.68937  0.16376   1.000 24.43533 ? 96  PHE A CD2 1 
ATOM   745  C  CE1 . PHE A 1 96  ? 4.17125   -1.16004  0.49132   1.000 28.30460 ? 96  PHE A CE1 1 
ATOM   746  C  CE2 . PHE A 1 96  ? 2.35305   -2.70099  0.74354   1.000 25.41727 ? 96  PHE A CE2 1 
ATOM   747  C  CZ  . PHE A 1 96  ? 2.87431   -1.43666  0.89984   1.000 25.73121 ? 96  PHE A CZ  1 
ATOM   748  N  N   . ARG A 1 97  ? 6.62321   -6.14191  -3.11245  1.000 28.15803 ? 97  ARG A N   1 
ATOM   749  C  CA  . ARG A 1 97  ? 7.37976   -7.32205  -3.52150  1.000 27.40260 ? 97  ARG A CA  1 
ATOM   750  C  C   . ARG A 1 97  ? 8.67357   -6.91888  -4.20125  1.000 28.41922 ? 97  ARG A C   1 
ATOM   751  O  O   . ARG A 1 97  ? 9.73603   -7.48753  -3.92768  1.000 30.64464 ? 97  ARG A O   1 
ATOM   752  C  CB  . ARG A 1 97  ? 6.56495   -8.19295  -4.48318  1.000 28.64621 ? 97  ARG A CB  1 
ATOM   753  C  CG  . ARG A 1 97  ? 7.51124   -9.05115  -5.31065  1.000 37.21025 ? 97  ARG A CG  1 
ATOM   754  C  CD  . ARG A 1 97  ? 6.89417   -10.00320 -6.28937  1.000 40.47387 ? 97  ARG A CD  1 
ATOM   755  N  NE  . ARG A 1 97  ? 5.77102   -9.55681  -7.10148  1.000 35.88631 ? 97  ARG A NE  1 
ATOM   756  C  CZ  . ARG A 1 97  ? 5.83872   -9.10856  -8.35461  1.000 33.80826 ? 97  ARG A CZ  1 
ATOM   757  N  NH1 . ARG A 1 97  ? 6.99577   -8.97577  -8.98768  1.000 37.85145 ? 97  ARG A NH1 1 
ATOM   758  N  NH2 . ARG A 1 97  ? 4.72251   -8.79631  -8.99133  1.000 48.06914 ? 97  ARG A NH2 1 
ATOM   759  N  N   . GLU A 1 98  ? 8.60390   -5.92098  -5.07645  1.000 27.98022 ? 98  GLU A N   1 
ATOM   760  C  CA  . GLU A 1 98  ? 9.76255   -5.54087  -5.86248  1.000 29.63163 ? 98  GLU A CA  1 
ATOM   761  C  C   . GLU A 1 98  ? 10.83994  -4.89873  -5.01086  1.000 34.72957 ? 98  GLU A C   1 
ATOM   762  O  O   . GLU A 1 98  ? 11.98679  -4.81315  -5.45198  1.000 34.84548 ? 98  GLU A O   1 
ATOM   763  C  CB  . GLU A 1 98  ? 9.35839   -4.58118  -6.97323  1.000 29.94226 ? 98  GLU A CB  1 
ATOM   764  C  CG  . GLU A 1 98  ? 8.59935   -5.23219  -8.11076  1.000 30.77548 ? 98  GLU A CG  1 
ATOM   765  C  CD  . GLU A 1 98  ? 9.45504   -6.24487  -8.84153  1.000 38.40983 ? 98  GLU A CD  1 
ATOM   766  O  OE1 . GLU A 1 98  ? 9.18591   -7.46434  -8.72848  1.000 36.08427 ? 98  GLU A OE1 1 
ATOM   767  O  OE2 . GLU A 1 98  ? 10.43228  -5.82218  -9.48619  1.000 44.37689 ? 98  GLU A OE2 1 
ATOM   768  N  N   . ASN A 1 99  ? 10.50021  -4.43654  -3.80973  1.000 29.86830 ? 99  ASN A N   1 
ATOM   769  C  CA  . ASN A 1 99  ? 11.47213  -3.74762  -2.97146  1.000 31.13681 ? 99  ASN A CA  1 
ATOM   770  C  C   . ASN A 1 99  ? 11.73669  -4.49011  -1.67038  1.000 32.98516 ? 99  ASN A C   1 
ATOM   771  O  O   . ASN A 1 99  ? 12.33081  -3.91801  -0.74997  1.000 35.01056 ? 99  ASN A O   1 
ATOM   772  C  CB  . ASN A 1 99  ? 11.02007  -2.30637  -2.71760  1.000 30.92127 ? 99  ASN A CB  1 
ATOM   773  C  CG  . ASN A 1 99  ? 11.06532  -1.46525  -3.97972  1.000 31.83538 ? 99  ASN A CG  1 
ATOM   774  O  OD1 . ASN A 1 99  ? 12.14051  -1.08730  -4.42660  1.000 35.26841 ? 99  ASN A OD1 1 
ATOM   775  N  ND2 . ASN A 1 99  ? 9.90346   -1.15166  -4.55341  1.000 30.06119 ? 99  ASN A ND2 1 
ATOM   776  N  N   . LEU A 1 100 ? 11.34387  -5.76562  -1.59199  1.000 29.85900 ? 100 LEU A N   1 
ATOM   777  C  CA  . LEU A 1 100 ? 11.64260  -6.57163  -0.41178  1.000 37.22282 ? 100 LEU A CA  1 
ATOM   778  C  C   . LEU A 1 100 ? 13.13164  -6.61093  -0.11531  1.000 38.04203 ? 100 LEU A C   1 
ATOM   779  O  O   . LEU A 1 100 ? 13.52773  -6.68386  1.05548   1.000 39.14183 ? 100 LEU A O   1 
ATOM   780  C  CB  . LEU A 1 100 ? 11.13269  -7.99531  -0.59712  1.000 41.32963 ? 100 LEU A CB  1 
ATOM   781  C  CG  . LEU A 1 100 ? 9.65875   -8.24857  -0.36686  1.000 37.09308 ? 100 LEU A CG  1 
ATOM   782  C  CD1 . LEU A 1 100 ? 9.29880   -9.61824  -0.92845  1.000 42.08116 ? 100 LEU A CD1 1 
ATOM   783  C  CD2 . LEU A 1 100 ? 9.35481   -8.16576  1.11427   1.000 36.61492 ? 100 LEU A CD2 1 
ATOM   784  N  N   . GLY A 1 101 ? 13.96095  -6.56037  -1.15969  1.000 37.38103 ? 101 GLY A N   1 
ATOM   785  C  CA  . GLY A 1 101 ? 15.39826  -6.58527  -0.97010  1.000 36.11560 ? 101 GLY A CA  1 
ATOM   786  C  C   . GLY A 1 101 ? 15.89643  -5.49447  -0.04951  1.000 38.13897 ? 101 GLY A C   1 
ATOM   787  O  O   . GLY A 1 101 ? 16.86251  -5.69829  0.68759   1.000 47.12042 ? 101 GLY A O   1 
ATOM   788  N  N   . THR A 1 102 ? 15.24512  -4.33115  -0.05821  1.000 34.73503 ? 102 THR A N   1 
ATOM   789  C  CA  . THR A 1 102 ? 15.68268  -3.21055  0.76537   1.000 35.35187 ? 102 THR A CA  1 
ATOM   790  C  C   . THR A 1 102 ? 14.78351  -2.96860  1.97175   1.000 32.66919 ? 102 THR A C   1 
ATOM   791  O  O   . THR A 1 102 ? 14.92022  -1.93469  2.62396   1.000 35.17777 ? 102 THR A O   1 
ATOM   792  C  CB  . THR A 1 102 ? 15.80152  -1.93230  -0.06675  1.000 36.93875 ? 102 THR A CB  1 
ATOM   793  O  OG1 . THR A 1 102 ? 14.53388  -1.59869  -0.66233  1.000 36.03408 ? 102 THR A OG1 1 
ATOM   794  C  CG2 . THR A 1 102 ? 16.84449  -2.11051  -1.15896  1.000 39.32554 ? 102 THR A CG2 1 
ATOM   795  N  N   . TYR A 1 103 ? 13.88674  -3.89568  2.29331   1.000 33.99092 ? 103 TYR A N   1 
ATOM   796  C  CA  . TYR A 1 103 ? 13.06684  -3.77181  3.49369   1.000 32.09031 ? 103 TYR A CA  1 
ATOM   797  C  C   . TYR A 1 103 ? 13.97367  -3.85900  4.71423   1.000 37.28198 ? 103 TYR A C   1 
ATOM   798  O  O   . TYR A 1 103 ? 14.72465  -4.82428  4.86027   1.000 37.04372 ? 103 TYR A O   1 
ATOM   799  C  CB  . TYR A 1 103 ? 12.00297  -4.87011  3.53229   1.000 29.49657 ? 103 TYR A CB  1 
ATOM   800  C  CG  . TYR A 1 103 ? 11.01317  -4.75175  4.68198   1.000 36.25187 ? 103 TYR A CG  1 
ATOM   801  C  CD1 . TYR A 1 103 ? 11.33638  -5.20693  5.96317   1.000 33.93626 ? 103 TYR A CD1 1 
ATOM   802  C  CD2 . TYR A 1 103 ? 9.74664   -4.19825  4.48640   1.000 33.61742 ? 103 TYR A CD2 1 
ATOM   803  C  CE1 . TYR A 1 103 ? 10.43738  -5.09812  7.01450   1.000 33.20575 ? 103 TYR A CE1 1 
ATOM   804  C  CE2 . TYR A 1 103 ? 8.83627   -4.10295  5.52697   1.000 27.00741 ? 103 TYR A CE2 1 
ATOM   805  C  CZ  . TYR A 1 103 ? 9.18943   -4.54166  6.79687   1.000 28.67654 ? 103 TYR A CZ  1 
ATOM   806  O  OH  . TYR A 1 103 ? 8.28806   -4.42059  7.82970   1.000 29.60250 ? 103 TYR A OH  1 
ATOM   807  N  N   . LYS A 1 104 ? 13.91796  -2.85761  5.57928   1.000 36.61042 ? 104 LYS A N   1 
ATOM   808  C  CA  . LYS A 1 104 ? 14.77978  -2.80326  6.75413   1.000 38.22166 ? 104 LYS A CA  1 
ATOM   809  C  C   . LYS A 1 104 ? 13.94228  -3.04436  7.99856   1.000 41.90233 ? 104 LYS A C   1 
ATOM   810  O  O   . LYS A 1 104 ? 12.97666  -2.31453  8.25024   1.000 36.75116 ? 104 LYS A O   1 
ATOM   811  C  CB  . LYS A 1 104 ? 15.49657  -1.46076  6.85844   1.000 41.23145 ? 104 LYS A CB  1 
ATOM   812  C  CG  . LYS A 1 104 ? 16.23370  -1.01093  5.61869   1.000 39.26094 ? 104 LYS A CG  1 
ATOM   813  C  CD  . LYS A 1 104 ? 16.36098  0.50439   5.62445   1.000 43.43052 ? 104 LYS A CD  1 
ATOM   814  C  CE  . LYS A 1 104 ? 16.67287  1.10312   4.26317   1.000 44.90436 ? 104 LYS A CE  1 
ATOM   815  N  NZ  . LYS A 1 104 ? 15.93156  0.47066   3.12648   1.000 40.03760 ? 104 LYS A NZ  1 
ATOM   816  N  N   . LYS A 1 105 ? 14.31383  -4.06240  8.78196   1.000 42.21589 ? 105 LYS A N   1 
ATOM   817  C  CA  . LYS A 1 105 ? 13.63804  -4.26037  10.06031  1.000 44.37303 ? 105 LYS A CA  1 
ATOM   818  C  C   . LYS A 1 105 ? 13.79109  -3.03505  10.95078  1.000 43.30193 ? 105 LYS A C   1 
ATOM   819  O  O   . LYS A 1 105 ? 12.89492  -2.73877  11.75245  1.000 47.59488 ? 105 LYS A O   1 
ATOM   820  C  CB  . LYS A 1 105 ? 14.17672  -5.50535  10.76951  1.000 54.95500 ? 105 LYS A CB  1 
ATOM   821  C  CG  . LYS A 1 105 ? 13.97914  -6.80978  10.00824  1.000 53.31806 ? 105 LYS A CG  1 
ATOM   822  C  CD  . LYS A 1 105 ? 12.52185  -7.24367  9.92052   1.000 55.13953 ? 105 LYS A CD  1 
ATOM   823  C  CE  . LYS A 1 105 ? 12.43605  -8.60042  9.22242   1.000 62.86714 ? 105 LYS A CE  1 
ATOM   824  N  NZ  . LYS A 1 105 ? 11.04853  -9.10512  9.05494   1.000 61.68459 ? 105 LYS A NZ  1 
ATOM   825  N  N   . ARG A 1 106 ? 14.90379  -2.30075  10.79953  1.000 42.76775 ? 106 ARG A N   1 
ATOM   826  C  CA  . ARG A 1 106 ? 15.10577  -1.04410  11.51534  1.000 43.34544 ? 106 ARG A CA  1 
ATOM   827  C  C   . ARG A 1 106 ? 13.92318  -0.11450  11.35279  1.000 47.22853 ? 106 ARG A C   1 
ATOM   828  O  O   . ARG A 1 106 ? 13.61743  0.67412   12.24982  1.000 41.77349 ? 106 ARG A O   1 
ATOM   829  C  CB  . ARG A 1 106 ? 16.32171  -0.28687  10.98717  1.000 46.37921 ? 106 ARG A CB  1 
ATOM   830  C  CG  . ARG A 1 106 ? 17.67432  -0.90696  11.08442  1.000 58.09186 ? 106 ARG A CG  1 
ATOM   831  C  CD  . ARG A 1 106 ? 18.61132  0.07501   10.40685  1.000 58.63114 ? 106 ARG A CD  1 
ATOM   832  N  NE  . ARG A 1 106 ? 19.05840  -0.38181  9.09587   1.000 62.98822 ? 106 ARG A NE  1 
ATOM   833  C  CZ  . ARG A 1 106 ? 19.37720  0.44110   8.10212   1.000 65.06542 ? 106 ARG A CZ  1 
ATOM   834  N  NH1 . ARG A 1 106 ? 19.27754  1.75234   8.27625   1.000 66.59679 ? 106 ARG A NH1 1 
ATOM   835  N  NH2 . ARG A 1 106 ? 19.77929  -0.04029  6.93300   1.000 66.52451 ? 106 ARG A NH2 1 
ATOM   836  N  N   . TYR A 1 107 ? 13.30195  -0.11800  10.17181  1.000 41.39938 ? 107 TYR A N   1 
ATOM   837  C  CA  . TYR A 1 107 ? 12.27752  0.87353   9.91656   1.000 37.74786 ? 107 TYR A CA  1 
ATOM   838  C  C   . TYR A 1 107 ? 10.90676  0.44388   10.40331  1.000 28.68724 ? 107 TYR A C   1 
ATOM   839  O  O   . TYR A 1 107 ? 9.97153   1.24217   10.30468  1.000 29.48184 ? 107 TYR A O   1 
ATOM   840  C  CB  . TYR A 1 107 ? 12.19724  1.21474   8.42305   1.000 36.20681 ? 107 TYR A CB  1 
ATOM   841  C  CG  . TYR A 1 107 ? 13.29169  2.13932   7.92412   1.000 36.09754 ? 107 TYR A CG  1 
ATOM   842  C  CD1 . TYR A 1 107 ? 14.21496  2.71958   8.79240   1.000 46.05956 ? 107 TYR A CD1 1 
ATOM   843  C  CD2 . TYR A 1 107 ? 13.40513  2.42605   6.57634   1.000 37.33235 ? 107 TYR A CD2 1 
ATOM   844  C  CE1 . TYR A 1 107 ? 15.21313  3.56148   8.31278   1.000 45.55489 ? 107 TYR A CE1 1 
ATOM   845  C  CE2 . TYR A 1 107 ? 14.37961  3.26013   6.09699   1.000 38.51389 ? 107 TYR A CE2 1 
ATOM   846  C  CZ  . TYR A 1 107 ? 15.28460  3.82206   6.95741   1.000 46.41978 ? 107 TYR A CZ  1 
ATOM   847  O  OH  . TYR A 1 107 ? 16.24972  4.64562   6.43428   1.000 44.65505 ? 107 TYR A OH  1 
ATOM   848  N  N   . MET A 1 108 ? 10.74429  -0.77114  10.92259  1.000 29.88341 ? 108 MET A N   1 
ATOM   849  C  CA  . MET A 1 108 ? 9.49258   -1.05799  11.60052  1.000 30.94378 ? 108 MET A CA  1 
ATOM   850  C  C   . MET A 1 108 ? 9.42001   -0.23954  12.87321  1.000 34.09104 ? 108 MET A C   1 
ATOM   851  O  O   . MET A 1 108 ? 10.43024  -0.04747  13.55231  1.000 32.68315 ? 108 MET A O   1 
ATOM   852  C  CB  . MET A 1 108 ? 9.31800   -2.53997  11.92561  1.000 33.78343 ? 108 MET A CB  1 
ATOM   853  C  CG  . MET A 1 108 ? 9.75529   -3.49896  10.85243  1.000 33.35365 ? 108 MET A CG  1 
ATOM   854  S  SD  . MET A 1 108 ? 9.51193   -5.19510  11.44272  1.000 40.36867 ? 108 MET A SD  1 
ATOM   855  C  CE  . MET A 1 108 ? 7.75172   -5.22564  11.75553  1.000 35.65971 ? 108 MET A CE  1 
ATOM   856  N  N   . ALA A 1 109 ? 8.22357   0.26463   13.17114  1.000 31.39696 ? 109 ALA A N   1 
ATOM   857  C  CA  . ALA A 1 109 ? 8.00102   1.13241   14.33133  1.000 34.85522 ? 109 ALA A CA  1 
ATOM   858  C  C   . ALA A 1 109 ? 8.94302   2.32786   14.29039  1.000 37.46779 ? 109 ALA A C   1 
ATOM   859  O  O   . ALA A 1 109 ? 9.47816   2.76842   15.31459  1.000 35.19674 ? 109 ALA A O   1 
ATOM   860  C  CB  . ALA A 1 109 ? 8.14768   0.36417   15.64467  1.000 32.49443 ? 109 ALA A CB  1 
ATOM   861  N  N   . TYR A 1 110 ? 9.16221   2.83928   13.09157  1.000 31.42409 ? 110 TYR A N   1 
ATOM   862  C  CA  . TYR A 1 110 ? 10.04117  3.98018   12.90799  1.000 29.54578 ? 110 TYR A CA  1 
ATOM   863  C  C   . TYR A 1 110 ? 9.56879   5.14016   13.77530  1.000 33.68129 ? 110 TYR A C   1 
ATOM   864  O  O   . TYR A 1 110 ? 8.37642   5.47834   13.74792  1.000 34.96116 ? 110 TYR A O   1 
ATOM   865  C  CB  . TYR A 1 110 ? 10.04191  4.39419   11.43856  1.000 29.49898 ? 110 TYR A CB  1 
ATOM   866  C  CG  . TYR A 1 110 ? 11.09493  5.39133   11.07206  1.000 35.31409 ? 110 TYR A CG  1 
ATOM   867  C  CD1 . TYR A 1 110 ? 12.42019  5.00897   10.94680  1.000 44.44023 ? 110 TYR A CD1 1 
ATOM   868  C  CD2 . TYR A 1 110 ? 10.76360  6.72319   10.84471  1.000 34.54061 ? 110 TYR A CD2 1 
ATOM   869  C  CE1 . TYR A 1 110 ? 13.39126  5.92251   10.60210  1.000 46.53195 ? 110 TYR A CE1 1 
ATOM   870  C  CE2 . TYR A 1 110 ? 11.73273  7.64562   10.50102  1.000 36.96149 ? 110 TYR A CE2 1 
ATOM   871  C  CZ  . TYR A 1 110 ? 13.04308  7.23074   10.37352  1.000 41.97389 ? 110 TYR A CZ  1 
ATOM   872  O  OH  . TYR A 1 110 ? 14.02121  8.13195   10.03054  1.000 50.92996 ? 110 TYR A OH  1 
ATOM   873  N  N   . PRO A 1 111 ? 10.45178  5.75967   14.56035  1.000 40.49365 ? 111 PRO A N   1 
ATOM   874  C  CA  . PRO A 1 111 ? 10.00521  6.80145   15.49589  1.000 46.64677 ? 111 PRO A CA  1 
ATOM   875  C  C   . PRO A 1 111 ? 9.37011   7.93967   14.73017  1.000 30.31997 ? 111 PRO A C   1 
ATOM   876  O  O   . PRO A 1 111 ? 9.98778   8.52653   13.83604  1.000 39.07713 ? 111 PRO A O   1 
ATOM   877  C  CB  . PRO A 1 111 ? 11.29269  7.24963   16.19288  1.000 40.80516 ? 111 PRO A CB  1 
ATOM   878  C  CG  . PRO A 1 111 ? 12.41173  6.63963   15.46726  1.000 48.50205 ? 111 PRO A CG  1 
ATOM   879  C  CD  . PRO A 1 111 ? 11.90106  5.51610   14.61360  1.000 40.22152 ? 111 PRO A CD  1 
ATOM   880  N  N   . ASP A 1 112 ? 8.12957   8.25731   15.08115  1.000 39.58430 ? 112 ASP A N   1 
ATOM   881  C  CA  . ASP A 1 112 ? 7.46083   9.33725   14.37532  1.000 33.63822 ? 112 ASP A CA  1 
ATOM   882  C  C   . ASP A 1 112 ? 8.19232   10.66692  14.52106  1.000 41.91007 ? 112 ASP A C   1 
ATOM   883  O  O   . ASP A 1 112 ? 7.87415   11.59860  13.78808  1.000 36.53342 ? 112 ASP A O   1 
ATOM   884  C  CB  . ASP A 1 112 ? 6.02563   9.49784   14.86204  1.000 46.79868 ? 112 ASP A CB  1 
ATOM   885  N  N   . VAL A 1 113 ? 9.16382   10.77149  15.43198  1.000 39.58139 ? 113 VAL A N   1 
ATOM   886  C  CA  . VAL A 1 113 ? 9.89823   12.02654  15.58693  1.000 47.64178 ? 113 VAL A CA  1 
ATOM   887  C  C   . VAL A 1 113 ? 10.91222  12.26628  14.48976  1.000 46.68575 ? 113 VAL A C   1 
ATOM   888  O  O   . VAL A 1 113 ? 11.46352  13.36806  14.39614  1.000 47.10206 ? 113 VAL A O   1 
ATOM   889  C  CB  . VAL A 1 113 ? 10.61954  12.07719  16.93985  1.000 45.55114 ? 113 VAL A CB  1 
ATOM   890  C  CG1 . VAL A 1 113 ? 9.62968   11.86734  17.95583  1.000 47.89981 ? 113 VAL A CG1 1 
ATOM   891  C  CG2 . VAL A 1 113 ? 11.68157  10.98597  17.02502  1.000 42.69406 ? 113 VAL A CG2 1 
ATOM   892  N  N   . LEU A 1 114 ? 11.18329  11.26745  13.66511  1.000 38.22201 ? 114 LEU A N   1 
ATOM   893  C  CA  . LEU A 1 114 ? 12.09861  11.42300  12.55677  1.000 33.97641 ? 114 LEU A CA  1 
ATOM   894  C  C   . LEU A 1 114 ? 11.37724  11.61056  11.22968  1.000 28.94557 ? 114 LEU A C   1 
ATOM   895  O  O   . LEU A 1 114 ? 12.03733  11.72233  10.19430  1.000 33.58425 ? 114 LEU A O   1 
ATOM   896  C  CB  . LEU A 1 114 ? 13.03529  10.22089  12.49776  1.000 40.26169 ? 114 LEU A CB  1 
ATOM   897  C  CG  . LEU A 1 114 ? 13.72624  9.87865   13.81882  1.000 40.56713 ? 114 LEU A CG  1 
ATOM   898  C  CD1 . LEU A 1 114 ? 14.88030  8.95868   13.53106  1.000 46.59379 ? 114 LEU A CD1 1 
ATOM   899  C  CD2 . LEU A 1 114 ? 14.24231  11.15235  14.46328  1.000 44.45195 ? 114 LEU A CD2 1 
ATOM   900  N  N   . CYS A 1 115 ? 10.04071  11.65494  11.24303  1.000 29.28145 ? 115 CYS A N   1 
ATOM   901  C  CA  . CYS A 1 115 ? 9.26361   11.92583  10.03564  1.000 29.99779 ? 115 CYS A CA  1 
ATOM   902  C  C   . CYS A 1 115 ? 9.03681   13.42566  10.00616  1.000 32.82210 ? 115 CYS A C   1 
ATOM   903  O  O   . CYS A 1 115 ? 7.97704   13.94040  10.36194  1.000 33.67748 ? 115 CYS A O   1 
ATOM   904  C  CB  . CYS A 1 115 ? 7.96240   11.14191  10.03483  1.000 35.13629 ? 115 CYS A CB  1 
ATOM   905  S  SG  . CYS A 1 115 ? 8.28303   9.39180   9.98904   1.000 33.83588 ? 115 CYS A SG  1 
ATOM   906  N  N   . LYS A 1 116 ? 10.07606  14.12410  9.58121   1.000 36.97894 ? 116 LYS A N   1 
ATOM   907  C  CA  . LYS A 1 116 ? 10.22707  15.55566  9.76749   1.000 34.53089 ? 116 LYS A CA  1 
ATOM   908  C  C   . LYS A 1 116 ? 9.83898   16.31345  8.50343   1.000 35.51964 ? 116 LYS A C   1 
ATOM   909  O  O   . LYS A 1 116 ? 9.78988   15.75396  7.40437   1.000 34.97619 ? 116 LYS A O   1 
ATOM   910  C  CB  . LYS A 1 116 ? 11.67599  15.85214  10.14390  1.000 35.91674 ? 116 LYS A CB  1 
ATOM   911  C  CG  . LYS A 1 116 ? 12.62217  15.63654  8.97729   1.000 38.61714 ? 116 LYS A CG  1 
ATOM   912  C  CD  . LYS A 1 116 ? 14.07104  15.87247  9.37476   1.000 47.36596 ? 116 LYS A CD  1 
ATOM   913  C  CE  . LYS A 1 116 ? 14.52014  17.26536  8.98837   1.000 38.86066 ? 116 LYS A CE  1 
ATOM   914  N  NZ  . LYS A 1 116 ? 14.38236  17.60442  7.53359   1.000 44.24440 ? 116 LYS A NZ  1 
ATOM   915  N  N   . LYS A 1 117 ? 9.56726   17.60767  8.67509   1.000 36.11076 ? 117 LYS A N   1 
ATOM   916  C  CA  . LYS A 1 117 ? 9.29912   18.46826  7.53084   1.000 34.40721 ? 117 LYS A CA  1 
ATOM   917  C  C   . LYS A 1 117 ? 10.52574  18.51676  6.62054   1.000 37.79158 ? 117 LYS A C   1 
ATOM   918  O  O   . LYS A 1 117 ? 11.65202  18.29478  7.07307   1.000 37.86514 ? 117 LYS A O   1 
ATOM   919  C  CB  . LYS A 1 117 ? 8.92757   19.87684  7.99934   1.000 33.85640 ? 117 LYS A CB  1 
ATOM   920  C  CG  . LYS A 1 117 ? 7.82256   19.89904  9.02699   1.000 37.26528 ? 117 LYS A CG  1 
ATOM   921  C  CD  . LYS A 1 117 ? 7.31828   21.30817  9.32072   1.000 35.97674 ? 117 LYS A CD  1 
ATOM   922  C  CE  . LYS A 1 117 ? 8.23579   22.04387  10.26927  1.000 38.17601 ? 117 LYS A CE  1 
ATOM   923  N  NZ  . LYS A 1 117 ? 7.67629   23.37452  10.68534  1.000 37.93683 ? 117 LYS A NZ  1 
ATOM   924  N  N   . PRO A 1 118 ? 10.34178  18.78731  5.31429   1.000 39.09055 ? 118 PRO A N   1 
ATOM   925  C  CA  . PRO A 1 118 ? 9.09043   19.02719  4.58575   1.000 34.87242 ? 118 PRO A CA  1 
ATOM   926  C  C   . PRO A 1 118 ? 8.36935   17.74454  4.16415   1.000 38.06315 ? 118 PRO A C   1 
ATOM   927  O  O   . PRO A 1 118 ? 9.02746   16.75254  3.88246   1.000 40.98241 ? 118 PRO A O   1 
ATOM   928  C  CB  . PRO A 1 118 ? 9.56081   19.78620  3.34211   1.000 38.18981 ? 118 PRO A CB  1 
ATOM   929  C  CG  . PRO A 1 118 ? 10.91867  19.21220  3.07360   1.000 39.12240 ? 118 PRO A CG  1 
ATOM   930  C  CD  . PRO A 1 118 ? 11.52305  18.94439  4.44219   1.000 36.79925 ? 118 PRO A CD  1 
ATOM   931  N  N   . ALA A 1 119 ? 7.04583   17.77959  4.08635   1.000 38.04121 ? 119 ALA A N   1 
ATOM   932  C  CA  . ALA A 1 119 ? 6.31229   16.61247  3.62226   1.000 39.04229 ? 119 ALA A CA  1 
ATOM   933  C  C   . ALA A 1 119 ? 6.45728   16.46121  2.11384   1.000 48.46599 ? 119 ALA A C   1 
ATOM   934  O  O   . ALA A 1 119 ? 6.48989   17.44818  1.36977   1.000 43.28701 ? 119 ALA A O   1 
ATOM   935  C  CB  . ALA A 1 119 ? 4.83693   16.72368  3.99890   1.000 45.71295 ? 119 ALA A CB  1 
ATOM   936  N  N   . GLU A 1 120 ? 6.56406   15.21302  1.66595   1.000 44.32925 ? 120 GLU A N   1 
ATOM   937  C  CA  . GLU A 1 120 ? 6.50031   14.92457  0.24126   1.000 44.07535 ? 120 GLU A CA  1 
ATOM   938  C  C   . GLU A 1 120 ? 5.08322   15.18979  -0.25224  1.000 48.88051 ? 120 GLU A C   1 
ATOM   939  O  O   . GLU A 1 120 ? 4.10952   14.98821  0.47902   1.000 39.14346 ? 120 GLU A O   1 
ATOM   940  C  CB  . GLU A 1 120 ? 6.90947   13.47036  -0.01687  1.000 45.16965 ? 120 GLU A CB  1 
ATOM   941  C  CG  . GLU A 1 120 ? 6.85007   13.02578  -1.46734  1.000 52.51570 ? 120 GLU A CG  1 
ATOM   942  C  CD  . GLU A 1 120 ? 8.04891   13.47828  -2.26855  1.000 60.63480 ? 120 GLU A CD  1 
ATOM   943  O  OE1 . GLU A 1 120 ? 9.05237   12.73373  -2.29569  1.000 60.38952 ? 120 GLU A OE1 1 
ATOM   944  O  OE2 . GLU A 1 120 ? 7.98762   14.57338  -2.87020  1.000 67.38594 ? 120 GLU A OE2 1 
ATOM   945  N  N   . GLY A 1 121 ? 4.96770   15.67791  -1.48170  1.000 45.29209 ? 121 GLY A N   1 
ATOM   946  C  CA  . GLY A 1 121 ? 3.68025   15.99454  -2.08157  1.000 49.52919 ? 121 GLY A CA  1 
ATOM   947  C  C   . GLY A 1 121 ? 3.35852   14.99017  -3.17313  1.000 45.84002 ? 121 GLY A C   1 
ATOM   948  O  O   . GLY A 1 121 ? 4.25360   14.53924  -3.89319  1.000 46.24713 ? 121 GLY A O   1 
ATOM   949  N  N   . CYS A 1 122 ? 2.08230   14.63456  -3.27694  1.000 50.70945 ? 122 CYS A N   1 
ATOM   950  C  CA  . CYS A 1 122 ? 1.64706   13.65466  -4.26708  1.000 57.90516 ? 122 CYS A CA  1 
ATOM   951  C  C   . CYS A 1 122 ? 1.91147   14.18027  -5.67980  1.000 64.22374 ? 122 CYS A C   1 
ATOM   952  O  O   . CYS A 1 122 ? 2.07099   13.42130  -6.63577  1.000 68.24696 ? 122 CYS A O   1 
ATOM   953  C  CB  . CYS A 1 122 ? 0.15992   13.32400  -4.08468  1.000 61.38755 ? 122 CYS A CB  1 
ATOM   954  S  SG  . CYS A 1 122 ? -0.24253  12.32010  -2.61213  1.000 62.87977 ? 122 CYS A SG  1 
ATOM   955  O  OXT . CYS A 1 122 ? 1.98655   15.38866  -5.89783  1.000 62.65553 ? 122 CYS A OXT 1 
HETATM 956  C  C1  . STE B 2 .   ? -1.06054  0.09444   4.41946   0.506 40.09145 ? 201 STE A C1  1 
HETATM 957  O  O1  . STE B 2 .   ? -0.12963  0.04477   3.58746   0.506 39.78812 ? 201 STE A O1  1 
HETATM 958  O  O2  . STE B 2 .   ? -1.75139  1.11208   4.62720   0.506 46.72421 ? 201 STE A O2  1 
HETATM 959  C  C2  . STE B 2 .   ? -1.36083  -1.14711  5.24062   0.506 39.07203 ? 201 STE A C2  1 
HETATM 960  C  C3  . STE B 2 .   ? -2.75234  -1.68003  5.10321   0.506 40.59786 ? 201 STE A C3  1 
HETATM 961  C  C4  . STE B 2 .   ? -3.11285  -2.64025  6.22529   0.506 37.72655 ? 201 STE A C4  1 
HETATM 962  C  C5  . STE B 2 .   ? -4.33098  -3.48505  5.95978   0.506 42.61785 ? 201 STE A C5  1 
HETATM 963  C  C6  . STE B 2 .   ? -4.81859  -4.25364  7.16486   0.506 43.07539 ? 201 STE A C6  1 
HETATM 964  C  C7  . STE B 2 .   ? -5.39732  -5.61528  6.85887   0.506 42.94056 ? 201 STE A C7  1 
HETATM 965  C  C8  . STE B 2 .   ? -6.10813  -6.24921  8.03185   0.506 44.12201 ? 201 STE A C8  1 
HETATM 966  C  C9  . STE B 2 .   ? -5.34080  -6.16108  9.33350   0.506 44.15689 ? 201 STE A C9  1 
HETATM 967  C  C10 . STE B 2 .   ? -6.15279  -6.47862  10.57084  0.506 42.99132 ? 201 STE A C10 1 
HETATM 968  C  C11 . STE B 2 .   ? -5.50475  -6.02793  11.86397  0.506 43.29412 ? 201 STE A C11 1 
HETATM 969  C  C12 . STE B 2 .   ? -6.10222  -6.62716  13.11938  0.506 42.57483 ? 201 STE A C12 1 
HETATM 970  C  C13 . STE B 2 .   ? -5.25250  -6.44760  14.36032  0.506 41.57263 ? 201 STE A C13 1 
HETATM 971  C  C14 . STE B 2 .   ? -5.33835  -5.07405  14.99072  0.506 41.29978 ? 201 STE A C14 1 
HETATM 972  C  C15 . STE B 2 .   ? -4.21265  -4.75342  15.95347  0.506 41.84999 ? 201 STE A C15 1 
HETATM 973  C  C16 . STE B 2 .   ? -4.38714  -5.25436  17.37159  0.506 39.98786 ? 201 STE A C16 1 
HETATM 974  C  C17 . STE B 2 .   ? -5.36495  -4.48841  18.23100  0.506 39.73665 ? 201 STE A C17 1 
HETATM 975  C  C18 . STE B 2 .   ? -5.29577  -4.85398  19.69674  0.506 39.51554 ? 201 STE A C18 1 
HETATM 976  NA NA  . NA  C 3 .   ? 0.03915   5.76911   4.92406   1.000 25.41349 ? 202 NA  A NA  1 
HETATM 977  S  S   . SO4 D 4 .   ? 5.45136   20.82743  4.97455   0.660 52.61619 ? 203 SO4 A S   1 
HETATM 978  O  O1  . SO4 D 4 .   ? 6.83575   21.20415  4.73137   0.660 55.18577 ? 203 SO4 A O1  1 
HETATM 979  O  O2  . SO4 D 4 .   ? 4.74145   20.77410  3.69863   0.660 55.51985 ? 203 SO4 A O2  1 
HETATM 980  O  O3  . SO4 D 4 .   ? 5.38471   19.52855  5.64883   0.660 48.15243 ? 203 SO4 A O3  1 
HETATM 981  O  O4  . SO4 D 4 .   ? 4.81828   21.81461  5.83370   0.660 39.19963 ? 203 SO4 A O4  1 
HETATM 982  S  S   . SO4 E 4 .   ? 1.73888   16.52596  7.59908   0.392 40.74033 ? 204 SO4 A S   1 
HETATM 983  O  O1  . SO4 E 4 .   ? 3.10564   16.24904  7.15890   0.392 38.94813 ? 204 SO4 A O1  1 
HETATM 984  O  O2  . SO4 E 4 .   ? 0.83437   15.50694  7.05738   0.392 39.32600 ? 204 SO4 A O2  1 
HETATM 985  O  O3  . SO4 E 4 .   ? 1.69300   16.51502  9.05325   0.392 39.38103 ? 204 SO4 A O3  1 
HETATM 986  O  O4  . SO4 E 4 .   ? 1.32128   17.84725  7.12257   0.392 42.18135 ? 204 SO4 A O4  1 
HETATM 987  O  O   . HOH F 5 .   ? 10.13907  14.99254  13.62138  1.000 51.96723 ? 301 HOH A O   1 
HETATM 988  O  O   . HOH F 5 .   ? -17.91774 -3.63740  -3.76599  1.000 34.81520 ? 302 HOH A O   1 
HETATM 989  O  O   . HOH F 5 .   ? -11.11387 -10.73352 1.99575   1.000 48.60089 ? 303 HOH A O   1 
HETATM 990  O  O   . HOH F 5 .   ? -3.97715  1.89195   4.04219   1.000 57.42840 ? 304 HOH A O   1 
HETATM 991  O  O   . HOH F 5 .   ? 0.51090   13.69373  5.43674   1.000 49.45868 ? 305 HOH A O   1 
HETATM 992  O  O   . HOH F 5 .   ? 14.37942  -1.71921  -3.16309  1.000 38.19844 ? 306 HOH A O   1 
HETATM 993  O  O   . HOH F 5 .   ? 4.11261   -8.96510  -11.42057 1.000 48.38827 ? 307 HOH A O   1 
HETATM 994  O  O   . HOH F 5 .   ? -2.36054  -1.52616  -10.75808 1.000 34.58750 ? 308 HOH A O   1 
HETATM 995  O  O   . HOH F 5 .   ? -2.86902  -3.87106  -13.79459 1.000 49.63138 ? 309 HOH A O   1 
HETATM 996  O  O   . HOH F 5 .   ? -1.15865  3.38119   3.36562   1.000 50.05561 ? 310 HOH A O   1 
HETATM 997  O  O   . HOH F 5 .   ? -18.37491 0.14051   -5.83423  1.000 38.98560 ? 311 HOH A O   1 
HETATM 998  O  O   . HOH F 5 .   ? -9.81331  -11.50180 -12.21634 1.000 48.79993 ? 312 HOH A O   1 
HETATM 999  O  O   . HOH F 5 .   ? 2.05420   -10.15510 -9.05113  1.000 38.77310 ? 313 HOH A O   1 
HETATM 1000 O  O   . HOH F 5 .   ? 13.48096  -7.11066  -3.68274  1.000 46.38700 ? 314 HOH A O   1 
HETATM 1001 O  O   . HOH F 5 .   ? 8.80693   -4.44821  0.85115   1.000 27.53539 ? 315 HOH A O   1 
HETATM 1002 O  O   . HOH F 5 .   ? -15.77508 -4.66402  3.06753   1.000 48.31155 ? 316 HOH A O   1 
HETATM 1003 O  O   . HOH F 5 .   ? 3.91458   8.59166   10.05090  1.000 39.39610 ? 317 HOH A O   1 
HETATM 1004 O  O   . HOH F 5 .   ? 12.51705  -0.76233  0.96881   1.000 32.29471 ? 318 HOH A O   1 
HETATM 1005 O  O   . HOH F 5 .   ? 9.18560   18.21031  11.31584  1.000 41.02791 ? 319 HOH A O   1 
HETATM 1006 O  O   . HOH F 5 .   ? -14.03576 -5.78573  -9.05262  1.000 41.90555 ? 320 HOH A O   1 
HETATM 1007 O  O   . HOH F 5 .   ? -16.24833 2.88907   -3.38232  1.000 42.82819 ? 321 HOH A O   1 
HETATM 1008 O  O   . HOH F 5 .   ? 4.52436   4.60007   9.35724   1.000 38.74617 ? 322 HOH A O   1 
HETATM 1009 O  O   . HOH F 5 .   ? -5.45918  -5.86265  -13.17979 1.000 42.98258 ? 323 HOH A O   1 
HETATM 1010 O  O   . HOH F 5 .   ? -9.26001  -1.95588  -0.71020  1.000 28.58787 ? 324 HOH A O   1 
HETATM 1011 O  O   . HOH F 5 .   ? 0.72833   -8.58157  -10.32379 1.000 37.85607 ? 325 HOH A O   1 
HETATM 1012 O  O   . HOH F 5 .   ? -3.24267  5.63843   5.03829   1.000 44.03194 ? 326 HOH A O   1 
HETATM 1013 O  O   . HOH F 5 .   ? 11.08503  13.28029  6.85546   1.000 38.17981 ? 327 HOH A O   1 
HETATM 1014 O  O   . HOH F 5 .   ? -11.74740 -5.20578  -9.76161  1.000 37.29834 ? 328 HOH A O   1 
HETATM 1015 O  O   . HOH F 5 .   ? 2.05343   6.22405   8.42543   1.000 32.15514 ? 329 HOH A O   1 
HETATM 1016 O  O   . HOH F 5 .   ? 15.13880  1.21488   -0.45482  1.000 40.13374 ? 330 HOH A O   1 
HETATM 1017 O  O   . HOH F 5 .   ? 2.07041   1.90608   -4.43513  1.000 32.67972 ? 331 HOH A O   1 
HETATM 1018 O  O   . HOH F 5 .   ? 6.43508   6.50775   11.82714  1.000 46.49538 ? 332 HOH A O   1 
HETATM 1019 O  O   . HOH F 5 .   ? -0.66184  2.24812   -5.26693  1.000 30.91391 ? 333 HOH A O   1 
HETATM 1020 O  O   . HOH F 5 .   ? 0.42574   -6.69201  -14.08750 1.000 49.74612 ? 334 HOH A O   1 
HETATM 1021 O  O   . HOH F 5 .   ? 17.15284  2.26953   1.05996   1.000 51.53957 ? 335 HOH A O   1 
HETATM 1022 O  O   . HOH F 5 .   ? 9.05590   2.54274   -4.54832  1.000 43.94144 ? 336 HOH A O   1 
HETATM 1023 O  O   . HOH F 5 .   ? -11.38859 -11.46626 -2.03376  1.000 47.48709 ? 337 HOH A O   1 
HETATM 1024 O  O   . HOH F 5 .   ? 17.43765  -3.56864  9.54031   1.000 51.99656 ? 338 HOH A O   1 
HETATM 1025 O  O   . HOH F 5 .   ? -18.67552 -3.79467  -1.30299  1.000 47.91525 ? 339 HOH A O   1 
HETATM 1026 O  O   . HOH F 5 .   ? 4.29090   11.18006  -6.64273  1.000 60.63504 ? 340 HOH A O   1 
HETATM 1027 O  O   . HOH F 5 .   ? 3.34948   1.84842   -6.68707  1.000 45.04742 ? 341 HOH A O   1 
HETATM 1028 O  O   . HOH F 5 .   ? 4.41902   -12.13345 -14.98225 1.000 49.45491 ? 342 HOH A O   1 
HETATM 1029 O  O   . HOH F 5 .   ? 0.17605   -1.79231  -11.60271 1.000 52.65003 ? 343 HOH A O   1 
# 
